data_7LUE
#
_entry.id   7LUE
#
_cell.length_a   1.00
_cell.length_b   1.00
_cell.length_c   1.00
_cell.angle_alpha   90.00
_cell.angle_beta   90.00
_cell.angle_gamma   90.00
#
_symmetry.space_group_name_H-M   'P 1'
#
loop_
_entity.id
_entity.type
_entity.pdbx_description
1 polymer 'Fusion glycoprotein F0'
2 polymer 'Heavy chain of human antibody Fab ADI-14442'
3 polymer 'Light chain of human antibody Fab ADI-14442'
#
loop_
_entity_poly.entity_id
_entity_poly.type
_entity_poly.pdbx_seq_one_letter_code
_entity_poly.pdbx_strand_id
1 'polypeptide(L)'
;QNITEEFYQSTCSAVSKGYLSALRTGWYTSVITIELSNIKEIKCNGTDAKVKLIKQELDKYKNAVTELQLLMQSTPATNN
RARRELPRFMNYTLNNAKKTNVTLSKKRKRRFLGFLLGVGSAIASGVAVSKVLHLEGEVNKIKSALLSTNKAVVSLSNGV
SVLTSKVLDLKNYIDKQLLPIVNKQSCSIPNIETVIEFQQKNNRLLEITREFSVNAGVTTPVSTYMLTNSELLSLINDMP
ITNDQKKLMSNNVQIVRQQSYSIMSIIKEEVLAYVVQLPLYGVIDTPCWKLHTSPLCTTNTKEGSNICLTRTDRGWYCDN
AGSVSFFPQAETCKVQSNRVFCDTMNSLTLPSEVNLCNVDIFNPKYDCKIMTSKTDVSSSVITSLGAIVSCYGKTKCTAS
NKNRGIIKTFSNGCDYVSNKGVDTVSVGNTLYYVNKQEGKSLYVKGEPIINFYDPLVFPSDEFDASISQVNEKINQSLAF
IRKSDELLSAIGGYIPEAPRDGQAYVRKDGEWVLLSTFLGSLEVLFQGPGHHHHHHHHSAWSHPQFEK
;
A,B,C
2 'polypeptide(L)'
;QVQLVQSGSEVKKPGASVKVSCKASGYRFSNYGISWVRQAPGQGLEWMGWISAYNGNIKYGNNLQGRVTVTTDTSTATAY
MEVRSLTSDDTAVYYCARDVPADGVHFMDVWGQGTLVTVSSASTKGPSVFPLAPSSKSTSGGTAALGCLVKDYFPEPVTV
SWNSGALTSGVHTFPAVLQSSGLYSLSSVVTVPSSSLGTQTYICNVNHKPSNTKVDKKVEPKSCD
;
H,I,J
3 'polypeptide(L)'
;DVVMTQSPLSLPVTLGQPASISCRSSQSLVHSDTNTYLNWFQQRPGQSPRRLIYKVSNRDSGVPDRFSGSGSGTTFTLKI
SRVEAEDVGIYYCMQGSHWAPTFGQGTKVEIKRTVAAPSVFIFPPSDEQLKSGTASVVCLLNNFYPREAKVQWKVDNALQ
SGNSQESVTEQDSKDSTYSLSSTLTLSKADYEKHKVYACEVTHQGLSSPVTKSFNRGEC
;
L,M,N
#
# COMPACT_ATOMS: atom_id res chain seq x y z
N ASN A 2 2.57 -34.15 -9.00
CA ASN A 2 1.20 -34.02 -9.48
C ASN A 2 0.21 -34.17 -8.34
N ILE A 3 -0.81 -33.31 -8.32
CA ILE A 3 -1.74 -33.25 -7.20
C ILE A 3 -2.76 -34.37 -7.31
N THR A 4 -3.07 -34.97 -6.17
CA THR A 4 -4.05 -36.05 -6.09
C THR A 4 -4.98 -35.79 -4.91
N GLU A 5 -6.28 -35.92 -5.14
CA GLU A 5 -7.28 -35.67 -4.12
C GLU A 5 -8.02 -36.96 -3.79
N GLU A 6 -8.23 -37.21 -2.50
CA GLU A 6 -9.00 -38.35 -2.04
C GLU A 6 -10.11 -37.86 -1.12
N PHE A 7 -11.35 -38.11 -1.52
CA PHE A 7 -12.51 -37.74 -0.71
C PHE A 7 -12.96 -38.96 0.09
N TYR A 8 -13.15 -38.78 1.39
CA TYR A 8 -13.56 -39.86 2.28
C TYR A 8 -15.00 -39.62 2.69
N GLN A 9 -15.92 -40.40 2.11
CA GLN A 9 -17.33 -40.26 2.42
C GLN A 9 -17.62 -40.58 3.89
N SER A 10 -16.79 -41.42 4.50
CA SER A 10 -17.03 -41.82 5.88
C SER A 10 -16.96 -40.62 6.82
N THR A 11 -16.03 -39.70 6.60
CA THR A 11 -15.86 -38.55 7.49
C THR A 11 -16.09 -37.22 6.78
N CYS A 12 -16.53 -37.25 5.51
CA CYS A 12 -16.79 -36.03 4.74
C CYS A 12 -15.55 -35.13 4.71
N SER A 13 -14.39 -35.74 4.49
CA SER A 13 -13.13 -35.03 4.45
C SER A 13 -12.39 -35.38 3.18
N ALA A 14 -11.67 -34.39 2.63
CA ALA A 14 -10.88 -34.58 1.42
C ALA A 14 -9.44 -34.19 1.68
N VAL A 15 -8.51 -35.05 1.27
CA VAL A 15 -7.08 -34.84 1.46
C VAL A 15 -6.45 -34.59 0.10
N SER A 16 -5.78 -33.45 -0.04
CA SER A 16 -5.18 -33.05 -1.32
C SER A 16 -3.68 -33.32 -1.24
N LYS A 17 -3.27 -34.53 -1.61
CA LYS A 17 -1.87 -34.93 -1.53
C LYS A 17 -1.11 -34.46 -2.77
N GLY A 18 0.15 -34.85 -2.84
CA GLY A 18 0.98 -34.53 -3.99
C GLY A 18 1.77 -33.25 -3.88
N TYR A 19 1.80 -32.60 -2.71
CA TYR A 19 2.49 -31.34 -2.54
C TYR A 19 3.86 -31.55 -1.94
N LEU A 20 4.72 -30.56 -2.11
CA LEU A 20 6.07 -30.56 -1.56
C LEU A 20 6.23 -29.38 -0.60
N SER A 21 6.96 -29.60 0.48
CA SER A 21 7.07 -28.60 1.53
C SER A 21 8.20 -27.61 1.25
N ALA A 22 8.01 -26.39 1.75
CA ALA A 22 9.07 -25.42 1.94
C ALA A 22 8.79 -24.73 3.28
N LEU A 23 9.30 -25.31 4.36
CA LEU A 23 8.97 -24.85 5.69
C LEU A 23 10.03 -23.88 6.19
N ARG A 24 9.61 -22.69 6.60
CA ARG A 24 10.54 -21.71 7.16
C ARG A 24 10.85 -22.12 8.59
N THR A 25 12.08 -22.60 8.81
CA THR A 25 12.51 -23.01 10.14
C THR A 25 13.45 -22.03 10.80
N GLY A 26 13.94 -21.03 10.08
CA GLY A 26 14.85 -20.06 10.65
C GLY A 26 14.78 -18.74 9.91
N TRP A 27 15.64 -17.80 10.33
CA TRP A 27 15.70 -16.47 9.73
C TRP A 27 17.13 -16.16 9.34
N TYR A 28 17.29 -15.36 8.28
CA TYR A 28 18.58 -14.85 7.86
C TYR A 28 18.49 -13.33 7.82
N THR A 29 19.24 -12.67 8.69
CA THR A 29 19.18 -11.22 8.83
C THR A 29 20.38 -10.61 8.14
N SER A 30 20.13 -9.68 7.22
CA SER A 30 21.16 -8.94 6.53
C SER A 30 20.92 -7.44 6.71
N VAL A 31 22.00 -6.68 6.75
CA VAL A 31 21.92 -5.24 6.97
C VAL A 31 22.05 -4.54 5.63
N ILE A 32 20.99 -3.83 5.24
CA ILE A 32 21.00 -3.02 4.02
C ILE A 32 21.23 -1.58 4.42
N THR A 33 22.30 -0.99 3.90
CA THR A 33 22.71 0.35 4.30
C THR A 33 22.61 1.32 3.14
N ILE A 34 22.19 2.54 3.43
CA ILE A 34 22.19 3.65 2.51
C ILE A 34 23.01 4.77 3.13
N GLU A 35 24.11 5.14 2.49
CA GLU A 35 24.94 6.21 3.01
C GLU A 35 24.31 7.56 2.67
N LEU A 36 24.08 8.38 3.69
CA LEU A 36 23.35 9.62 3.55
C LEU A 36 24.30 10.80 3.64
N SER A 37 24.03 11.83 2.85
CA SER A 37 24.80 13.06 2.91
C SER A 37 24.34 13.90 4.11
N ASN A 38 25.29 14.60 4.73
CA ASN A 38 24.98 15.51 5.83
C ASN A 38 24.76 16.94 5.36
N ILE A 39 24.35 17.12 4.09
CA ILE A 39 24.12 18.45 3.57
C ILE A 39 22.91 19.08 4.23
N LYS A 40 23.01 20.37 4.53
CA LYS A 40 21.90 21.13 5.11
C LYS A 40 21.12 21.94 4.09
N GLU A 41 21.80 22.50 3.09
CA GLU A 41 21.15 23.21 2.00
C GLU A 41 22.20 23.57 0.96
N ILE A 42 21.72 24.06 -0.18
CA ILE A 42 22.61 24.68 -1.15
C ILE A 42 22.95 26.08 -0.66
N LYS A 43 24.25 26.40 -0.60
CA LYS A 43 24.67 27.65 0.02
C LYS A 43 24.12 28.87 -0.71
N CYS A 44 24.13 28.86 -2.04
CA CYS A 44 23.74 30.04 -2.78
C CYS A 44 22.22 30.18 -2.85
N ASN A 45 21.77 31.36 -3.23
CA ASN A 45 20.39 31.65 -3.55
C ASN A 45 20.34 32.35 -4.90
N GLY A 46 19.31 32.05 -5.68
CA GLY A 46 19.20 32.62 -7.01
C GLY A 46 17.82 32.42 -7.57
N THR A 47 17.63 32.94 -8.78
CA THR A 47 16.34 32.91 -9.47
C THR A 47 16.24 31.79 -10.50
N ASP A 48 17.20 30.88 -10.55
CA ASP A 48 17.15 29.78 -11.52
C ASP A 48 16.01 28.83 -11.16
N ALA A 49 15.20 28.47 -12.16
CA ALA A 49 14.09 27.57 -11.91
C ALA A 49 14.54 26.15 -11.65
N LYS A 50 15.64 25.71 -12.28
CA LYS A 50 16.12 24.35 -12.10
C LYS A 50 16.70 24.15 -10.70
N VAL A 51 17.42 25.16 -10.18
CA VAL A 51 18.00 25.04 -8.85
C VAL A 51 16.91 24.99 -7.79
N LYS A 52 15.82 25.74 -8.01
CA LYS A 52 14.68 25.66 -7.09
C LYS A 52 14.10 24.26 -7.05
N LEU A 53 14.07 23.58 -8.20
CA LEU A 53 13.63 22.18 -8.22
C LEU A 53 14.59 21.30 -7.43
N ILE A 54 15.90 21.58 -7.51
CA ILE A 54 16.87 20.82 -6.74
C ILE A 54 16.68 21.08 -5.26
N LYS A 55 16.47 22.35 -4.87
CA LYS A 55 16.22 22.67 -3.48
C LYS A 55 14.94 21.99 -2.98
N GLN A 56 13.90 21.95 -3.82
CA GLN A 56 12.69 21.25 -3.45
C GLN A 56 12.94 19.76 -3.25
N GLU A 57 13.78 19.17 -4.10
CA GLU A 57 14.14 17.76 -3.94
C GLU A 57 15.05 17.54 -2.75
N LEU A 58 15.94 18.50 -2.46
CA LEU A 58 16.76 18.42 -1.25
C LEU A 58 15.90 18.52 0.00
N ASP A 59 14.86 19.37 -0.02
CA ASP A 59 13.95 19.45 1.11
C ASP A 59 13.23 18.12 1.32
N LYS A 60 12.87 17.44 0.23
CA LYS A 60 12.33 16.09 0.35
C LYS A 60 13.36 15.15 0.95
N TYR A 61 14.62 15.29 0.54
CA TYR A 61 15.69 14.46 1.09
C TYR A 61 15.88 14.71 2.57
N LYS A 62 15.97 15.98 2.97
CA LYS A 62 16.19 16.33 4.37
C LYS A 62 15.00 15.92 5.23
N ASN A 63 13.79 16.14 4.74
CA ASN A 63 12.61 15.73 5.50
C ASN A 63 12.54 14.21 5.64
N ALA A 64 12.99 13.48 4.60
CA ALA A 64 13.03 12.03 4.69
C ALA A 64 13.97 11.57 5.79
N VAL A 65 15.15 12.20 5.87
CA VAL A 65 16.08 11.89 6.95
C VAL A 65 15.49 12.27 8.30
N THR A 66 14.86 13.45 8.38
CA THR A 66 14.23 13.88 9.62
C THR A 66 13.09 12.96 10.01
N GLU A 67 12.31 12.49 9.04
CA GLU A 67 11.24 11.54 9.34
C GLU A 67 11.81 10.24 9.90
N LEU A 68 12.92 9.76 9.33
CA LEU A 68 13.52 8.52 9.82
C LEU A 68 14.09 8.70 11.22
N GLN A 69 14.66 9.87 11.51
CA GLN A 69 15.21 10.12 12.84
C GLN A 69 14.14 10.14 13.91
N LEU A 70 12.88 10.34 13.54
CA LEU A 70 11.78 10.30 14.51
C LEU A 70 11.33 8.89 14.83
N LEU A 71 11.84 7.89 14.12
CA LEU A 71 11.46 6.51 14.37
C LEU A 71 12.26 5.91 15.53
N VAL A 119 3.26 -18.80 20.59
CA VAL A 119 3.11 -17.41 20.19
C VAL A 119 4.26 -16.98 19.28
N GLY A 120 5.41 -16.68 19.87
CA GLY A 120 6.58 -16.31 19.11
C GLY A 120 6.63 -14.84 18.79
N SER A 121 7.78 -14.41 18.25
CA SER A 121 7.98 -13.03 17.85
C SER A 121 8.65 -13.06 16.48
N ALA A 122 7.95 -12.50 15.48
CA ALA A 122 8.38 -12.66 14.09
C ALA A 122 9.62 -11.83 13.75
N ILE A 123 9.91 -10.77 14.50
CA ILE A 123 11.03 -9.90 14.20
C ILE A 123 12.09 -9.94 15.29
N ALA A 124 12.10 -10.99 16.12
CA ALA A 124 13.08 -11.07 17.19
C ALA A 124 14.51 -11.18 16.64
N SER A 125 14.67 -11.77 15.47
CA SER A 125 15.99 -11.88 14.87
C SER A 125 16.48 -10.55 14.31
N GLY A 126 15.59 -9.82 13.63
CA GLY A 126 15.98 -8.53 13.08
C GLY A 126 16.07 -7.43 14.12
N VAL A 127 15.23 -7.52 15.17
CA VAL A 127 15.34 -6.56 16.27
C VAL A 127 16.66 -6.74 17.00
N ALA A 128 17.08 -7.99 17.20
CA ALA A 128 18.35 -8.26 17.88
C ALA A 128 19.52 -7.65 17.13
N VAL A 129 19.53 -7.80 15.80
CA VAL A 129 20.59 -7.20 15.00
C VAL A 129 20.49 -5.68 15.04
N SER A 130 19.27 -5.15 15.04
CA SER A 130 19.09 -3.70 15.08
C SER A 130 19.60 -3.13 16.39
N LYS A 131 19.34 -3.82 17.50
CA LYS A 131 19.78 -3.33 18.80
C LYS A 131 21.30 -3.35 18.94
N VAL A 132 21.97 -4.29 18.26
CA VAL A 132 23.42 -4.33 18.29
C VAL A 132 24.00 -3.14 17.53
N LEU A 133 23.40 -2.79 16.40
CA LEU A 133 23.88 -1.65 15.63
C LEU A 133 23.76 -0.33 16.39
N HIS A 134 22.87 -0.26 17.38
CA HIS A 134 22.74 0.93 18.21
C HIS A 134 23.87 1.06 19.23
N LEU A 135 24.61 -0.01 19.49
CA LEU A 135 25.72 0.06 20.42
C LEU A 135 26.83 0.96 19.87
N GLU A 136 27.54 1.61 20.79
CA GLU A 136 28.61 2.53 20.41
C GLU A 136 29.71 1.80 19.66
N GLY A 137 30.10 2.36 18.52
CA GLY A 137 31.18 1.81 17.73
C GLY A 137 30.78 0.77 16.70
N GLU A 138 29.54 0.26 16.76
CA GLU A 138 29.11 -0.73 15.79
C GLU A 138 28.80 -0.10 14.44
N VAL A 139 28.41 1.17 14.41
CA VAL A 139 28.16 1.83 13.14
C VAL A 139 29.46 2.05 12.38
N ASN A 140 30.55 2.34 13.09
CA ASN A 140 31.81 2.57 12.41
C ASN A 140 32.40 1.29 11.84
N LYS A 141 32.04 0.13 12.39
CA LYS A 141 32.43 -1.13 11.78
C LYS A 141 31.84 -1.26 10.39
N ILE A 142 30.56 -0.92 10.25
CA ILE A 142 29.90 -0.96 8.94
C ILE A 142 30.48 0.11 8.02
N LYS A 143 30.77 1.29 8.58
CA LYS A 143 31.34 2.36 7.78
C LYS A 143 32.69 1.98 7.20
N SER A 144 33.55 1.35 8.00
CA SER A 144 34.87 0.96 7.52
C SER A 144 34.82 -0.28 6.63
N ALA A 145 33.90 -1.20 6.90
CA ALA A 145 33.80 -2.41 6.09
C ALA A 145 33.37 -2.08 4.67
N LEU A 146 32.41 -1.18 4.52
CA LEU A 146 31.91 -0.77 3.21
C LEU A 146 32.66 0.43 2.65
N LEU A 147 33.88 0.68 3.09
CA LEU A 147 34.62 1.84 2.62
C LEU A 147 35.08 1.67 1.17
N SER A 148 35.45 0.45 0.79
CA SER A 148 35.94 0.18 -0.55
C SER A 148 35.08 -0.82 -1.31
N THR A 149 34.03 -1.35 -0.70
CA THR A 149 33.20 -2.36 -1.34
C THR A 149 31.75 -2.13 -0.93
N ASN A 150 30.84 -2.63 -1.75
CA ASN A 150 29.41 -2.49 -1.48
C ASN A 150 28.84 -3.67 -0.73
N LYS A 151 29.60 -4.74 -0.53
CA LYS A 151 29.18 -5.89 0.27
C LYS A 151 30.30 -6.29 1.20
N ALA A 152 29.95 -6.59 2.45
CA ALA A 152 30.92 -6.99 3.44
C ALA A 152 30.23 -7.79 4.53
N VAL A 153 31.01 -8.61 5.22
CA VAL A 153 30.55 -9.34 6.40
C VAL A 153 31.19 -8.69 7.61
N VAL A 154 30.37 -8.27 8.57
CA VAL A 154 30.82 -7.50 9.71
C VAL A 154 30.55 -8.32 10.97
N SER A 155 31.57 -8.45 11.81
CA SER A 155 31.44 -9.16 13.08
C SER A 155 31.06 -8.15 14.16
N LEU A 156 29.88 -8.33 14.74
CA LEU A 156 29.35 -7.37 15.69
C LEU A 156 29.81 -7.69 17.11
N SER A 157 29.27 -6.94 18.07
CA SER A 157 29.67 -7.11 19.47
C SER A 157 29.29 -8.48 20.00
N ASN A 158 28.13 -8.99 19.63
CA ASN A 158 27.68 -10.32 20.08
C ASN A 158 28.48 -11.45 19.46
N GLY A 159 29.33 -11.17 18.48
CA GLY A 159 30.07 -12.18 17.77
C GLY A 159 29.41 -12.69 16.51
N VAL A 160 28.14 -12.36 16.29
CA VAL A 160 27.46 -12.77 15.08
C VAL A 160 28.02 -11.99 13.89
N SER A 161 28.16 -12.67 12.76
CA SER A 161 28.63 -12.06 11.52
C SER A 161 27.46 -11.91 10.58
N VAL A 162 27.19 -10.68 10.16
CA VAL A 162 26.06 -10.37 9.29
C VAL A 162 26.58 -9.82 7.98
N LEU A 163 25.99 -10.28 6.88
CA LEU A 163 26.33 -9.75 5.57
C LEU A 163 25.73 -8.36 5.41
N THR A 164 26.59 -7.36 5.20
CA THR A 164 26.16 -5.98 5.04
C THR A 164 26.34 -5.58 3.58
N SER A 165 25.32 -4.96 3.02
CA SER A 165 25.36 -4.52 1.63
C SER A 165 24.88 -3.09 1.52
N LYS A 166 25.61 -2.28 0.77
CA LYS A 166 25.26 -0.89 0.53
C LYS A 166 24.59 -0.78 -0.83
N VAL A 167 23.27 -0.63 -0.83
CA VAL A 167 22.51 -0.61 -2.07
C VAL A 167 22.42 0.77 -2.70
N LEU A 168 22.61 1.83 -1.92
CA LEU A 168 22.55 3.18 -2.45
C LEU A 168 23.50 4.06 -1.64
N ASP A 169 24.17 4.98 -2.32
CA ASP A 169 25.13 5.88 -1.68
C ASP A 169 24.73 7.30 -2.06
N LEU A 170 23.82 7.87 -1.27
CA LEU A 170 23.42 9.25 -1.49
C LEU A 170 24.47 10.24 -1.04
N LYS A 171 25.34 9.84 -0.11
CA LYS A 171 26.44 10.71 0.29
C LYS A 171 27.39 10.96 -0.87
N ASN A 172 27.69 9.93 -1.65
CA ASN A 172 28.55 10.10 -2.81
C ASN A 172 27.87 10.93 -3.89
N TYR A 173 26.59 10.65 -4.16
CA TYR A 173 25.90 11.33 -5.26
C TYR A 173 25.71 12.81 -4.95
N ILE A 174 25.21 13.12 -3.75
CA ILE A 174 24.92 14.51 -3.42
C ILE A 174 26.21 15.31 -3.28
N ASP A 175 27.19 14.77 -2.56
CA ASP A 175 28.40 15.54 -2.27
C ASP A 175 29.32 15.63 -3.48
N LYS A 176 29.42 14.56 -4.25
CA LYS A 176 30.40 14.49 -5.33
C LYS A 176 29.82 14.67 -6.73
N GLN A 177 28.57 14.27 -6.96
CA GLN A 177 27.99 14.33 -8.29
C GLN A 177 26.87 15.35 -8.43
N LEU A 178 26.35 15.88 -7.34
CA LEU A 178 25.27 16.87 -7.40
C LEU A 178 25.74 18.27 -7.04
N LEU A 179 26.35 18.44 -5.87
CA LEU A 179 26.79 19.75 -5.43
C LEU A 179 27.84 20.38 -6.36
N PRO A 180 28.86 19.65 -6.85
CA PRO A 180 29.79 20.28 -7.81
C PRO A 180 29.13 20.75 -9.08
N ILE A 181 27.98 20.19 -9.46
CA ILE A 181 27.27 20.67 -10.64
C ILE A 181 26.71 22.07 -10.41
N VAL A 182 26.25 22.36 -9.20
CA VAL A 182 25.64 23.65 -8.91
C VAL A 182 26.71 24.73 -8.97
N ASN A 183 26.55 25.66 -9.91
CA ASN A 183 27.45 26.81 -10.01
C ASN A 183 27.09 27.81 -8.94
N LYS A 184 27.84 27.81 -7.83
CA LYS A 184 27.47 28.61 -6.67
C LYS A 184 27.47 30.11 -6.97
N GLN A 185 28.32 30.57 -7.88
CA GLN A 185 28.37 32.00 -8.19
C GLN A 185 27.09 32.47 -8.88
N SER A 186 26.65 31.74 -9.91
CA SER A 186 25.41 32.09 -10.59
C SER A 186 24.20 31.41 -9.98
N CYS A 187 24.41 30.42 -9.10
CA CYS A 187 23.34 29.62 -8.50
C CYS A 187 22.44 29.04 -9.59
N SER A 188 23.08 28.43 -10.59
CA SER A 188 22.38 27.89 -11.74
C SER A 188 22.92 26.50 -12.05
N ILE A 189 22.08 25.71 -12.69
CA ILE A 189 22.43 24.36 -13.15
C ILE A 189 22.32 24.33 -14.66
N PRO A 190 23.32 23.80 -15.38
CA PRO A 190 23.28 23.89 -16.85
C PRO A 190 22.15 23.09 -17.49
N ASN A 191 21.92 21.86 -17.04
CA ASN A 191 21.02 20.96 -17.74
C ASN A 191 19.93 20.43 -16.81
N ILE A 192 18.73 20.30 -17.34
CA ILE A 192 17.58 19.84 -16.56
C ILE A 192 17.70 18.37 -16.20
N GLU A 193 18.49 17.59 -16.95
CA GLU A 193 18.61 16.16 -16.68
C GLU A 193 19.18 15.89 -15.29
N THR A 194 19.94 16.85 -14.76
CA THR A 194 20.43 16.72 -13.39
C THR A 194 19.29 16.68 -12.40
N VAL A 195 18.27 17.51 -12.61
CA VAL A 195 17.09 17.50 -11.75
C VAL A 195 16.37 16.16 -11.83
N ILE A 196 16.21 15.63 -13.05
CA ILE A 196 15.45 14.40 -13.25
C ILE A 196 16.17 13.22 -12.61
N GLU A 197 17.49 13.13 -12.79
CA GLU A 197 18.23 12.00 -12.23
C GLU A 197 18.36 12.11 -10.72
N PHE A 198 18.38 13.33 -10.18
CA PHE A 198 18.34 13.50 -8.74
C PHE A 198 17.03 12.97 -8.16
N GLN A 199 15.91 13.24 -8.85
CA GLN A 199 14.63 12.71 -8.40
C GLN A 199 14.62 11.20 -8.42
N GLN A 200 15.27 10.58 -9.41
CA GLN A 200 15.31 9.13 -9.48
C GLN A 200 16.15 8.53 -8.36
N LYS A 201 17.33 9.10 -8.09
CA LYS A 201 18.17 8.60 -7.01
C LYS A 201 17.49 8.78 -5.66
N ASN A 202 16.87 9.94 -5.45
CA ASN A 202 16.24 10.22 -4.16
C ASN A 202 14.92 9.48 -4.01
N ASN A 203 14.36 8.99 -5.10
CA ASN A 203 13.04 8.36 -5.05
C ASN A 203 13.02 7.14 -4.15
N ARG A 204 14.07 6.32 -4.20
CA ARG A 204 14.09 5.12 -3.37
C ARG A 204 14.12 5.47 -1.89
N LEU A 205 14.88 6.50 -1.52
CA LEU A 205 14.92 6.93 -0.12
C LEU A 205 13.55 7.40 0.34
N LEU A 206 12.85 8.19 -0.50
CA LEU A 206 11.55 8.71 -0.11
C LEU A 206 10.54 7.59 0.09
N GLU A 207 10.58 6.57 -0.77
CA GLU A 207 9.64 5.46 -0.65
C GLU A 207 9.99 4.57 0.54
N ILE A 208 11.28 4.40 0.83
CA ILE A 208 11.67 3.66 2.03
C ILE A 208 11.23 4.39 3.28
N THR A 209 11.41 5.71 3.30
CA THR A 209 10.92 6.52 4.42
C THR A 209 9.40 6.44 4.51
N ARG A 210 8.73 6.45 3.36
CA ARG A 210 7.28 6.41 3.32
C ARG A 210 6.74 5.12 3.92
N GLU A 211 7.39 3.98 3.62
CA GLU A 211 6.92 2.71 4.13
C GLU A 211 7.19 2.55 5.62
N PHE A 212 8.34 3.04 6.09
CA PHE A 212 8.65 2.94 7.51
C PHE A 212 7.78 3.87 8.34
N SER A 213 7.39 5.02 7.78
CA SER A 213 6.58 5.97 8.52
C SER A 213 5.21 5.39 8.87
N VAL A 214 4.58 4.71 7.91
CA VAL A 214 3.24 4.18 8.14
C VAL A 214 3.25 2.80 8.78
N ASN A 215 4.39 2.10 8.75
CA ASN A 215 4.49 0.78 9.35
C ASN A 215 5.21 0.81 10.70
N ALA A 216 5.54 2.00 11.20
CA ALA A 216 6.25 2.16 12.47
C ALA A 216 7.59 1.42 12.48
N GLY A 217 8.27 1.46 11.34
CA GLY A 217 9.63 0.95 11.24
C GLY A 217 9.76 -0.54 10.98
N VAL A 218 8.66 -1.27 10.82
CA VAL A 218 8.70 -2.70 10.54
C VAL A 218 7.69 -2.98 9.43
N THR A 219 8.19 -3.28 8.23
CA THR A 219 7.34 -3.49 7.06
C THR A 219 7.40 -4.95 6.63
N THR A 220 6.24 -5.52 6.33
CA THR A 220 6.11 -6.84 5.74
C THR A 220 4.87 -6.85 4.86
N PRO A 221 4.97 -7.35 3.61
CA PRO A 221 6.14 -7.92 2.95
C PRO A 221 7.20 -6.89 2.61
N VAL A 222 8.42 -7.36 2.35
CA VAL A 222 9.52 -6.48 1.95
C VAL A 222 9.28 -6.05 0.51
N SER A 223 9.02 -4.76 0.32
CA SER A 223 8.70 -4.25 -1.00
C SER A 223 9.94 -4.23 -1.89
N THR A 224 9.74 -3.82 -3.13
CA THR A 224 10.83 -3.70 -4.08
C THR A 224 11.69 -2.46 -3.83
N TYR A 225 11.19 -1.50 -3.06
CA TYR A 225 12.02 -0.37 -2.67
C TYR A 225 13.03 -0.76 -1.59
N MET A 226 12.59 -1.54 -0.61
CA MET A 226 13.50 -2.02 0.42
C MET A 226 14.57 -2.91 -0.18
N LEU A 227 14.19 -3.81 -1.06
CA LEU A 227 15.10 -4.81 -1.62
C LEU A 227 14.61 -5.16 -3.01
N THR A 228 15.29 -4.67 -4.05
CA THR A 228 14.87 -4.93 -5.41
C THR A 228 15.05 -6.41 -5.74
N ASN A 229 14.47 -6.82 -6.87
CA ASN A 229 14.50 -8.23 -7.25
C ASN A 229 15.92 -8.69 -7.52
N SER A 230 16.73 -7.87 -8.19
CA SER A 230 18.13 -8.23 -8.42
C SER A 230 18.88 -8.32 -7.09
N GLU A 231 18.63 -7.38 -6.18
CA GLU A 231 19.28 -7.42 -4.87
C GLU A 231 18.82 -8.62 -4.06
N LEU A 232 17.53 -8.94 -4.11
CA LEU A 232 17.03 -10.11 -3.39
C LEU A 232 17.58 -11.40 -3.99
N LEU A 233 17.66 -11.47 -5.32
CA LEU A 233 18.23 -12.66 -5.96
C LEU A 233 19.70 -12.82 -5.62
N SER A 234 20.46 -11.73 -5.65
CA SER A 234 21.87 -11.80 -5.29
C SER A 234 22.05 -12.09 -3.81
N LEU A 235 21.17 -11.55 -2.96
CA LEU A 235 21.27 -11.81 -1.53
C LEU A 235 21.05 -13.29 -1.22
N ILE A 236 20.09 -13.93 -1.91
CA ILE A 236 19.87 -15.36 -1.71
C ILE A 236 21.09 -16.16 -2.13
N ASN A 237 21.72 -15.78 -3.25
CA ASN A 237 22.92 -16.46 -3.70
C ASN A 237 24.06 -16.29 -2.69
N ASP A 238 24.10 -15.17 -2.00
CA ASP A 238 25.16 -14.87 -1.04
C ASP A 238 24.91 -15.47 0.34
N MET A 239 23.77 -16.11 0.56
CA MET A 239 23.53 -16.71 1.85
C MET A 239 24.32 -18.00 1.98
N PRO A 240 24.83 -18.30 3.18
CA PRO A 240 25.57 -19.55 3.40
C PRO A 240 24.65 -20.75 3.59
N ILE A 241 23.94 -21.10 2.53
CA ILE A 241 22.97 -22.19 2.55
C ILE A 241 23.21 -23.11 1.36
N THR A 242 22.62 -24.30 1.43
CA THR A 242 22.81 -25.30 0.38
C THR A 242 22.13 -24.86 -0.91
N ASN A 243 22.55 -25.49 -2.01
CA ASN A 243 22.05 -25.10 -3.32
C ASN A 243 20.57 -25.44 -3.50
N ASP A 244 20.08 -26.46 -2.79
CA ASP A 244 18.66 -26.79 -2.89
C ASP A 244 17.80 -25.67 -2.34
N GLN A 245 18.24 -25.05 -1.24
CA GLN A 245 17.51 -23.91 -0.69
C GLN A 245 17.62 -22.69 -1.61
N LYS A 246 18.79 -22.47 -2.21
CA LYS A 246 18.96 -21.34 -3.10
C LYS A 246 18.08 -21.47 -4.34
N LYS A 247 17.98 -22.68 -4.89
CA LYS A 247 17.10 -22.90 -6.04
C LYS A 247 15.64 -22.69 -5.65
N LEU A 248 15.25 -23.16 -4.47
CA LEU A 248 13.88 -22.99 -4.01
C LEU A 248 13.53 -21.53 -3.83
N MET A 249 14.41 -20.77 -3.19
CA MET A 249 14.12 -19.36 -2.91
C MET A 249 14.17 -18.53 -4.18
N SER A 250 15.10 -18.84 -5.10
CA SER A 250 15.21 -18.06 -6.32
C SER A 250 14.01 -18.25 -7.24
N ASN A 251 13.45 -19.47 -7.27
CA ASN A 251 12.28 -19.71 -8.11
C ASN A 251 11.01 -19.11 -7.55
N ASN A 252 10.98 -18.82 -6.25
CA ASN A 252 9.78 -18.34 -5.56
C ASN A 252 10.08 -17.06 -4.80
N VAL A 253 10.72 -16.09 -5.45
CA VAL A 253 11.08 -14.85 -4.78
C VAL A 253 9.84 -14.08 -4.33
N GLN A 254 8.71 -14.27 -5.01
CA GLN A 254 7.48 -13.61 -4.58
C GLN A 254 7.01 -14.12 -3.24
N ILE A 255 7.19 -15.41 -2.96
CA ILE A 255 6.85 -15.95 -1.65
C ILE A 255 7.86 -15.49 -0.60
N VAL A 256 9.12 -15.33 -1.00
CA VAL A 256 10.16 -14.91 -0.06
C VAL A 256 9.85 -13.52 0.48
N ARG A 257 9.40 -12.62 -0.39
CA ARG A 257 9.05 -11.28 0.06
C ARG A 257 7.90 -11.30 1.05
N GLN A 258 6.88 -12.12 0.79
CA GLN A 258 5.72 -12.16 1.66
C GLN A 258 6.06 -12.70 3.05
N GLN A 259 7.10 -13.51 3.16
CA GLN A 259 7.51 -14.06 4.44
C GLN A 259 8.69 -13.31 5.06
N SER A 260 9.14 -12.23 4.44
CA SER A 260 10.27 -11.48 4.95
C SER A 260 9.80 -10.26 5.74
N TYR A 261 10.73 -9.67 6.48
CA TYR A 261 10.49 -8.45 7.23
C TYR A 261 11.64 -7.48 6.99
N SER A 262 11.32 -6.18 7.10
CA SER A 262 12.31 -5.11 7.04
C SER A 262 12.19 -4.30 8.31
N ILE A 263 13.30 -4.16 9.05
CA ILE A 263 13.31 -3.48 10.34
C ILE A 263 14.23 -2.27 10.22
N MET A 264 13.67 -1.08 10.45
CA MET A 264 14.47 0.14 10.48
C MET A 264 15.37 0.14 11.71
N SER A 265 16.68 0.31 11.50
CA SER A 265 17.62 0.07 12.59
C SER A 265 18.31 1.35 13.03
N ILE A 266 19.06 2.01 12.16
CA ILE A 266 19.84 3.17 12.57
C ILE A 266 19.76 4.26 11.50
N ILE A 267 19.87 5.50 11.95
CA ILE A 267 19.89 6.66 11.07
C ILE A 267 21.06 7.56 11.48
N LYS A 268 22.03 6.99 12.19
CA LYS A 268 23.08 7.78 12.83
C LYS A 268 24.37 7.71 12.03
N GLU A 269 25.13 8.81 12.09
CA GLU A 269 26.46 8.92 11.48
C GLU A 269 26.40 8.71 9.97
N GLU A 270 25.50 9.44 9.31
CA GLU A 270 25.37 9.45 7.86
C GLU A 270 25.07 8.08 7.28
N VAL A 271 24.45 7.19 8.05
CA VAL A 271 24.16 5.84 7.59
C VAL A 271 22.70 5.53 7.88
N LEU A 272 21.95 5.19 6.84
CA LEU A 272 20.63 4.61 6.98
C LEU A 272 20.72 3.12 6.78
N ALA A 273 20.55 2.35 7.85
CA ALA A 273 20.66 0.91 7.79
C ALA A 273 19.40 0.27 8.33
N TYR A 274 18.85 -0.68 7.57
CA TYR A 274 17.70 -1.43 8.00
C TYR A 274 17.98 -2.92 7.79
N VAL A 275 17.51 -3.72 8.74
CA VAL A 275 17.77 -5.16 8.75
C VAL A 275 16.66 -5.85 7.97
N VAL A 276 17.02 -6.55 6.90
CA VAL A 276 16.08 -7.37 6.15
C VAL A 276 16.16 -8.79 6.69
N GLN A 277 15.02 -9.34 7.09
CA GLN A 277 14.94 -10.62 7.79
C GLN A 277 14.36 -11.67 6.85
N LEU A 278 15.23 -12.29 6.05
CA LEU A 278 14.81 -13.27 5.06
C LEU A 278 14.49 -14.61 5.71
N PRO A 279 13.57 -15.38 5.11
CA PRO A 279 13.25 -16.69 5.68
C PRO A 279 14.26 -17.75 5.28
N LEU A 280 14.44 -18.73 6.16
CA LEU A 280 15.30 -19.88 5.90
C LEU A 280 14.43 -21.13 5.83
N TYR A 281 14.53 -21.86 4.72
CA TYR A 281 13.72 -23.04 4.49
C TYR A 281 14.58 -24.27 4.72
N GLY A 282 14.65 -24.70 5.98
CA GLY A 282 15.45 -25.87 6.31
C GLY A 282 14.82 -27.18 5.91
N VAL A 283 13.50 -27.21 5.74
CA VAL A 283 12.77 -28.41 5.36
C VAL A 283 12.21 -28.19 3.95
N ILE A 284 12.63 -29.04 3.01
CA ILE A 284 12.27 -28.89 1.61
C ILE A 284 11.89 -30.26 1.06
N ASP A 285 10.91 -30.27 0.15
CA ASP A 285 10.56 -31.42 -0.66
C ASP A 285 9.94 -32.55 0.14
N THR A 286 9.63 -32.32 1.41
CA THR A 286 8.91 -33.33 2.17
C THR A 286 7.44 -33.32 1.79
N PRO A 287 6.76 -34.47 1.86
CA PRO A 287 5.35 -34.53 1.48
C PRO A 287 4.47 -33.64 2.34
N CYS A 288 3.50 -33.00 1.70
CA CYS A 288 2.46 -32.22 2.37
C CYS A 288 1.09 -32.71 1.91
N TRP A 289 0.11 -32.59 2.79
CA TRP A 289 -1.27 -32.90 2.44
C TRP A 289 -2.20 -31.97 3.20
N LYS A 290 -3.16 -31.39 2.48
CA LYS A 290 -4.14 -30.49 3.07
C LYS A 290 -5.43 -31.26 3.35
N LEU A 291 -5.95 -31.11 4.56
CA LEU A 291 -7.17 -31.78 4.97
C LEU A 291 -8.32 -30.79 4.90
N HIS A 292 -9.23 -31.02 3.96
CA HIS A 292 -10.45 -30.24 3.84
C HIS A 292 -11.58 -30.99 4.53
N THR A 293 -12.34 -30.29 5.37
CA THR A 293 -13.42 -30.91 6.11
C THR A 293 -14.71 -30.13 5.91
N SER A 294 -15.83 -30.84 5.93
CA SER A 294 -17.15 -30.27 5.78
C SER A 294 -18.07 -30.94 6.79
N PRO A 295 -19.12 -30.25 7.24
CA PRO A 295 -20.02 -30.85 8.22
C PRO A 295 -20.65 -32.14 7.71
N LEU A 296 -20.75 -33.12 8.61
CA LEU A 296 -21.39 -34.40 8.33
C LEU A 296 -22.58 -34.56 9.27
N CYS A 297 -23.79 -34.56 8.71
CA CYS A 297 -25.00 -34.55 9.50
C CYS A 297 -25.89 -35.71 9.08
N THR A 298 -26.73 -36.16 10.02
CA THR A 298 -27.72 -37.17 9.71
C THR A 298 -28.88 -36.56 8.93
N THR A 299 -29.52 -37.39 8.11
CA THR A 299 -30.64 -36.91 7.29
C THR A 299 -31.88 -37.75 7.56
N ASN A 306 -31.55 -33.57 13.92
CA ASN A 306 -30.36 -34.22 13.39
C ASN A 306 -29.12 -33.83 14.19
N ILE A 307 -28.05 -34.61 14.04
CA ILE A 307 -26.80 -34.37 14.74
C ILE A 307 -25.69 -34.27 13.71
N CYS A 308 -24.83 -33.26 13.86
CA CYS A 308 -23.77 -32.98 12.90
C CYS A 308 -22.42 -33.31 13.53
N LEU A 309 -21.47 -33.66 12.66
CA LEU A 309 -20.11 -33.96 13.06
C LEU A 309 -19.16 -33.37 12.03
N THR A 310 -18.08 -32.76 12.50
CA THR A 310 -17.10 -32.13 11.63
C THR A 310 -15.71 -32.34 12.21
N ARG A 311 -14.79 -32.80 11.37
CA ARG A 311 -13.39 -32.89 11.79
C ARG A 311 -12.77 -31.50 11.82
N THR A 312 -12.33 -31.08 13.01
CA THR A 312 -11.83 -29.73 13.21
C THR A 312 -10.37 -29.56 12.79
N ASP A 313 -9.65 -30.65 12.61
CA ASP A 313 -8.22 -30.58 12.32
C ASP A 313 -7.93 -30.29 10.86
N ARG A 314 -8.57 -29.30 10.27
CA ARG A 314 -8.33 -28.97 8.87
C ARG A 314 -7.12 -28.04 8.76
N GLY A 315 -6.52 -28.05 7.59
CA GLY A 315 -5.34 -27.26 7.31
C GLY A 315 -4.24 -28.10 6.71
N TRP A 316 -3.05 -27.50 6.62
CA TRP A 316 -1.92 -28.16 5.99
C TRP A 316 -1.16 -29.03 6.99
N TYR A 317 -0.76 -30.21 6.53
CA TYR A 317 0.14 -31.09 7.25
C TYR A 317 1.35 -31.37 6.36
N CYS A 318 2.54 -31.38 6.97
CA CYS A 318 3.76 -31.65 6.23
C CYS A 318 4.71 -32.47 7.09
N ASP A 319 5.40 -33.42 6.47
CA ASP A 319 6.38 -34.23 7.17
C ASP A 319 7.59 -33.38 7.53
N ASN A 320 8.09 -33.55 8.76
CA ASN A 320 9.22 -32.75 9.23
C ASN A 320 9.96 -33.56 10.30
N ALA A 321 11.15 -34.05 9.95
CA ALA A 321 12.06 -34.71 10.89
C ALA A 321 11.37 -35.88 11.59
N GLY A 322 10.64 -36.68 10.82
CA GLY A 322 9.98 -37.84 11.39
C GLY A 322 8.69 -37.53 12.12
N SER A 323 8.25 -36.28 12.11
CA SER A 323 6.99 -35.88 12.72
C SER A 323 6.23 -34.99 11.73
N VAL A 324 4.96 -34.80 12.01
CA VAL A 324 4.06 -34.07 11.12
C VAL A 324 3.86 -32.67 11.68
N SER A 325 4.16 -31.67 10.86
CA SER A 325 3.90 -30.29 11.24
C SER A 325 2.52 -29.88 10.75
N PHE A 326 1.65 -29.52 11.69
CA PHE A 326 0.27 -29.14 11.38
C PHE A 326 0.13 -27.63 11.46
N PHE A 327 -0.42 -27.03 10.41
CA PHE A 327 -0.58 -25.58 10.32
C PHE A 327 -2.06 -25.24 10.26
N PRO A 328 -2.69 -24.88 11.39
CA PRO A 328 -4.15 -24.66 11.36
C PRO A 328 -4.56 -23.41 10.62
N GLN A 329 -3.85 -22.30 10.80
CA GLN A 329 -4.24 -21.03 10.20
C GLN A 329 -4.05 -21.08 8.68
N ALA A 330 -5.03 -20.51 7.96
CA ALA A 330 -4.96 -20.49 6.50
C ALA A 330 -3.92 -19.51 5.99
N GLU A 331 -3.71 -18.39 6.68
CA GLU A 331 -2.74 -17.40 6.24
C GLU A 331 -1.30 -17.87 6.40
N THR A 332 -1.07 -18.92 7.21
CA THR A 332 0.29 -19.38 7.46
C THR A 332 0.96 -19.89 6.20
N CYS A 333 0.24 -20.66 5.39
CA CYS A 333 0.82 -21.40 4.28
C CYS A 333 0.48 -20.73 2.96
N LYS A 334 1.51 -20.35 2.22
CA LYS A 334 1.36 -19.95 0.83
C LYS A 334 1.58 -21.17 -0.07
N VAL A 335 0.78 -21.26 -1.12
CA VAL A 335 0.78 -22.43 -2.00
C VAL A 335 1.14 -22.00 -3.41
N GLN A 336 2.10 -22.71 -4.01
CA GLN A 336 2.49 -22.52 -5.40
C GLN A 336 2.02 -23.74 -6.19
N SER A 337 2.50 -23.85 -7.43
CA SER A 337 2.14 -24.92 -8.36
C SER A 337 1.98 -26.24 -7.60
N ASN A 338 3.02 -26.71 -6.90
CA ASN A 338 2.90 -27.86 -6.02
C ASN A 338 3.71 -27.70 -4.73
N ARG A 339 4.25 -26.51 -4.49
CA ARG A 339 5.06 -26.25 -3.31
C ARG A 339 4.25 -25.46 -2.30
N VAL A 340 4.29 -25.89 -1.04
CA VAL A 340 3.56 -25.24 0.04
C VAL A 340 4.57 -24.57 0.96
N PHE A 341 4.47 -23.25 1.09
CA PHE A 341 5.38 -22.47 1.94
C PHE A 341 4.67 -22.17 3.25
N CYS A 342 4.93 -23.03 4.24
CA CYS A 342 4.33 -22.89 5.55
C CYS A 342 5.36 -22.38 6.55
N ASP A 343 4.97 -21.37 7.33
CA ASP A 343 5.83 -20.84 8.38
C ASP A 343 5.70 -21.71 9.63
N THR A 344 6.81 -22.22 10.14
CA THR A 344 6.78 -23.15 11.25
C THR A 344 6.46 -22.48 12.58
N MET A 345 6.49 -21.15 12.65
CA MET A 345 6.13 -20.47 13.88
C MET A 345 4.67 -20.72 14.25
N ASN A 346 3.81 -20.86 13.25
CA ASN A 346 2.39 -21.14 13.45
C ASN A 346 2.08 -22.62 13.28
N SER A 347 2.98 -23.50 13.69
CA SER A 347 2.86 -24.93 13.45
C SER A 347 2.70 -25.70 14.74
N LEU A 348 1.99 -26.82 14.65
CA LEU A 348 1.93 -27.80 15.73
C LEU A 348 2.65 -29.07 15.30
N THR A 349 3.47 -29.59 16.20
CA THR A 349 4.25 -30.79 15.94
C THR A 349 3.45 -31.99 16.42
N LEU A 350 3.16 -32.92 15.51
CA LEU A 350 2.32 -34.05 15.80
C LEU A 350 3.03 -35.34 15.42
N PRO A 351 2.71 -36.46 16.06
CA PRO A 351 3.29 -37.74 15.66
C PRO A 351 2.82 -38.14 14.27
N SER A 352 3.61 -38.99 13.62
CA SER A 352 3.30 -39.41 12.25
C SER A 352 1.99 -40.18 12.16
N GLU A 353 1.45 -40.64 13.29
CA GLU A 353 0.19 -41.38 13.28
C GLU A 353 -1.01 -40.50 12.97
N VAL A 354 -0.83 -39.18 12.90
CA VAL A 354 -1.95 -38.29 12.63
C VAL A 354 -2.54 -38.56 11.26
N ASN A 355 -1.73 -39.08 10.34
CA ASN A 355 -2.22 -39.39 9.00
C ASN A 355 -3.24 -40.53 9.01
N LEU A 356 -3.23 -41.35 10.06
CA LEU A 356 -4.14 -42.49 10.11
C LEU A 356 -5.59 -42.07 10.29
N CYS A 357 -5.85 -40.84 10.70
CA CYS A 357 -7.23 -40.38 10.85
C CYS A 357 -7.95 -40.31 9.50
N ASN A 358 -7.20 -40.09 8.42
CA ASN A 358 -7.81 -40.05 7.10
C ASN A 358 -8.33 -41.42 6.67
N VAL A 359 -7.56 -42.48 6.93
CA VAL A 359 -7.95 -43.80 6.47
C VAL A 359 -8.85 -44.50 7.49
N ASP A 360 -8.71 -44.18 8.78
CA ASP A 360 -9.50 -44.82 9.82
C ASP A 360 -9.70 -43.81 10.94
N ILE A 361 -10.94 -43.31 11.06
CA ILE A 361 -11.22 -42.30 12.07
C ILE A 361 -11.24 -42.88 13.48
N PHE A 362 -11.39 -44.20 13.60
CA PHE A 362 -11.38 -44.86 14.90
C PHE A 362 -10.06 -45.54 15.21
N ASN A 363 -8.97 -45.07 14.62
CA ASN A 363 -7.67 -45.67 14.87
C ASN A 363 -7.27 -45.47 16.33
N PRO A 364 -6.67 -46.48 16.96
CA PRO A 364 -6.20 -46.31 18.34
C PRO A 364 -4.89 -45.55 18.45
N LYS A 365 -4.15 -45.41 17.34
CA LYS A 365 -2.86 -44.73 17.37
C LYS A 365 -2.99 -43.21 17.51
N TYR A 366 -4.18 -42.65 17.29
CA TYR A 366 -4.36 -41.21 17.36
C TYR A 366 -5.79 -40.92 17.77
N ASP A 367 -6.00 -39.72 18.30
CA ASP A 367 -7.31 -39.25 18.74
C ASP A 367 -7.70 -38.08 17.85
N CYS A 368 -8.46 -38.38 16.79
CA CYS A 368 -8.80 -37.38 15.80
C CYS A 368 -9.76 -36.34 16.38
N LYS A 369 -9.54 -35.08 16.04
CA LYS A 369 -10.32 -33.99 16.60
C LYS A 369 -11.58 -33.74 15.78
N ILE A 370 -12.72 -33.70 16.46
CA ILE A 370 -14.01 -33.44 15.82
C ILE A 370 -14.80 -32.46 16.68
N MET A 371 -15.79 -31.82 16.08
CA MET A 371 -16.76 -31.00 16.79
C MET A 371 -18.16 -31.54 16.55
N THR A 372 -19.02 -31.33 17.54
CA THR A 372 -20.40 -31.83 17.50
C THR A 372 -21.36 -30.67 17.70
N SER A 373 -22.43 -30.66 16.91
CA SER A 373 -23.42 -29.59 16.97
C SER A 373 -24.70 -30.07 16.32
N LYS A 374 -25.77 -29.28 16.53
CA LYS A 374 -27.05 -29.50 15.86
C LYS A 374 -27.27 -28.56 14.68
N THR A 375 -26.25 -27.78 14.31
CA THR A 375 -26.39 -26.76 13.26
C THR A 375 -26.42 -27.43 11.89
N ASP A 376 -27.60 -27.91 11.49
CA ASP A 376 -27.76 -28.59 10.21
C ASP A 376 -27.91 -27.58 9.07
N VAL A 377 -26.81 -26.92 8.72
CA VAL A 377 -26.81 -25.87 7.70
C VAL A 377 -26.01 -26.37 6.51
N SER A 378 -26.60 -26.24 5.32
CA SER A 378 -25.94 -26.66 4.09
C SER A 378 -24.82 -25.70 3.72
N SER A 379 -23.67 -26.25 3.33
CA SER A 379 -22.52 -25.46 2.92
C SER A 379 -21.62 -26.34 2.04
N SER A 380 -20.70 -25.68 1.35
CA SER A 380 -19.77 -26.37 0.47
C SER A 380 -18.35 -25.89 0.74
N VAL A 381 -17.41 -26.82 0.69
CA VAL A 381 -15.99 -26.53 0.85
C VAL A 381 -15.33 -26.70 -0.52
N ILE A 382 -14.81 -25.61 -1.08
CA ILE A 382 -14.15 -25.65 -2.38
C ILE A 382 -12.72 -26.12 -2.15
N THR A 383 -12.50 -27.42 -2.26
CA THR A 383 -11.17 -27.99 -2.13
C THR A 383 -10.40 -27.84 -3.44
N SER A 384 -9.14 -28.27 -3.43
CA SER A 384 -8.41 -28.41 -4.68
C SER A 384 -8.88 -29.68 -5.37
N LEU A 385 -8.88 -29.66 -6.71
CA LEU A 385 -9.30 -30.77 -7.55
C LEU A 385 -10.74 -31.20 -7.29
N GLY A 386 -11.59 -30.31 -6.78
CA GLY A 386 -12.97 -30.68 -6.55
C GLY A 386 -13.70 -29.74 -5.62
N ALA A 387 -14.74 -30.25 -4.97
CA ALA A 387 -15.52 -29.47 -4.01
C ALA A 387 -16.40 -30.41 -3.20
N ILE A 388 -16.33 -30.28 -1.88
CA ILE A 388 -17.22 -31.02 -0.99
C ILE A 388 -18.51 -30.22 -0.82
N VAL A 389 -19.64 -30.88 -1.01
CA VAL A 389 -20.95 -30.24 -0.90
C VAL A 389 -21.74 -30.97 0.16
N SER A 390 -22.13 -30.24 1.21
CA SER A 390 -23.01 -30.76 2.25
C SER A 390 -24.38 -30.13 2.05
N CYS A 391 -25.36 -30.93 1.66
CA CYS A 391 -26.71 -30.46 1.38
C CYS A 391 -27.65 -31.03 2.43
N TYR A 392 -28.35 -30.14 3.13
CA TYR A 392 -29.27 -30.55 4.17
C TYR A 392 -30.48 -29.63 4.16
N GLY A 393 -31.59 -30.11 4.73
CA GLY A 393 -32.80 -29.33 4.77
C GLY A 393 -33.43 -29.22 3.40
N LYS A 394 -34.17 -28.13 3.18
CA LYS A 394 -34.83 -27.90 1.91
C LYS A 394 -33.96 -27.16 0.91
N THR A 395 -32.74 -26.78 1.31
CA THR A 395 -31.85 -26.07 0.41
C THR A 395 -31.46 -26.96 -0.77
N LYS A 396 -31.52 -26.40 -1.97
CA LYS A 396 -31.16 -27.14 -3.17
C LYS A 396 -29.69 -26.88 -3.53
N CYS A 397 -28.95 -27.96 -3.74
CA CYS A 397 -27.54 -27.88 -4.11
C CYS A 397 -27.33 -28.53 -5.47
N THR A 398 -26.65 -27.82 -6.37
CA THR A 398 -26.41 -28.32 -7.70
C THR A 398 -24.98 -28.04 -8.11
N ALA A 399 -24.46 -28.89 -9.00
CA ALA A 399 -23.16 -28.67 -9.63
C ALA A 399 -23.39 -28.39 -11.11
N SER A 400 -22.72 -27.37 -11.62
CA SER A 400 -23.02 -26.88 -12.95
C SER A 400 -21.75 -26.84 -13.80
N ASN A 401 -21.95 -26.96 -15.10
CA ASN A 401 -20.90 -26.82 -16.09
C ASN A 401 -21.19 -25.58 -16.93
N LYS A 402 -20.13 -24.99 -17.48
CA LYS A 402 -20.28 -23.75 -18.24
C LYS A 402 -21.19 -23.95 -19.45
N ASN A 403 -21.02 -25.06 -20.16
CA ASN A 403 -21.81 -25.30 -21.37
C ASN A 403 -23.06 -26.11 -21.09
N ARG A 404 -22.90 -27.28 -20.47
CA ARG A 404 -24.02 -28.19 -20.25
C ARG A 404 -24.98 -27.72 -19.16
N GLY A 405 -24.62 -26.68 -18.40
CA GLY A 405 -25.49 -26.23 -17.34
C GLY A 405 -25.44 -27.14 -16.13
N ILE A 406 -26.57 -27.23 -15.43
CA ILE A 406 -26.64 -28.06 -14.24
C ILE A 406 -26.45 -29.52 -14.63
N ILE A 407 -25.35 -30.12 -14.18
CA ILE A 407 -25.04 -31.51 -14.51
C ILE A 407 -25.31 -32.46 -13.36
N LYS A 408 -25.51 -31.95 -12.14
CA LYS A 408 -25.76 -32.80 -11.00
C LYS A 408 -26.56 -32.02 -9.95
N THR A 409 -27.49 -32.71 -9.31
CA THR A 409 -28.25 -32.16 -8.19
C THR A 409 -27.93 -32.98 -6.96
N PHE A 410 -27.37 -32.33 -5.95
CA PHE A 410 -26.92 -33.03 -4.74
C PHE A 410 -28.12 -33.39 -3.86
N SER A 411 -28.17 -34.64 -3.42
CA SER A 411 -29.17 -35.07 -2.48
C SER A 411 -28.74 -34.71 -1.06
N ASN A 412 -29.59 -35.06 -0.09
CA ASN A 412 -29.26 -34.82 1.31
C ASN A 412 -28.06 -35.67 1.71
N GLY A 413 -27.11 -35.03 2.39
CA GLY A 413 -25.88 -35.65 2.82
C GLY A 413 -24.68 -34.90 2.30
N CYS A 414 -23.50 -35.49 2.51
CA CYS A 414 -22.24 -34.90 2.10
C CYS A 414 -21.72 -35.62 0.87
N ASP A 415 -21.42 -34.86 -0.18
CA ASP A 415 -20.99 -35.45 -1.45
C ASP A 415 -19.87 -34.61 -2.03
N TYR A 416 -19.17 -35.19 -3.00
CA TYR A 416 -17.97 -34.60 -3.59
C TYR A 416 -18.06 -34.70 -5.10
N VAL A 417 -17.68 -33.62 -5.78
CA VAL A 417 -17.62 -33.56 -7.23
C VAL A 417 -16.24 -33.09 -7.65
N SER A 418 -15.64 -33.78 -8.61
CA SER A 418 -14.33 -33.40 -9.11
C SER A 418 -14.43 -32.15 -9.97
N ASN A 419 -13.27 -31.53 -10.21
CA ASN A 419 -13.22 -30.36 -11.07
C ASN A 419 -13.35 -30.71 -12.55
N LYS A 420 -13.32 -32.00 -12.90
CA LYS A 420 -13.54 -32.41 -14.27
C LYS A 420 -15.02 -32.28 -14.62
N GLY A 421 -15.33 -31.44 -15.61
CA GLY A 421 -16.71 -31.20 -15.98
C GLY A 421 -17.35 -30.10 -15.16
N VAL A 422 -17.28 -30.20 -13.84
CA VAL A 422 -17.87 -29.19 -12.97
C VAL A 422 -17.06 -27.90 -13.04
N ASP A 423 -17.75 -26.79 -13.24
CA ASP A 423 -17.12 -25.47 -13.21
C ASP A 423 -17.61 -24.59 -12.08
N THR A 424 -18.88 -24.73 -11.67
CA THR A 424 -19.42 -23.99 -10.54
C THR A 424 -20.23 -24.94 -9.68
N VAL A 425 -20.39 -24.57 -8.42
CA VAL A 425 -21.24 -25.30 -7.48
C VAL A 425 -22.18 -24.30 -6.82
N SER A 426 -23.46 -24.62 -6.80
CA SER A 426 -24.47 -23.78 -6.17
C SER A 426 -25.03 -24.51 -4.95
N VAL A 427 -24.92 -23.88 -3.79
CA VAL A 427 -25.47 -24.41 -2.54
C VAL A 427 -26.32 -23.30 -1.93
N GLY A 428 -27.62 -23.54 -1.83
CA GLY A 428 -28.52 -22.50 -1.37
C GLY A 428 -28.47 -21.31 -2.30
N ASN A 429 -28.26 -20.13 -1.73
CA ASN A 429 -28.17 -18.89 -2.51
C ASN A 429 -26.73 -18.53 -2.86
N THR A 430 -25.76 -19.39 -2.58
CA THR A 430 -24.35 -19.10 -2.82
C THR A 430 -23.87 -19.88 -4.04
N LEU A 431 -23.22 -19.19 -4.96
CA LEU A 431 -22.60 -19.80 -6.12
C LEU A 431 -21.09 -19.91 -5.89
N TYR A 432 -20.59 -21.14 -5.84
CA TYR A 432 -19.17 -21.40 -5.61
C TYR A 432 -18.53 -21.84 -6.92
N TYR A 433 -17.40 -21.23 -7.25
CA TYR A 433 -16.58 -21.69 -8.36
C TYR A 433 -15.53 -22.66 -7.85
N VAL A 434 -15.37 -23.77 -8.56
CA VAL A 434 -14.41 -24.80 -8.15
C VAL A 434 -13.04 -24.49 -8.77
N ASN A 435 -12.00 -25.00 -8.13
CA ASN A 435 -10.64 -24.83 -8.63
C ASN A 435 -10.41 -25.76 -9.82
N LYS A 436 -9.88 -25.21 -10.91
CA LYS A 436 -9.64 -25.98 -12.12
C LYS A 436 -8.23 -26.56 -12.18
N GLN A 437 -7.65 -26.86 -11.03
CA GLN A 437 -6.31 -27.45 -10.99
C GLN A 437 -6.32 -28.83 -11.65
N GLU A 438 -5.27 -29.12 -12.40
CA GLU A 438 -5.14 -30.42 -13.05
C GLU A 438 -4.68 -31.45 -12.02
N GLY A 439 -5.41 -32.56 -11.96
CA GLY A 439 -5.07 -33.62 -11.03
C GLY A 439 -6.11 -34.71 -11.08
N LYS A 440 -5.83 -35.78 -10.35
CA LYS A 440 -6.69 -36.96 -10.31
C LYS A 440 -7.39 -37.03 -8.95
N SER A 441 -8.71 -36.96 -8.97
CA SER A 441 -9.50 -37.06 -7.76
C SER A 441 -10.01 -38.49 -7.58
N LEU A 442 -10.01 -38.94 -6.33
CA LEU A 442 -10.44 -40.29 -5.99
C LEU A 442 -11.55 -40.22 -4.96
N TYR A 443 -12.63 -40.95 -5.21
CA TYR A 443 -13.78 -40.99 -4.31
C TYR A 443 -13.73 -42.30 -3.52
N VAL A 444 -13.64 -42.19 -2.20
CA VAL A 444 -13.55 -43.36 -1.32
C VAL A 444 -14.90 -43.54 -0.67
N LYS A 445 -15.72 -44.42 -1.25
CA LYS A 445 -17.06 -44.65 -0.73
C LYS A 445 -16.99 -45.36 0.63
N GLY A 446 -17.85 -44.93 1.55
CA GLY A 446 -17.90 -45.54 2.86
C GLY A 446 -19.09 -45.03 3.64
N GLU A 447 -19.46 -45.80 4.65
CA GLU A 447 -20.60 -45.43 5.48
C GLU A 447 -20.22 -44.27 6.39
N PRO A 448 -20.97 -43.17 6.37
CA PRO A 448 -20.65 -42.04 7.25
C PRO A 448 -20.67 -42.44 8.71
N ILE A 449 -19.72 -41.91 9.49
CA ILE A 449 -19.60 -42.27 10.89
C ILE A 449 -20.73 -41.69 11.74
N ILE A 450 -21.38 -40.62 11.26
CA ILE A 450 -22.44 -39.99 12.04
C ILE A 450 -23.63 -40.92 12.20
N ASN A 451 -23.75 -41.95 11.36
CA ASN A 451 -24.86 -42.88 11.47
C ASN A 451 -24.64 -43.91 12.58
N PHE A 452 -23.42 -44.04 13.10
CA PHE A 452 -23.14 -44.98 14.18
C PHE A 452 -23.66 -44.50 15.53
N TYR A 453 -23.74 -43.18 15.72
CA TYR A 453 -24.22 -42.63 16.99
C TYR A 453 -25.75 -42.64 17.02
N ASP A 454 -26.30 -42.15 18.14
CA ASP A 454 -27.72 -41.96 18.30
C ASP A 454 -27.95 -40.58 18.88
N PRO A 455 -29.00 -39.87 18.45
CA PRO A 455 -29.23 -38.50 18.94
C PRO A 455 -29.50 -38.42 20.43
N LEU A 456 -29.95 -39.52 21.06
CA LEU A 456 -30.31 -39.47 22.47
C LEU A 456 -29.11 -39.21 23.37
N VAL A 457 -27.94 -39.74 23.02
CA VAL A 457 -26.74 -39.57 23.85
C VAL A 457 -25.62 -38.84 23.13
N PHE A 458 -25.85 -38.35 21.93
CA PHE A 458 -24.83 -37.63 21.19
C PHE A 458 -24.61 -36.26 21.83
N PRO A 459 -23.39 -35.94 22.28
CA PRO A 459 -23.15 -34.62 22.89
C PRO A 459 -22.94 -33.53 21.85
N SER A 460 -24.03 -33.02 21.27
CA SER A 460 -23.95 -32.05 20.19
C SER A 460 -23.71 -30.63 20.65
N ASP A 461 -22.68 -30.41 21.46
CA ASP A 461 -22.31 -29.04 21.83
C ASP A 461 -20.80 -28.83 21.90
N GLU A 462 -20.00 -29.78 21.43
CA GLU A 462 -18.54 -29.69 21.56
C GLU A 462 -17.99 -28.73 20.51
N PHE A 463 -17.48 -27.59 20.97
CA PHE A 463 -16.82 -26.67 20.04
C PHE A 463 -15.54 -27.26 19.48
N ASP A 464 -14.80 -28.01 20.30
CA ASP A 464 -13.63 -28.73 19.83
C ASP A 464 -13.41 -29.92 20.76
N ALA A 465 -13.41 -31.12 20.18
CA ALA A 465 -13.28 -32.34 20.99
C ALA A 465 -12.53 -33.39 20.16
N SER A 466 -12.60 -34.65 20.58
CA SER A 466 -11.92 -35.71 19.88
C SER A 466 -12.81 -36.94 19.86
N ILE A 467 -12.39 -37.95 19.09
CA ILE A 467 -13.17 -39.17 18.96
C ILE A 467 -13.28 -39.87 20.32
N SER A 468 -12.16 -39.96 21.04
CA SER A 468 -12.18 -40.62 22.35
C SER A 468 -12.96 -39.81 23.37
N GLN A 469 -12.83 -38.48 23.33
CA GLN A 469 -13.58 -37.63 24.26
C GLN A 469 -15.08 -37.77 24.04
N VAL A 470 -15.51 -37.81 22.78
CA VAL A 470 -16.93 -37.99 22.49
C VAL A 470 -17.39 -39.36 22.96
N ASN A 471 -16.61 -40.40 22.69
CA ASN A 471 -16.98 -41.75 23.11
C ASN A 471 -17.06 -41.87 24.62
N GLU A 472 -16.10 -41.27 25.34
CA GLU A 472 -16.14 -41.30 26.79
C GLU A 472 -17.36 -40.54 27.32
N LYS A 473 -17.64 -39.37 26.75
CA LYS A 473 -18.82 -38.61 27.16
C LYS A 473 -20.10 -39.36 26.83
N ILE A 474 -20.14 -40.04 25.68
CA ILE A 474 -21.28 -40.89 25.36
C ILE A 474 -21.41 -42.02 26.37
N ASN A 475 -20.29 -42.65 26.73
CA ASN A 475 -20.32 -43.73 27.70
C ASN A 475 -20.77 -43.22 29.06
N GLN A 476 -20.40 -41.99 29.41
CA GLN A 476 -20.92 -41.39 30.65
C GLN A 476 -22.43 -41.22 30.58
N SER A 477 -22.95 -40.80 29.43
CA SER A 477 -24.39 -40.67 29.25
C SER A 477 -25.08 -42.03 29.39
N LEU A 478 -24.50 -43.07 28.79
CA LEU A 478 -25.08 -44.41 28.92
C LEU A 478 -24.95 -44.92 30.35
N ALA A 479 -23.89 -44.57 31.05
CA ALA A 479 -23.72 -44.99 32.43
C ALA A 479 -24.83 -44.44 33.32
N PHE A 480 -25.16 -43.16 33.15
CA PHE A 480 -26.29 -42.58 33.87
C PHE A 480 -27.61 -43.22 33.44
N ILE A 481 -27.76 -43.47 32.14
CA ILE A 481 -28.98 -44.07 31.61
C ILE A 481 -28.89 -45.59 31.67
N ASN B 2 12.49 1.14 33.12
CA ASN B 2 13.21 -0.08 32.78
C ASN B 2 12.31 -1.31 32.93
N ILE B 3 12.38 -2.21 31.97
CA ILE B 3 11.47 -3.34 31.89
C ILE B 3 11.91 -4.42 32.87
N THR B 4 10.95 -5.03 33.56
CA THR B 4 11.19 -6.10 34.51
C THR B 4 10.20 -7.22 34.26
N GLU B 5 10.69 -8.44 34.21
CA GLU B 5 9.87 -9.62 33.95
C GLU B 5 9.85 -10.52 35.17
N GLU B 6 8.68 -11.02 35.53
CA GLU B 6 8.51 -11.97 36.61
C GLU B 6 7.78 -13.20 36.09
N PHE B 7 8.44 -14.35 36.15
CA PHE B 7 7.84 -15.62 35.73
C PHE B 7 7.29 -16.34 36.96
N TYR B 8 6.05 -16.77 36.89
CA TYR B 8 5.40 -17.46 38.00
C TYR B 8 5.26 -18.93 37.63
N GLN B 9 6.10 -19.78 38.25
CA GLN B 9 6.06 -21.20 37.96
C GLN B 9 4.74 -21.82 38.39
N SER B 10 4.07 -21.22 39.39
CA SER B 10 2.82 -21.77 39.89
C SER B 10 1.75 -21.80 38.82
N THR B 11 1.66 -20.75 37.98
CA THR B 11 0.63 -20.66 36.96
C THR B 11 1.20 -20.61 35.56
N CYS B 12 2.52 -20.77 35.40
CA CYS B 12 3.17 -20.75 34.08
C CYS B 12 2.85 -19.46 33.34
N SER B 13 2.91 -18.34 34.06
CA SER B 13 2.61 -17.03 33.50
C SER B 13 3.74 -16.07 33.81
N ALA B 14 4.01 -15.17 32.87
CA ALA B 14 5.06 -14.17 33.02
C ALA B 14 4.46 -12.78 32.83
N VAL B 15 4.79 -11.88 33.74
CA VAL B 15 4.30 -10.51 33.72
C VAL B 15 5.47 -9.59 33.41
N SER B 16 5.33 -8.80 32.35
CA SER B 16 6.40 -7.90 31.90
C SER B 16 6.06 -6.49 32.35
N LYS B 17 6.49 -6.13 33.56
CA LYS B 17 6.19 -4.82 34.12
C LYS B 17 7.20 -3.78 33.62
N GLY B 18 7.06 -2.57 34.15
CA GLY B 18 7.97 -1.49 33.83
C GLY B 18 7.55 -0.62 32.66
N TYR B 19 6.33 -0.79 32.15
CA TYR B 19 5.87 -0.03 31.00
C TYR B 19 5.04 1.18 31.44
N LEU B 20 4.91 2.14 30.53
CA LEU B 20 4.11 3.33 30.75
C LEU B 20 3.01 3.39 29.70
N SER B 21 1.84 3.86 30.11
CA SER B 21 0.67 3.85 29.24
C SER B 21 0.59 5.09 28.38
N ALA B 22 0.00 4.92 27.19
CA ALA B 22 -0.52 6.01 26.38
C ALA B 22 -1.85 5.52 25.80
N LEU B 23 -2.91 5.73 26.55
CA LEU B 23 -4.22 5.18 26.19
C LEU B 23 -5.02 6.21 25.41
N ARG B 24 -5.49 5.83 24.23
CA ARG B 24 -6.34 6.70 23.43
C ARG B 24 -7.75 6.68 24.01
N THR B 25 -8.15 7.77 24.66
CA THR B 25 -9.47 7.87 25.25
C THR B 25 -10.42 8.75 24.46
N GLY B 26 -9.94 9.48 23.46
CA GLY B 26 -10.79 10.32 22.67
C GLY B 26 -10.23 10.54 21.28
N TRP B 27 -10.91 11.38 20.50
CA TRP B 27 -10.51 11.68 19.13
C TRP B 27 -10.45 13.19 18.95
N TYR B 28 -9.55 13.63 18.08
CA TYR B 28 -9.46 15.03 17.68
C TYR B 28 -9.58 15.10 16.16
N THR B 29 -10.66 15.71 15.68
CA THR B 29 -10.97 15.76 14.26
C THR B 29 -10.61 17.14 13.72
N SER B 30 -9.79 17.17 12.69
CA SER B 30 -9.40 18.39 12.01
C SER B 30 -9.71 18.25 10.53
N VAL B 31 -10.07 19.37 9.90
CA VAL B 31 -10.45 19.39 8.49
C VAL B 31 -9.25 19.85 7.68
N ILE B 32 -8.75 18.98 6.81
CA ILE B 32 -7.67 19.31 5.89
C ILE B 32 -8.28 19.60 4.53
N THR B 33 -8.06 20.81 4.02
CA THR B 33 -8.70 21.24 2.79
C THR B 33 -7.66 21.49 1.71
N ILE B 34 -8.02 21.13 0.48
CA ILE B 34 -7.25 21.42 -0.71
C ILE B 34 -8.16 22.20 -1.66
N GLU B 35 -7.81 23.44 -1.96
CA GLU B 35 -8.61 24.25 -2.87
C GLU B 35 -8.32 23.84 -4.30
N LEU B 36 -9.37 23.47 -5.03
CA LEU B 36 -9.24 22.91 -6.37
C LEU B 36 -9.67 23.93 -7.40
N SER B 37 -8.97 23.92 -8.54
CA SER B 37 -9.34 24.78 -9.65
C SER B 37 -10.51 24.16 -10.42
N ASN B 38 -11.39 25.02 -10.93
CA ASN B 38 -12.51 24.57 -11.75
C ASN B 38 -12.19 24.60 -13.24
N ILE B 39 -10.90 24.48 -13.59
CA ILE B 39 -10.51 24.50 -14.99
C ILE B 39 -10.99 23.24 -15.69
N LYS B 40 -11.47 23.39 -16.92
CA LYS B 40 -11.91 22.28 -17.74
C LYS B 40 -10.86 21.80 -18.73
N GLU B 41 -10.09 22.73 -19.32
CA GLU B 41 -9.00 22.38 -20.21
C GLU B 41 -8.23 23.66 -20.54
N ILE B 42 -7.09 23.47 -21.20
CA ILE B 42 -6.40 24.61 -21.80
C ILE B 42 -7.11 24.96 -23.11
N LYS B 43 -7.46 26.24 -23.25
CA LYS B 43 -8.30 26.65 -24.37
C LYS B 43 -7.64 26.37 -25.72
N CYS B 44 -6.36 26.66 -25.84
CA CYS B 44 -5.69 26.55 -27.14
C CYS B 44 -5.34 25.10 -27.45
N ASN B 45 -5.05 24.86 -28.73
CA ASN B 45 -4.49 23.61 -29.20
C ASN B 45 -3.26 23.90 -30.04
N GLY B 46 -2.26 23.04 -29.94
CA GLY B 46 -1.01 23.26 -30.65
C GLY B 46 -0.17 22.02 -30.68
N THR B 47 0.98 22.14 -31.34
CA THR B 47 1.90 21.03 -31.52
C THR B 47 3.07 21.04 -30.54
N ASP B 48 3.04 21.90 -29.53
CA ASP B 48 4.13 21.94 -28.56
C ASP B 48 4.13 20.67 -27.71
N ALA B 49 5.30 20.05 -27.55
CA ALA B 49 5.39 18.83 -26.77
C ALA B 49 5.22 19.09 -25.29
N LYS B 50 5.67 20.24 -24.80
CA LYS B 50 5.57 20.55 -23.37
C LYS B 50 4.12 20.80 -22.96
N VAL B 51 3.35 21.49 -23.82
CA VAL B 51 1.95 21.76 -23.49
C VAL B 51 1.15 20.47 -23.47
N LYS B 52 1.48 19.52 -24.36
CA LYS B 52 0.82 18.23 -24.32
C LYS B 52 1.07 17.52 -23.00
N LEU B 53 2.28 17.66 -22.45
CA LEU B 53 2.56 17.11 -21.13
C LEU B 53 1.70 17.79 -20.06
N ILE B 54 1.50 19.11 -20.18
CA ILE B 54 0.64 19.82 -19.25
C ILE B 54 -0.80 19.36 -19.37
N LYS B 55 -1.27 19.18 -20.61
CA LYS B 55 -2.63 18.67 -20.82
C LYS B 55 -2.78 17.27 -20.25
N GLN B 56 -1.75 16.43 -20.42
CA GLN B 56 -1.78 15.10 -19.83
C GLN B 56 -1.84 15.17 -18.31
N GLU B 57 -1.11 16.11 -17.71
CA GLU B 57 -1.16 16.28 -16.27
C GLU B 57 -2.47 16.90 -15.82
N LEU B 58 -3.04 17.80 -16.63
CA LEU B 58 -4.37 18.34 -16.33
C LEU B 58 -5.43 17.24 -16.41
N ASP B 59 -5.30 16.33 -17.36
CA ASP B 59 -6.24 15.21 -17.43
C ASP B 59 -6.13 14.33 -16.19
N LYS B 60 -4.92 14.14 -15.67
CA LYS B 60 -4.76 13.47 -14.39
C LYS B 60 -5.43 14.25 -13.28
N TYR B 61 -5.30 15.57 -13.31
CA TYR B 61 -5.93 16.42 -12.31
C TYR B 61 -7.45 16.32 -12.39
N LYS B 62 -8.01 16.45 -13.59
CA LYS B 62 -9.46 16.40 -13.75
C LYS B 62 -10.01 15.03 -13.40
N ASN B 63 -9.33 13.97 -13.81
CA ASN B 63 -9.79 12.63 -13.47
C ASN B 63 -9.71 12.39 -11.96
N ALA B 64 -8.70 12.97 -11.30
CA ALA B 64 -8.62 12.85 -9.86
C ALA B 64 -9.81 13.50 -9.18
N VAL B 65 -10.21 14.69 -9.65
CA VAL B 65 -11.41 15.34 -9.13
C VAL B 65 -12.65 14.52 -9.43
N THR B 66 -12.74 14.00 -10.66
CA THR B 66 -13.88 13.17 -11.04
C THR B 66 -13.93 11.88 -10.22
N GLU B 67 -12.77 11.29 -9.95
CA GLU B 67 -12.73 10.10 -9.10
C GLU B 67 -13.22 10.41 -7.70
N LEU B 68 -12.83 11.55 -7.15
CA LEU B 68 -13.27 11.93 -5.81
C LEU B 68 -14.77 12.21 -5.77
N GLN B 69 -15.30 12.81 -6.83
CA GLN B 69 -16.74 13.09 -6.88
C GLN B 69 -17.58 11.82 -6.92
N LEU B 70 -16.99 10.69 -7.31
CA LEU B 70 -17.71 9.42 -7.29
C LEU B 70 -17.75 8.78 -5.91
N LEU B 71 -17.05 9.34 -4.94
CA LEU B 71 -17.04 8.78 -3.59
C LEU B 71 -18.24 9.26 -2.79
N VAL B 119 -18.34 -2.92 21.05
CA VAL B 119 -18.09 -2.85 19.62
C VAL B 119 -17.48 -1.50 19.25
N GLY B 120 -18.32 -0.47 19.15
CA GLY B 120 -17.85 0.86 18.85
C GLY B 120 -17.73 1.12 17.37
N SER B 121 -17.50 2.39 17.02
CA SER B 121 -17.31 2.80 15.64
C SER B 121 -16.10 3.74 15.60
N ALA B 122 -15.07 3.32 14.87
CA ALA B 122 -13.79 4.01 14.94
C ALA B 122 -13.80 5.37 14.23
N ILE B 123 -14.71 5.60 13.30
CA ILE B 123 -14.75 6.83 12.53
C ILE B 123 -16.01 7.63 12.82
N ALA B 124 -16.70 7.36 13.93
CA ALA B 124 -17.92 8.09 14.25
C ALA B 124 -17.66 9.58 14.46
N SER B 125 -16.46 9.92 14.96
CA SER B 125 -16.13 11.33 15.16
C SER B 125 -15.85 12.04 13.84
N GLY B 126 -15.11 11.40 12.94
CA GLY B 126 -14.81 12.01 11.66
C GLY B 126 -15.97 11.99 10.70
N VAL B 127 -16.81 10.95 10.79
CA VAL B 127 -18.02 10.90 9.97
C VAL B 127 -18.98 12.02 10.38
N ALA B 128 -19.10 12.27 11.68
CA ALA B 128 -19.98 13.33 12.16
C ALA B 128 -19.55 14.69 11.63
N VAL B 129 -18.25 14.96 11.63
CA VAL B 129 -17.74 16.22 11.09
C VAL B 129 -17.95 16.26 9.58
N SER B 130 -17.77 15.13 8.91
CA SER B 130 -17.96 15.08 7.47
C SER B 130 -19.41 15.35 7.09
N LYS B 131 -20.36 14.81 7.85
CA LYS B 131 -21.77 15.01 7.56
C LYS B 131 -22.20 16.46 7.79
N VAL B 132 -21.55 17.16 8.71
CA VAL B 132 -21.87 18.57 8.92
C VAL B 132 -21.39 19.40 7.74
N LEU B 133 -20.21 19.09 7.21
CA LEU B 133 -19.69 19.82 6.06
C LEU B 133 -20.58 19.68 4.83
N HIS B 134 -21.37 18.61 4.75
CA HIS B 134 -22.30 18.43 3.64
C HIS B 134 -23.53 19.31 3.75
N LEU B 135 -23.79 19.89 4.93
CA LEU B 135 -24.92 20.78 5.08
C LEU B 135 -24.73 22.05 4.26
N GLU B 136 -25.85 22.61 3.80
CA GLU B 136 -25.80 23.82 2.98
C GLU B 136 -25.19 24.98 3.75
N GLY B 137 -24.23 25.66 3.14
CA GLY B 137 -23.61 26.82 3.72
C GLY B 137 -22.40 26.55 4.59
N GLU B 138 -22.15 25.28 4.96
CA GLU B 138 -21.00 24.96 5.79
C GLU B 138 -19.70 25.01 5.00
N VAL B 139 -19.76 24.75 3.70
CA VAL B 139 -18.55 24.83 2.87
C VAL B 139 -18.09 26.27 2.74
N ASN B 140 -19.03 27.22 2.66
CA ASN B 140 -18.65 28.62 2.51
C ASN B 140 -18.05 29.19 3.79
N LYS B 141 -18.38 28.61 4.95
CA LYS B 141 -17.70 29.00 6.18
C LYS B 141 -16.22 28.70 6.09
N ILE B 142 -15.86 27.52 5.58
CA ILE B 142 -14.46 27.15 5.41
C ILE B 142 -13.82 28.01 4.34
N LYS B 143 -14.56 28.28 3.26
CA LYS B 143 -14.03 29.10 2.18
C LYS B 143 -13.68 30.51 2.65
N SER B 144 -14.55 31.11 3.46
CA SER B 144 -14.30 32.45 3.96
C SER B 144 -13.27 32.48 5.08
N ALA B 145 -13.24 31.44 5.92
CA ALA B 145 -12.27 31.39 7.01
C ALA B 145 -10.85 31.31 6.49
N LEU B 146 -10.62 30.49 5.47
CA LEU B 146 -9.30 30.32 4.88
C LEU B 146 -9.05 31.27 3.72
N LEU B 147 -9.77 32.40 3.67
CA LEU B 147 -9.60 33.33 2.56
C LEU B 147 -8.26 34.06 2.63
N SER B 148 -7.80 34.38 3.84
CA SER B 148 -6.56 35.12 4.04
C SER B 148 -5.53 34.35 4.84
N THR B 149 -5.86 33.15 5.31
CA THR B 149 -4.94 32.37 6.13
C THR B 149 -5.08 30.90 5.78
N ASN B 150 -4.04 30.13 6.08
CA ASN B 150 -4.04 28.70 5.81
C ASN B 150 -4.51 27.87 6.98
N LYS B 151 -4.72 28.48 8.15
CA LYS B 151 -5.27 27.80 9.30
C LYS B 151 -6.35 28.65 9.94
N ALA B 152 -7.46 28.01 10.32
CA ALA B 152 -8.57 28.72 10.93
C ALA B 152 -9.39 27.74 11.74
N VAL B 153 -10.11 28.27 12.72
CA VAL B 153 -11.08 27.51 13.50
C VAL B 153 -12.47 27.94 13.06
N VAL B 154 -13.28 26.98 12.65
CA VAL B 154 -14.58 27.25 12.05
C VAL B 154 -15.65 26.65 12.96
N SER B 155 -16.65 27.45 13.30
CA SER B 155 -17.77 27.00 14.12
C SER B 155 -18.87 26.50 13.19
N LEU B 156 -19.19 25.21 13.28
CA LEU B 156 -20.13 24.58 12.36
C LEU B 156 -21.56 24.71 12.88
N SER B 157 -22.47 24.05 12.18
CA SER B 157 -23.89 24.14 12.54
C SER B 157 -24.17 23.52 13.91
N ASN B 158 -23.51 22.42 14.24
CA ASN B 158 -23.70 21.77 15.53
C ASN B 158 -23.11 22.57 16.67
N GLY B 159 -22.36 23.62 16.39
CA GLY B 159 -21.69 24.39 17.42
C GLY B 159 -20.28 23.97 17.71
N VAL B 160 -19.85 22.80 17.20
CA VAL B 160 -18.48 22.36 17.41
C VAL B 160 -17.54 23.23 16.58
N SER B 161 -16.38 23.54 17.16
CA SER B 161 -15.35 24.32 16.49
C SER B 161 -14.21 23.39 16.10
N VAL B 162 -13.91 23.33 14.82
CA VAL B 162 -12.89 22.43 14.28
C VAL B 162 -11.78 23.27 13.67
N LEU B 163 -10.53 22.88 13.93
CA LEU B 163 -9.39 23.54 13.32
C LEU B 163 -9.29 23.12 11.86
N THR B 164 -9.38 24.09 10.96
CA THR B 164 -9.31 23.85 9.54
C THR B 164 -7.98 24.37 9.01
N SER B 165 -7.30 23.54 8.21
CA SER B 165 -6.02 23.91 7.65
C SER B 165 -5.99 23.61 6.16
N LYS B 166 -5.51 24.55 5.37
CA LYS B 166 -5.39 24.39 3.93
C LYS B 166 -3.94 24.03 3.60
N VAL B 167 -3.69 22.76 3.30
CA VAL B 167 -2.34 22.29 3.06
C VAL B 167 -1.88 22.46 1.62
N LEU B 168 -2.81 22.59 0.68
CA LEU B 168 -2.45 22.77 -0.71
C LEU B 168 -3.54 23.61 -1.38
N ASP B 169 -3.12 24.49 -2.27
CA ASP B 169 -4.04 25.39 -2.98
C ASP B 169 -3.77 25.20 -4.48
N LEU B 170 -4.43 24.21 -5.07
CA LEU B 170 -4.30 23.99 -6.51
C LEU B 170 -5.08 25.02 -7.31
N LYS B 171 -6.10 25.63 -6.72
CA LYS B 171 -6.82 26.71 -7.40
C LYS B 171 -5.90 27.89 -7.66
N ASN B 172 -5.08 28.25 -6.69
CA ASN B 172 -4.14 29.34 -6.87
C ASN B 172 -3.06 28.98 -7.89
N TYR B 173 -2.51 27.77 -7.79
CA TYR B 173 -1.40 27.39 -8.65
C TYR B 173 -1.84 27.28 -10.10
N ILE B 174 -2.95 26.58 -10.35
CA ILE B 174 -3.38 26.35 -11.72
C ILE B 174 -3.87 27.66 -12.35
N ASP B 175 -4.70 28.41 -11.63
CA ASP B 175 -5.32 29.60 -12.21
C ASP B 175 -4.34 30.76 -12.31
N LYS B 176 -3.46 30.92 -11.32
CA LYS B 176 -2.60 32.10 -11.24
C LYS B 176 -1.16 31.84 -11.64
N GLN B 177 -0.63 30.63 -11.41
CA GLN B 177 0.77 30.35 -11.67
C GLN B 177 1.01 29.39 -12.82
N LEU B 178 -0.02 28.69 -13.31
CA LEU B 178 0.12 27.75 -14.42
C LEU B 178 -0.49 28.27 -15.70
N LEU B 179 -1.77 28.63 -15.68
CA LEU B 179 -2.44 29.11 -16.88
C LEU B 179 -1.82 30.37 -17.47
N PRO B 180 -1.46 31.40 -16.68
CA PRO B 180 -0.79 32.56 -17.29
C PRO B 180 0.52 32.23 -17.97
N ILE B 181 1.19 31.13 -17.59
CA ILE B 181 2.42 30.74 -18.26
C ILE B 181 2.13 30.29 -19.68
N VAL B 182 1.01 29.61 -19.90
CA VAL B 182 0.68 29.08 -21.22
C VAL B 182 0.39 30.23 -22.17
N ASN B 183 1.22 30.37 -23.21
CA ASN B 183 1.01 31.37 -24.24
C ASN B 183 -0.10 30.89 -25.17
N LYS B 184 -1.31 31.39 -24.97
CA LYS B 184 -2.48 30.87 -25.68
C LYS B 184 -2.37 31.07 -27.19
N GLN B 185 -1.70 32.13 -27.64
CA GLN B 185 -1.59 32.38 -29.07
C GLN B 185 -0.72 31.33 -29.76
N SER B 186 0.46 31.04 -29.21
CA SER B 186 1.32 30.01 -29.76
C SER B 186 1.04 28.64 -29.16
N CYS B 187 0.27 28.56 -28.08
CA CYS B 187 0.00 27.33 -27.35
C CYS B 187 1.30 26.62 -27.00
N SER B 188 2.22 27.39 -26.42
CA SER B 188 3.55 26.90 -26.09
C SER B 188 3.91 27.35 -24.69
N ILE B 189 4.81 26.60 -24.06
CA ILE B 189 5.35 26.91 -22.74
C ILE B 189 6.85 27.11 -22.88
N PRO B 190 7.42 28.18 -22.31
CA PRO B 190 8.84 28.46 -22.56
C PRO B 190 9.78 27.42 -21.96
N ASN B 191 9.54 26.98 -20.73
CA ASN B 191 10.52 26.17 -20.01
C ASN B 191 9.88 24.87 -19.53
N ILE B 192 10.65 23.79 -19.60
CA ILE B 192 10.18 22.47 -19.19
C ILE B 192 9.98 22.38 -17.69
N GLU B 193 10.66 23.22 -16.90
CA GLU B 193 10.55 23.14 -15.45
C GLU B 193 9.12 23.38 -14.98
N THR B 194 8.33 24.11 -15.78
CA THR B 194 6.92 24.29 -15.45
C THR B 194 6.19 22.95 -15.45
N VAL B 195 6.50 22.08 -16.41
CA VAL B 195 5.89 20.76 -16.45
C VAL B 195 6.28 19.95 -15.22
N ILE B 196 7.57 20.01 -14.84
CA ILE B 196 8.04 19.19 -13.74
C ILE B 196 7.45 19.64 -12.42
N GLU B 197 7.36 20.96 -12.19
CA GLU B 197 6.82 21.45 -10.93
C GLU B 197 5.31 21.27 -10.88
N PHE B 198 4.63 21.29 -12.02
CA PHE B 198 3.21 20.97 -12.04
C PHE B 198 2.97 19.52 -11.63
N GLN B 199 3.84 18.60 -12.09
CA GLN B 199 3.72 17.21 -11.68
C GLN B 199 3.92 17.07 -10.18
N GLN B 200 4.83 17.85 -9.60
CA GLN B 200 5.08 17.77 -8.16
C GLN B 200 3.89 18.29 -7.36
N LYS B 201 3.33 19.43 -7.75
CA LYS B 201 2.17 19.98 -7.05
C LYS B 201 0.97 19.05 -7.17
N ASN B 202 0.75 18.51 -8.37
CA ASN B 202 -0.42 17.66 -8.59
C ASN B 202 -0.22 16.27 -8.00
N ASN B 203 1.02 15.90 -7.69
CA ASN B 203 1.31 14.55 -7.22
C ASN B 203 0.58 14.23 -5.93
N ARG B 204 0.52 15.18 -5.00
CA ARG B 204 -0.13 14.92 -3.72
C ARG B 204 -1.62 14.68 -3.91
N LEU B 205 -2.26 15.42 -4.81
CA LEU B 205 -3.68 15.21 -5.09
C LEU B 205 -3.92 13.82 -5.67
N LEU B 206 -3.07 13.40 -6.60
CA LEU B 206 -3.25 12.09 -7.24
C LEU B 206 -3.10 10.97 -6.23
N GLU B 207 -2.15 11.09 -5.31
CA GLU B 207 -1.95 10.05 -4.31
C GLU B 207 -3.06 10.05 -3.27
N ILE B 208 -3.57 11.23 -2.92
CA ILE B 208 -4.73 11.30 -2.01
C ILE B 208 -5.94 10.67 -2.66
N THR B 209 -6.17 10.97 -3.95
CA THR B 209 -7.25 10.33 -4.68
C THR B 209 -7.04 8.83 -4.78
N ARG B 210 -5.79 8.42 -4.98
CA ARG B 210 -5.46 7.00 -5.13
C ARG B 210 -5.78 6.23 -3.85
N GLU B 211 -5.48 6.82 -2.69
CA GLU B 211 -5.71 6.14 -1.42
C GLU B 211 -7.20 6.07 -1.09
N PHE B 212 -7.94 7.15 -1.38
CA PHE B 212 -9.37 7.14 -1.11
C PHE B 212 -10.12 6.21 -2.04
N SER B 213 -9.64 6.05 -3.28
CA SER B 213 -10.32 5.20 -4.24
C SER B 213 -10.31 3.74 -3.80
N VAL B 214 -9.18 3.26 -3.29
CA VAL B 214 -9.07 1.86 -2.91
C VAL B 214 -9.54 1.61 -1.48
N ASN B 215 -9.63 2.65 -0.66
CA ASN B 215 -10.08 2.49 0.72
C ASN B 215 -11.53 2.91 0.91
N ALA B 216 -12.24 3.25 -0.17
CA ALA B 216 -13.64 3.69 -0.11
C ALA B 216 -13.80 4.92 0.78
N GLY B 217 -12.84 5.83 0.70
CA GLY B 217 -12.94 7.11 1.36
C GLY B 217 -12.53 7.16 2.82
N VAL B 218 -12.08 6.05 3.39
CA VAL B 218 -11.63 6.02 4.78
C VAL B 218 -10.32 5.24 4.83
N THR B 219 -9.21 5.94 5.06
CA THR B 219 -7.88 5.34 5.04
C THR B 219 -7.28 5.35 6.44
N THR B 220 -6.70 4.23 6.84
CA THR B 220 -5.93 4.10 8.07
C THR B 220 -4.84 3.08 7.83
N PRO B 221 -3.58 3.39 8.22
CA PRO B 221 -3.09 4.61 8.84
C PRO B 221 -3.10 5.82 7.92
N VAL B 222 -3.02 7.01 8.51
CA VAL B 222 -2.97 8.25 7.73
C VAL B 222 -1.58 8.36 7.13
N SER B 223 -1.50 8.26 5.81
CA SER B 223 -0.22 8.27 5.13
C SER B 223 0.40 9.67 5.17
N THR B 224 1.60 9.78 4.61
CA THR B 224 2.29 11.05 4.53
C THR B 224 1.73 11.96 3.43
N TYR B 225 0.97 11.40 2.50
CA TYR B 225 0.28 12.23 1.52
C TYR B 225 -0.93 12.95 2.14
N MET B 226 -1.69 12.24 2.96
CA MET B 226 -2.82 12.86 3.65
C MET B 226 -2.33 13.96 4.59
N LEU B 227 -1.28 13.68 5.34
CA LEU B 227 -0.80 14.58 6.38
C LEU B 227 0.70 14.36 6.53
N THR B 228 1.50 15.29 6.01
CA THR B 228 2.95 15.14 6.09
C THR B 228 3.41 15.25 7.53
N ASN B 229 4.68 14.87 7.75
CA ASN B 229 5.21 14.85 9.11
C ASN B 229 5.26 16.25 9.72
N SER B 230 5.66 17.25 8.92
CA SER B 230 5.63 18.62 9.42
C SER B 230 4.22 19.07 9.73
N GLU B 231 3.26 18.73 8.88
CA GLU B 231 1.87 19.08 9.12
C GLU B 231 1.31 18.35 10.34
N LEU B 232 1.66 17.07 10.49
CA LEU B 232 1.21 16.33 11.67
C LEU B 232 1.84 16.86 12.94
N LEU B 233 3.12 17.22 12.89
CA LEU B 233 3.78 17.79 14.07
C LEU B 233 3.18 19.13 14.44
N SER B 234 2.92 19.99 13.44
CA SER B 234 2.30 21.27 13.72
C SER B 234 0.86 21.11 14.18
N LEU B 235 0.14 20.14 13.62
CA LEU B 235 -1.24 19.90 14.04
C LEU B 235 -1.31 19.49 15.51
N ILE B 236 -0.36 18.64 15.95
CA ILE B 236 -0.33 18.23 17.35
C ILE B 236 -0.08 19.44 18.25
N ASN B 237 0.84 20.33 17.83
CA ASN B 237 1.12 21.52 18.61
C ASN B 237 -0.09 22.43 18.68
N ASP B 238 -0.92 22.43 17.64
CA ASP B 238 -2.10 23.30 17.56
C ASP B 238 -3.31 22.70 18.27
N MET B 239 -3.21 21.49 18.78
CA MET B 239 -4.36 20.93 19.48
C MET B 239 -4.49 21.55 20.87
N PRO B 240 -5.72 21.76 21.35
CA PRO B 240 -5.91 22.32 22.70
C PRO B 240 -5.77 21.27 23.79
N ILE B 241 -4.55 20.76 23.95
CA ILE B 241 -4.25 19.71 24.91
C ILE B 241 -3.03 20.12 25.72
N THR B 242 -2.83 19.41 26.84
CA THR B 242 -1.73 19.72 27.73
C THR B 242 -0.39 19.38 27.09
N ASN B 243 0.68 19.94 27.65
CA ASN B 243 2.01 19.77 27.06
C ASN B 243 2.51 18.35 27.22
N ASP B 244 2.05 17.62 28.24
CA ASP B 244 2.47 16.23 28.38
C ASP B 244 1.96 15.38 27.23
N GLN B 245 0.73 15.63 26.78
CA GLN B 245 0.20 14.92 25.62
C GLN B 245 0.91 15.33 24.34
N LYS B 246 1.23 16.61 24.21
CA LYS B 246 1.93 17.07 23.01
C LYS B 246 3.33 16.47 22.91
N LYS B 247 4.03 16.38 24.03
CA LYS B 247 5.35 15.73 24.03
C LYS B 247 5.24 14.25 23.69
N LEU B 248 4.22 13.59 24.24
CA LEU B 248 4.02 12.16 23.96
C LEU B 248 3.73 11.93 22.49
N MET B 249 2.84 12.73 21.89
CA MET B 249 2.45 12.52 20.51
C MET B 249 3.58 12.91 19.55
N SER B 250 4.32 13.97 19.89
CA SER B 250 5.39 14.41 19.00
C SER B 250 6.55 13.42 18.96
N ASN B 251 6.84 12.76 20.08
CA ASN B 251 7.92 11.78 20.11
C ASN B 251 7.54 10.48 19.42
N ASN B 252 6.25 10.21 19.26
CA ASN B 252 5.76 8.95 18.71
C ASN B 252 4.80 9.20 17.56
N VAL B 253 5.19 10.05 16.61
CA VAL B 253 4.31 10.38 15.49
C VAL B 253 4.02 9.15 14.64
N GLN B 254 4.93 8.17 14.63
CA GLN B 254 4.68 6.96 13.86
C GLN B 254 3.52 6.15 14.45
N ILE B 255 3.37 6.17 15.78
CA ILE B 255 2.24 5.51 16.40
C ILE B 255 0.97 6.31 16.17
N VAL B 256 1.07 7.63 16.13
CA VAL B 256 -0.09 8.48 15.94
C VAL B 256 -0.73 8.21 14.57
N ARG B 257 0.09 8.04 13.54
CA ARG B 257 -0.43 7.73 12.22
C ARG B 257 -1.18 6.40 12.22
N GLN B 258 -0.62 5.38 12.88
CA GLN B 258 -1.23 4.06 12.86
C GLN B 258 -2.58 4.05 13.57
N GLN B 259 -2.79 4.97 14.52
CA GLN B 259 -4.05 5.05 15.24
C GLN B 259 -4.97 6.13 14.70
N SER B 260 -4.60 6.82 13.63
CA SER B 260 -5.41 7.88 13.06
C SER B 260 -6.24 7.37 11.89
N TYR B 261 -7.21 8.18 11.50
CA TYR B 261 -8.05 7.91 10.34
C TYR B 261 -8.17 9.16 9.48
N SER B 262 -8.36 8.95 8.18
CA SER B 262 -8.64 10.04 7.24
C SER B 262 -9.95 9.73 6.55
N ILE B 263 -10.89 10.65 6.61
CA ILE B 263 -12.24 10.47 6.07
C ILE B 263 -12.46 11.50 4.97
N MET B 264 -12.72 11.03 3.76
CA MET B 264 -13.06 11.92 2.65
C MET B 264 -14.43 12.53 2.89
N SER B 265 -14.51 13.86 2.86
CA SER B 265 -15.72 14.53 3.32
C SER B 265 -16.45 15.23 2.17
N ILE B 266 -15.82 16.21 1.52
CA ILE B 266 -16.52 16.99 0.51
C ILE B 266 -15.60 17.24 -0.68
N ILE B 267 -16.23 17.38 -1.85
CA ILE B 267 -15.51 17.69 -3.09
C ILE B 267 -16.25 18.82 -3.80
N LYS B 268 -17.06 19.56 -3.05
CA LYS B 268 -17.98 20.53 -3.63
C LYS B 268 -17.45 21.94 -3.50
N GLU B 269 -17.81 22.77 -4.48
CA GLU B 269 -17.48 24.21 -4.49
C GLU B 269 -15.97 24.44 -4.45
N GLU B 270 -15.25 23.78 -5.34
CA GLU B 270 -13.81 23.95 -5.52
C GLU B 270 -13.02 23.66 -4.26
N VAL B 271 -13.53 22.81 -3.38
CA VAL B 271 -12.86 22.49 -2.12
C VAL B 271 -12.82 20.98 -1.96
N LEU B 272 -11.62 20.44 -1.82
CA LEU B 272 -11.42 19.07 -1.39
C LEU B 272 -11.05 19.05 0.08
N ALA B 273 -11.97 18.59 0.92
CA ALA B 273 -11.75 18.58 2.36
C ALA B 273 -11.95 17.17 2.89
N TYR B 274 -10.99 16.71 3.68
CA TYR B 274 -11.08 15.43 4.34
C TYR B 274 -10.76 15.59 5.81
N VAL B 275 -11.49 14.87 6.65
CA VAL B 275 -11.36 14.97 8.10
C VAL B 275 -10.30 13.99 8.57
N VAL B 276 -9.25 14.51 9.20
CA VAL B 276 -8.24 13.67 9.82
C VAL B 276 -8.60 13.50 11.29
N GLN B 277 -8.70 12.25 11.74
CA GLN B 277 -9.20 11.91 13.06
C GLN B 277 -8.04 11.45 13.93
N LEU B 278 -7.35 12.39 14.57
CA LEU B 278 -6.18 12.11 15.38
C LEU B 278 -6.59 11.52 16.74
N PRO B 279 -5.74 10.69 17.33
CA PRO B 279 -6.05 10.12 18.64
C PRO B 279 -5.74 11.09 19.77
N LEU B 280 -6.51 10.99 20.84
CA LEU B 280 -6.29 11.76 22.05
C LEU B 280 -5.89 10.82 23.18
N TYR B 281 -4.74 11.08 23.80
CA TYR B 281 -4.20 10.22 24.86
C TYR B 281 -4.45 10.90 26.20
N GLY B 282 -5.63 10.66 26.76
CA GLY B 282 -5.97 11.25 28.04
C GLY B 282 -5.29 10.61 29.22
N VAL B 283 -4.87 9.36 29.07
CA VAL B 283 -4.19 8.61 30.13
C VAL B 283 -2.75 8.38 29.70
N ILE B 284 -1.81 8.91 30.49
CA ILE B 284 -0.39 8.86 30.16
C ILE B 284 0.39 8.48 31.40
N ASP B 285 1.47 7.72 31.20
CA ASP B 285 2.47 7.44 32.22
C ASP B 285 1.95 6.56 33.35
N THR B 286 0.75 6.01 33.21
CA THR B 286 0.28 5.06 34.21
C THR B 286 0.94 3.70 33.98
N PRO B 287 1.13 2.92 35.04
CA PRO B 287 1.80 1.62 34.90
C PRO B 287 1.02 0.67 34.00
N CYS B 288 1.75 -0.09 33.18
CA CYS B 288 1.21 -1.16 32.37
C CYS B 288 1.99 -2.44 32.64
N TRP B 289 1.31 -3.57 32.49
CA TRP B 289 1.96 -4.87 32.59
C TRP B 289 1.30 -5.84 31.65
N LYS B 290 2.11 -6.57 30.88
CA LYS B 290 1.62 -7.57 29.94
C LYS B 290 1.69 -8.95 30.58
N LEU B 291 0.60 -9.69 30.50
CA LEU B 291 0.52 -11.03 31.06
C LEU B 291 0.69 -12.04 29.93
N HIS B 292 1.82 -12.76 29.96
CA HIS B 292 2.07 -13.85 29.02
C HIS B 292 1.72 -15.17 29.70
N THR B 293 0.98 -16.01 29.00
CA THR B 293 0.53 -17.28 29.57
C THR B 293 0.88 -18.41 28.62
N SER B 294 1.19 -19.56 29.20
CA SER B 294 1.51 -20.77 28.46
C SER B 294 0.80 -21.94 29.12
N PRO B 295 0.48 -22.99 28.36
CA PRO B 295 -0.22 -24.14 28.95
C PRO B 295 0.55 -24.77 30.09
N LEU B 296 -0.17 -25.15 31.13
CA LEU B 296 0.38 -25.83 32.30
C LEU B 296 -0.28 -27.19 32.41
N CYS B 297 0.50 -28.25 32.21
CA CYS B 297 -0.04 -29.60 32.14
C CYS B 297 0.70 -30.50 33.13
N THR B 298 0.00 -31.54 33.58
CA THR B 298 0.63 -32.55 34.43
C THR B 298 1.54 -33.44 33.60
N THR B 299 2.57 -33.98 34.25
CA THR B 299 3.53 -34.85 33.58
C THR B 299 3.62 -36.21 34.28
N ASN B 306 -3.16 -36.80 30.85
CA ASN B 306 -2.80 -35.60 31.58
C ASN B 306 -3.86 -34.52 31.41
N ILE B 307 -3.83 -33.53 32.30
CA ILE B 307 -4.79 -32.42 32.28
C ILE B 307 -4.02 -31.12 32.21
N CYS B 308 -4.45 -30.23 31.33
CA CYS B 308 -3.78 -28.97 31.08
C CYS B 308 -4.60 -27.81 31.62
N LEU B 309 -3.91 -26.74 32.01
CA LEU B 309 -4.53 -25.52 32.50
C LEU B 309 -3.78 -24.33 31.92
N THR B 310 -4.53 -23.32 31.50
CA THR B 310 -3.95 -22.12 30.90
C THR B 310 -4.76 -20.92 31.32
N ARG B 311 -4.07 -19.88 31.79
CA ARG B 311 -4.74 -18.62 32.10
C ARG B 311 -5.07 -17.90 30.80
N THR B 312 -6.36 -17.68 30.57
CA THR B 312 -6.83 -17.10 29.31
C THR B 312 -6.73 -15.58 29.27
N ASP B 313 -6.56 -14.93 30.42
CA ASP B 313 -6.57 -13.48 30.49
C ASP B 313 -5.23 -12.86 30.10
N ARG B 314 -4.67 -13.27 28.97
CA ARG B 314 -3.40 -12.71 28.53
C ARG B 314 -3.63 -11.43 27.76
N GLY B 315 -2.61 -10.59 27.71
CA GLY B 315 -2.68 -9.31 27.04
C GLY B 315 -2.20 -8.19 27.94
N TRP B 316 -2.42 -6.96 27.49
CA TRP B 316 -1.95 -5.78 28.20
C TRP B 316 -2.96 -5.34 29.25
N TYR B 317 -2.45 -4.97 30.42
CA TYR B 317 -3.21 -4.33 31.47
C TYR B 317 -2.56 -2.99 31.81
N CYS B 318 -3.38 -1.97 32.01
CA CYS B 318 -2.87 -0.65 32.36
C CYS B 318 -3.79 0.01 33.36
N ASP B 319 -3.20 0.73 34.32
CA ASP B 319 -3.98 1.46 35.30
C ASP B 319 -4.68 2.65 34.63
N ASN B 320 -5.94 2.86 35.00
CA ASN B 320 -6.73 3.93 34.39
C ASN B 320 -7.81 4.36 35.38
N ALA B 321 -7.64 5.54 35.96
CA ALA B 321 -8.65 6.16 36.83
C ALA B 321 -9.05 5.23 37.97
N GLY B 322 -8.06 4.61 38.61
CA GLY B 322 -8.34 3.73 39.72
C GLY B 322 -8.83 2.36 39.34
N SER B 323 -8.89 2.05 38.05
CA SER B 323 -9.30 0.74 37.56
C SER B 323 -8.29 0.29 36.52
N VAL B 324 -8.34 -1.00 36.20
CA VAL B 324 -7.39 -1.61 35.28
C VAL B 324 -8.07 -1.78 33.92
N SER B 325 -7.45 -1.22 32.89
CA SER B 325 -7.94 -1.43 31.53
C SER B 325 -7.24 -2.63 30.92
N PHE B 326 -8.02 -3.64 30.55
CA PHE B 326 -7.50 -4.88 29.98
C PHE B 326 -7.74 -4.90 28.48
N PHE B 327 -6.69 -5.15 27.71
CA PHE B 327 -6.75 -5.15 26.25
C PHE B 327 -6.44 -6.55 25.74
N PRO B 328 -7.45 -7.35 25.42
CA PRO B 328 -7.17 -8.75 25.03
C PRO B 328 -6.52 -8.88 23.66
N GLN B 329 -6.98 -8.12 22.67
CA GLN B 329 -6.47 -8.25 21.31
C GLN B 329 -5.03 -7.77 21.24
N ALA B 330 -4.20 -8.50 20.48
CA ALA B 330 -2.81 -8.13 20.32
C ALA B 330 -2.63 -6.91 19.41
N GLU B 331 -3.48 -6.75 18.42
CA GLU B 331 -3.37 -5.62 17.51
C GLU B 331 -3.74 -4.30 18.16
N THR B 332 -4.44 -4.34 19.30
CA THR B 332 -4.91 -3.11 19.93
C THR B 332 -3.74 -2.24 20.40
N CYS B 333 -2.72 -2.86 20.99
CA CYS B 333 -1.66 -2.13 21.68
C CYS B 333 -0.40 -2.11 20.83
N LYS B 334 0.08 -0.92 20.51
CA LYS B 334 1.41 -0.75 19.95
C LYS B 334 2.39 -0.45 21.08
N VAL B 335 3.58 -1.02 20.98
CA VAL B 335 4.57 -0.95 22.05
C VAL B 335 5.82 -0.25 21.52
N GLN B 336 6.30 0.72 22.28
CA GLN B 336 7.56 1.42 22.00
C GLN B 336 8.57 1.01 23.05
N SER B 337 9.69 1.73 23.11
CA SER B 337 10.80 1.47 24.02
C SER B 337 10.25 1.04 25.38
N ASN B 338 9.44 1.85 26.04
CA ASN B 338 8.74 1.44 27.25
C ASN B 338 7.31 1.97 27.31
N ARG B 339 6.82 2.56 26.24
CA ARG B 339 5.48 3.13 26.19
C ARG B 339 4.56 2.19 25.43
N VAL B 340 3.39 1.93 25.98
CA VAL B 340 2.39 1.05 25.36
C VAL B 340 1.21 1.91 24.91
N PHE B 341 0.94 1.92 23.61
CA PHE B 341 -0.15 2.70 23.03
C PHE B 341 -1.33 1.76 22.79
N CYS B 342 -2.23 1.73 23.76
CA CYS B 342 -3.41 0.88 23.70
C CYS B 342 -4.65 1.73 23.42
N ASP B 343 -5.46 1.27 22.46
CA ASP B 343 -6.72 1.95 22.14
C ASP B 343 -7.79 1.47 23.11
N THR B 344 -8.43 2.41 23.79
CA THR B 344 -9.40 2.04 24.82
C THR B 344 -10.71 1.53 24.27
N MET B 345 -10.95 1.66 22.96
CA MET B 345 -12.17 1.12 22.37
C MET B 345 -12.20 -0.39 22.48
N ASN B 346 -11.04 -1.04 22.42
CA ASN B 346 -10.93 -2.49 22.55
C ASN B 346 -10.51 -2.90 23.95
N SER B 347 -10.99 -2.19 24.97
CA SER B 347 -10.55 -2.39 26.33
C SER B 347 -11.68 -2.90 27.21
N LEU B 348 -11.31 -3.67 28.22
CA LEU B 348 -12.22 -4.05 29.29
C LEU B 348 -11.80 -3.38 30.60
N THR B 349 -12.77 -2.81 31.30
CA THR B 349 -12.52 -2.12 32.54
C THR B 349 -12.68 -3.11 33.69
N LEU B 350 -11.62 -3.28 34.47
CA LEU B 350 -11.60 -4.28 35.53
C LEU B 350 -11.20 -3.62 36.85
N PRO B 351 -11.63 -4.19 37.97
CA PRO B 351 -11.19 -3.66 39.26
C PRO B 351 -9.70 -3.86 39.46
N SER B 352 -9.12 -3.04 40.34
CA SER B 352 -7.67 -3.09 40.57
C SER B 352 -7.23 -4.42 41.16
N GLU B 353 -8.16 -5.23 41.67
CA GLU B 353 -7.81 -6.52 42.26
C GLU B 353 -7.39 -7.54 41.21
N VAL B 354 -7.53 -7.23 39.92
CA VAL B 354 -7.15 -8.18 38.87
C VAL B 354 -5.66 -8.49 38.93
N ASN B 355 -4.86 -7.56 39.46
CA ASN B 355 -3.42 -7.78 39.57
C ASN B 355 -3.09 -8.88 40.57
N LEU B 356 -4.01 -9.18 41.49
CA LEU B 356 -3.75 -10.18 42.52
C LEU B 356 -3.68 -11.60 41.95
N CYS B 357 -4.19 -11.82 40.74
CA CYS B 357 -4.11 -13.14 40.13
C CYS B 357 -2.68 -13.55 39.86
N ASN B 358 -1.79 -12.58 39.62
CA ASN B 358 -0.39 -12.90 39.37
C ASN B 358 0.29 -13.44 40.61
N VAL B 359 0.03 -12.85 41.77
CA VAL B 359 0.70 -13.26 42.99
C VAL B 359 -0.02 -14.41 43.67
N ASP B 360 -1.34 -14.51 43.50
CA ASP B 360 -2.11 -15.56 44.16
C ASP B 360 -3.28 -15.89 43.24
N ILE B 361 -3.24 -17.08 42.62
CA ILE B 361 -4.28 -17.47 41.68
C ILE B 361 -5.56 -17.84 42.40
N PHE B 362 -5.50 -18.13 43.70
CA PHE B 362 -6.68 -18.47 44.49
C PHE B 362 -7.15 -17.30 45.35
N ASN B 363 -6.85 -16.07 44.95
CA ASN B 363 -7.28 -14.92 45.73
C ASN B 363 -8.80 -14.81 45.72
N PRO B 364 -9.41 -14.46 46.86
CA PRO B 364 -10.86 -14.27 46.88
C PRO B 364 -11.32 -12.95 46.29
N LYS B 365 -10.41 -11.99 46.13
CA LYS B 365 -10.78 -10.66 45.61
C LYS B 365 -11.07 -10.67 44.12
N TYR B 366 -10.69 -11.73 43.40
CA TYR B 366 -10.92 -11.79 41.97
C TYR B 366 -11.06 -13.24 41.56
N ASP B 367 -11.69 -13.44 40.39
CA ASP B 367 -11.92 -14.77 39.82
C ASP B 367 -11.11 -14.85 38.53
N CYS B 368 -9.90 -15.38 38.63
CA CYS B 368 -8.99 -15.42 37.50
C CYS B 368 -9.49 -16.37 36.42
N LYS B 369 -9.36 -15.97 35.16
CA LYS B 369 -9.89 -16.74 34.04
C LYS B 369 -8.87 -17.77 33.57
N ILE B 370 -9.31 -19.03 33.46
CA ILE B 370 -8.48 -20.13 32.99
C ILE B 370 -9.28 -20.98 32.02
N MET B 371 -8.57 -21.76 31.21
CA MET B 371 -9.18 -22.76 30.35
C MET B 371 -8.61 -24.13 30.69
N THR B 372 -9.42 -25.17 30.48
CA THR B 372 -9.05 -26.53 30.81
C THR B 372 -9.20 -27.40 29.57
N SER B 373 -8.22 -28.27 29.35
CA SER B 373 -8.23 -29.15 28.19
C SER B 373 -7.28 -30.31 28.43
N LYS B 374 -7.35 -31.31 27.55
CA LYS B 374 -6.44 -32.44 27.55
C LYS B 374 -5.37 -32.32 26.48
N THR B 375 -5.30 -31.17 25.79
CA THR B 375 -4.38 -31.00 24.67
C THR B 375 -2.96 -30.80 25.18
N ASP B 376 -2.27 -31.90 25.48
CA ASP B 376 -0.91 -31.87 25.99
C ASP B 376 0.10 -31.68 24.87
N VAL B 377 0.14 -30.47 24.30
CA VAL B 377 1.00 -30.16 23.17
C VAL B 377 2.07 -29.18 23.62
N SER B 378 3.33 -29.49 23.31
CA SER B 378 4.44 -28.62 23.68
C SER B 378 4.46 -27.37 22.82
N SER B 379 4.69 -26.23 23.47
CA SER B 379 4.75 -24.94 22.79
C SER B 379 5.53 -23.97 23.67
N SER B 380 5.95 -22.87 23.05
CA SER B 380 6.70 -21.84 23.76
C SER B 380 6.11 -20.47 23.47
N VAL B 381 6.09 -19.62 24.50
CA VAL B 381 5.61 -18.25 24.39
C VAL B 381 6.83 -17.34 24.51
N ILE B 382 7.13 -16.62 23.44
CA ILE B 382 8.28 -15.71 23.43
C ILE B 382 7.84 -14.41 24.08
N THR B 383 8.06 -14.29 25.38
CA THR B 383 7.74 -13.08 26.11
C THR B 383 8.85 -12.05 25.93
N SER B 384 8.65 -10.86 26.49
CA SER B 384 9.73 -9.91 26.60
C SER B 384 10.67 -10.34 27.72
N LEU B 385 11.96 -10.05 27.56
CA LEU B 385 13.00 -10.39 28.53
C LEU B 385 13.08 -11.89 28.80
N GLY B 386 12.64 -12.73 27.87
CA GLY B 386 12.72 -14.16 28.09
C GLY B 386 11.85 -14.99 27.17
N ALA B 387 11.48 -16.18 27.62
CA ALA B 387 10.62 -17.07 26.86
C ALA B 387 10.11 -18.18 27.77
N ILE B 388 8.81 -18.38 27.78
CA ILE B 388 8.20 -19.49 28.50
C ILE B 388 8.19 -20.70 27.58
N VAL B 389 8.68 -21.84 28.07
CA VAL B 389 8.75 -23.07 27.30
C VAL B 389 7.97 -24.14 28.04
N SER B 390 6.93 -24.65 27.38
CA SER B 390 6.16 -25.78 27.89
C SER B 390 6.55 -27.01 27.08
N CYS B 391 7.23 -27.96 27.72
CA CYS B 391 7.70 -29.17 27.06
C CYS B 391 6.94 -30.36 27.62
N TYR B 392 6.28 -31.11 26.73
CA TYR B 392 5.50 -32.27 27.13
C TYR B 392 5.62 -33.35 26.08
N GLY B 393 5.35 -34.59 26.49
CA GLY B 393 5.45 -35.70 25.57
C GLY B 393 6.91 -36.03 25.26
N LYS B 394 7.12 -36.59 24.06
CA LYS B 394 8.47 -36.95 23.63
C LYS B 394 9.17 -35.82 22.90
N THR B 395 8.51 -34.68 22.70
CA THR B 395 9.12 -33.55 22.02
C THR B 395 10.28 -33.01 22.82
N LYS B 396 11.40 -32.77 22.14
CA LYS B 396 12.58 -32.23 22.81
C LYS B 396 12.61 -30.72 22.68
N CYS B 397 12.82 -30.04 23.81
CA CYS B 397 12.89 -28.59 23.85
C CYS B 397 14.24 -28.17 24.39
N THR B 398 14.89 -27.26 23.68
CA THR B 398 16.21 -26.79 24.07
C THR B 398 16.28 -25.28 23.91
N ALA B 399 17.15 -24.66 24.72
CA ALA B 399 17.48 -23.25 24.60
C ALA B 399 18.93 -23.14 24.15
N SER B 400 19.17 -22.28 23.15
CA SER B 400 20.46 -22.24 22.50
C SER B 400 21.03 -20.84 22.53
N ASN B 401 22.36 -20.77 22.49
CA ASN B 401 23.10 -19.52 22.38
C ASN B 401 23.81 -19.50 21.03
N LYS B 402 24.07 -18.30 20.52
CA LYS B 402 24.68 -18.17 19.20
C LYS B 402 26.07 -18.83 19.16
N ASN B 403 26.86 -18.62 20.21
CA ASN B 403 28.22 -19.15 20.23
C ASN B 403 28.29 -20.51 20.91
N ARG B 404 27.80 -20.60 22.15
CA ARG B 404 27.92 -21.82 22.94
C ARG B 404 26.99 -22.93 22.46
N GLY B 405 26.06 -22.64 21.56
CA GLY B 405 25.14 -23.68 21.11
C GLY B 405 24.07 -23.96 22.14
N ILE B 406 23.62 -25.21 22.18
CA ILE B 406 22.58 -25.61 23.12
C ILE B 406 23.11 -25.48 24.53
N ILE B 407 22.52 -24.56 25.30
CA ILE B 407 22.95 -24.33 26.67
C ILE B 407 22.00 -24.92 27.70
N LYS B 408 20.80 -25.32 27.30
CA LYS B 408 19.83 -25.88 28.22
C LYS B 408 18.88 -26.81 27.47
N THR B 409 18.53 -27.92 28.11
CA THR B 409 17.52 -28.84 27.59
C THR B 409 16.35 -28.86 28.57
N PHE B 410 15.18 -28.46 28.09
CA PHE B 410 14.02 -28.35 28.95
C PHE B 410 13.44 -29.73 29.25
N SER B 411 13.17 -29.98 30.53
CA SER B 411 12.51 -31.20 30.93
C SER B 411 11.00 -31.05 30.77
N ASN B 412 10.27 -32.11 31.12
CA ASN B 412 8.82 -32.05 31.07
C ASN B 412 8.28 -31.05 32.09
N GLY B 413 7.36 -30.21 31.63
CA GLY B 413 6.79 -29.16 32.44
C GLY B 413 6.95 -27.81 31.78
N CYS B 414 6.59 -26.77 32.52
CA CYS B 414 6.67 -25.40 32.05
C CYS B 414 7.86 -24.71 32.70
N ASP B 415 8.72 -24.11 31.88
CA ASP B 415 9.94 -23.50 32.38
C ASP B 415 10.18 -22.20 31.62
N TYR B 416 11.06 -21.37 32.19
CA TYR B 416 11.33 -20.03 31.69
C TYR B 416 12.82 -19.80 31.61
N VAL B 417 13.27 -19.19 30.52
CA VAL B 417 14.67 -18.83 30.33
C VAL B 417 14.74 -17.35 29.97
N SER B 418 15.65 -16.63 30.63
CA SER B 418 15.82 -15.21 30.36
C SER B 418 16.52 -15.01 29.03
N ASN B 419 16.46 -13.78 28.53
CA ASN B 419 17.14 -13.43 27.29
C ASN B 419 18.64 -13.29 27.47
N LYS B 420 19.13 -13.31 28.71
CA LYS B 420 20.57 -13.28 28.95
C LYS B 420 21.18 -14.63 28.61
N GLY B 421 22.10 -14.64 27.65
CA GLY B 421 22.70 -15.88 27.21
C GLY B 421 21.90 -16.57 26.13
N VAL B 422 20.61 -16.79 26.37
CA VAL B 422 19.76 -17.45 25.39
C VAL B 422 19.50 -16.52 24.21
N ASP B 423 19.69 -17.04 23.00
CA ASP B 423 19.39 -16.32 21.79
C ASP B 423 18.27 -16.95 20.96
N THR B 424 18.13 -18.27 21.00
CA THR B 424 17.05 -18.96 20.33
C THR B 424 16.49 -20.03 21.25
N VAL B 425 15.25 -20.42 21.01
CA VAL B 425 14.60 -21.51 21.71
C VAL B 425 14.01 -22.46 20.69
N SER B 426 14.30 -23.75 20.84
CA SER B 426 13.77 -24.79 19.97
C SER B 426 12.79 -25.64 20.75
N VAL B 427 11.55 -25.72 20.25
CA VAL B 427 10.52 -26.57 20.83
C VAL B 427 9.96 -27.42 19.71
N GLY B 428 10.14 -28.73 19.80
CA GLY B 428 9.74 -29.60 18.71
C GLY B 428 10.49 -29.25 17.44
N ASN B 429 9.75 -29.05 16.36
CA ASN B 429 10.33 -28.67 15.07
C ASN B 429 10.35 -27.17 14.84
N THR B 430 9.99 -26.37 15.84
CA THR B 430 9.91 -24.93 15.70
C THR B 430 11.09 -24.27 16.40
N LEU B 431 11.77 -23.38 15.69
CA LEU B 431 12.86 -22.60 16.26
C LEU B 431 12.34 -21.19 16.57
N TYR B 432 12.36 -20.82 17.85
CA TYR B 432 11.89 -19.52 18.29
C TYR B 432 13.08 -18.66 18.68
N TYR B 433 13.11 -17.43 18.17
CA TYR B 433 14.09 -16.45 18.61
C TYR B 433 13.50 -15.62 19.75
N VAL B 434 14.30 -15.42 20.79
CA VAL B 434 13.84 -14.66 21.96
C VAL B 434 14.14 -13.19 21.76
N ASN B 435 13.37 -12.34 22.45
CA ASN B 435 13.58 -10.90 22.39
C ASN B 435 14.80 -10.53 23.21
N LYS B 436 15.68 -9.72 22.62
CA LYS B 436 16.92 -9.32 23.29
C LYS B 436 16.77 -7.99 24.02
N GLN B 437 15.57 -7.68 24.51
CA GLN B 437 15.34 -6.44 25.25
C GLN B 437 16.15 -6.45 26.54
N GLU B 438 16.72 -5.30 26.87
CA GLU B 438 17.48 -5.16 28.10
C GLU B 438 16.52 -5.03 29.29
N GLY B 439 16.74 -5.85 30.30
CA GLY B 439 15.90 -5.82 31.49
C GLY B 439 16.30 -6.92 32.44
N LYS B 440 15.65 -6.91 33.60
CA LYS B 440 15.92 -7.86 34.67
C LYS B 440 14.76 -8.83 34.79
N SER B 441 15.03 -10.11 34.56
CA SER B 441 14.02 -11.14 34.70
C SER B 441 14.12 -11.81 36.07
N LEU B 442 12.96 -12.12 36.63
CA LEU B 442 12.89 -12.73 37.95
C LEU B 442 12.09 -14.02 37.85
N TYR B 443 12.64 -15.09 38.43
CA TYR B 443 12.00 -16.40 38.42
C TYR B 443 11.38 -16.64 39.80
N VAL B 444 10.06 -16.83 39.83
CA VAL B 444 9.33 -17.02 41.09
C VAL B 444 8.99 -18.50 41.17
N LYS B 445 9.82 -19.26 41.88
CA LYS B 445 9.61 -20.70 42.01
C LYS B 445 8.37 -20.98 42.85
N GLY B 446 7.58 -21.96 42.42
CA GLY B 446 6.39 -22.35 43.15
C GLY B 446 5.81 -23.62 42.60
N GLU B 447 4.99 -24.27 43.42
CA GLU B 447 4.36 -25.52 43.00
C GLU B 447 3.27 -25.22 41.99
N PRO B 448 3.29 -25.84 40.81
CA PRO B 448 2.23 -25.60 39.82
C PRO B 448 0.86 -25.97 40.37
N ILE B 449 -0.14 -25.16 40.02
CA ILE B 449 -1.49 -25.37 40.54
C ILE B 449 -2.16 -26.59 39.92
N ILE B 450 -1.71 -27.02 38.74
CA ILE B 450 -2.32 -28.16 38.07
C ILE B 450 -2.13 -29.44 38.86
N ASN B 451 -1.16 -29.47 39.78
CA ASN B 451 -0.94 -30.66 40.59
C ASN B 451 -1.93 -30.78 41.74
N PHE B 452 -2.67 -29.72 42.07
CA PHE B 452 -3.64 -29.77 43.14
C PHE B 452 -4.92 -30.51 42.73
N TYR B 453 -5.26 -30.51 41.45
CA TYR B 453 -6.45 -31.18 40.98
C TYR B 453 -6.20 -32.68 40.80
N ASP B 454 -7.23 -33.39 40.38
CA ASP B 454 -7.13 -34.80 40.03
C ASP B 454 -7.83 -35.01 38.70
N PRO B 455 -7.28 -35.87 37.82
CA PRO B 455 -7.89 -36.06 36.51
C PRO B 455 -9.29 -36.64 36.54
N LEU B 456 -9.68 -37.30 37.63
CA LEU B 456 -10.99 -37.95 37.69
C LEU B 456 -12.13 -36.94 37.67
N VAL B 457 -11.96 -35.78 38.30
CA VAL B 457 -13.02 -34.78 38.35
C VAL B 457 -12.64 -33.46 37.69
N PHE B 458 -11.48 -33.39 37.06
CA PHE B 458 -11.05 -32.17 36.38
C PHE B 458 -11.87 -31.96 35.12
N PRO B 459 -12.60 -30.85 35.00
CA PRO B 459 -13.39 -30.61 33.79
C PRO B 459 -12.57 -30.08 32.63
N SER B 460 -11.86 -30.97 31.95
CA SER B 460 -10.93 -30.57 30.89
C SER B 460 -11.62 -30.30 29.55
N ASP B 461 -12.64 -29.45 29.55
CA ASP B 461 -13.24 -29.04 28.28
C ASP B 461 -13.63 -27.56 28.26
N GLU B 462 -13.22 -26.77 29.24
CA GLU B 462 -13.64 -25.38 29.33
C GLU B 462 -12.84 -24.53 28.34
N PHE B 463 -13.52 -24.00 27.32
CA PHE B 463 -12.87 -23.09 26.39
C PHE B 463 -12.50 -21.79 27.08
N ASP B 464 -13.35 -21.31 27.99
CA ASP B 464 -13.04 -20.14 28.79
C ASP B 464 -13.83 -20.23 30.08
N ALA B 465 -13.13 -20.22 31.22
CA ALA B 465 -13.78 -20.39 32.51
C ALA B 465 -13.00 -19.58 33.55
N SER B 466 -13.23 -19.86 34.82
CA SER B 466 -12.54 -19.15 35.89
C SER B 466 -12.20 -20.13 37.00
N ILE B 467 -11.41 -19.66 37.96
CA ILE B 467 -10.99 -20.50 39.08
C ILE B 467 -12.19 -20.96 39.88
N SER B 468 -13.11 -20.04 40.18
CA SER B 468 -14.28 -20.39 40.95
C SER B 468 -15.23 -21.28 40.17
N GLN B 469 -15.38 -21.02 38.87
CA GLN B 469 -16.24 -21.87 38.04
C GLN B 469 -15.72 -23.29 37.98
N VAL B 470 -14.41 -23.45 37.84
CA VAL B 470 -13.82 -24.79 37.81
C VAL B 470 -14.02 -25.48 39.16
N ASN B 471 -13.77 -24.74 40.26
CA ASN B 471 -13.95 -25.33 41.59
C ASN B 471 -15.39 -25.72 41.85
N GLU B 472 -16.35 -24.89 41.44
CA GLU B 472 -17.76 -25.24 41.62
C GLU B 472 -18.12 -26.46 40.78
N LYS B 473 -17.66 -26.50 39.52
CA LYS B 473 -17.92 -27.67 38.68
C LYS B 473 -17.25 -28.91 39.24
N ILE B 474 -16.04 -28.77 39.79
CA ILE B 474 -15.39 -29.90 40.45
C ILE B 474 -16.22 -30.35 41.66
N ASN B 475 -16.70 -29.39 42.45
CA ASN B 475 -17.51 -29.73 43.62
C ASN B 475 -18.81 -30.41 43.20
N GLN B 476 -19.38 -30.01 42.06
CA GLN B 476 -20.55 -30.70 41.53
C GLN B 476 -20.20 -32.14 41.19
N SER B 477 -19.03 -32.36 40.59
CA SER B 477 -18.60 -33.72 40.28
C SER B 477 -18.43 -34.55 41.54
N LEU B 478 -17.83 -33.96 42.58
CA LEU B 478 -17.67 -34.67 43.85
C LEU B 478 -19.02 -34.90 44.52
N ALA B 479 -19.96 -33.97 44.36
CA ALA B 479 -21.29 -34.15 44.94
C ALA B 479 -21.99 -35.36 44.36
N PHE B 480 -21.93 -35.53 43.03
CA PHE B 480 -22.49 -36.71 42.41
C PHE B 480 -21.72 -37.97 42.82
N ILE B 481 -20.39 -37.87 42.93
CA ILE B 481 -19.57 -39.00 43.32
C ILE B 481 -19.46 -39.07 44.84
N ASN C 2 -34.81 5.32 3.73
CA ASN C 2 -34.46 5.98 4.98
C ASN C 2 -34.28 4.95 6.10
N ILE C 3 -33.24 5.15 6.91
CA ILE C 3 -32.85 4.17 7.91
C ILE C 3 -33.76 4.29 9.13
N THR C 4 -34.16 3.14 9.67
CA THR C 4 -35.01 3.08 10.86
C THR C 4 -34.42 2.07 11.83
N GLU C 5 -34.33 2.44 13.10
CA GLU C 5 -33.76 1.58 14.13
C GLU C 5 -34.83 1.22 15.15
N GLU C 6 -34.89 -0.05 15.52
CA GLU C 6 -35.79 -0.52 16.57
C GLU C 6 -34.99 -1.24 17.64
N PHE C 7 -35.02 -0.72 18.86
CA PHE C 7 -34.35 -1.34 20.00
C PHE C 7 -35.35 -2.19 20.76
N TYR C 8 -34.98 -3.43 21.04
CA TYR C 8 -35.84 -4.36 21.76
C TYR C 8 -35.27 -4.56 23.16
N GLN C 9 -35.93 -3.96 24.15
CA GLN C 9 -35.47 -4.06 25.53
C GLN C 9 -35.55 -5.51 26.02
N SER C 10 -36.46 -6.30 25.46
CA SER C 10 -36.64 -7.68 25.91
C SER C 10 -35.37 -8.51 25.70
N THR C 11 -34.68 -8.31 24.57
CA THR C 11 -33.50 -9.09 24.26
C THR C 11 -32.25 -8.23 24.13
N CYS C 12 -32.33 -6.94 24.42
CA CYS C 12 -31.18 -6.02 24.35
C CYS C 12 -30.56 -6.06 22.96
N SER C 13 -31.41 -6.05 21.94
CA SER C 13 -30.96 -6.10 20.54
C SER C 13 -31.61 -4.96 19.77
N ALA C 14 -30.86 -4.42 18.82
CA ALA C 14 -31.33 -3.34 17.96
C ALA C 14 -31.21 -3.75 16.50
N VAL C 15 -32.28 -3.53 15.74
CA VAL C 15 -32.32 -3.88 14.32
C VAL C 15 -32.37 -2.58 13.52
N SER C 16 -31.42 -2.41 12.62
CA SER C 16 -31.30 -1.20 11.82
C SER C 16 -31.84 -1.50 10.42
N LYS C 17 -33.14 -1.30 10.24
CA LYS C 17 -33.80 -1.58 8.98
C LYS C 17 -33.65 -0.40 8.01
N GLY C 18 -34.28 -0.53 6.86
CA GLY C 18 -34.27 0.53 5.86
C GLY C 18 -33.17 0.44 4.84
N TYR C 19 -32.41 -0.64 4.80
CA TYR C 19 -31.29 -0.78 3.88
C TYR C 19 -31.70 -1.57 2.64
N LEU C 20 -30.92 -1.42 1.59
CA LEU C 20 -31.13 -2.13 0.34
C LEU C 20 -29.89 -2.98 0.03
N SER C 21 -30.12 -4.16 -0.53
CA SER C 21 -29.04 -5.11 -0.74
C SER C 21 -28.34 -4.88 -2.07
N ALA C 22 -27.06 -5.23 -2.09
CA ALA C 22 -26.30 -5.46 -3.32
C ALA C 22 -25.41 -6.68 -3.03
N LEU C 23 -25.95 -7.86 -3.30
CA LEU C 23 -25.27 -9.10 -2.95
C LEU C 23 -24.48 -9.63 -4.14
N ARG C 24 -23.20 -9.87 -3.93
CA ARG C 24 -22.36 -10.45 -4.97
C ARG C 24 -22.65 -11.94 -5.06
N THR C 25 -23.33 -12.35 -6.13
CA THR C 25 -23.67 -13.75 -6.32
C THR C 25 -22.81 -14.44 -7.38
N GLY C 26 -22.02 -13.68 -8.14
CA GLY C 26 -21.18 -14.27 -9.16
C GLY C 26 -19.97 -13.41 -9.45
N TRP C 27 -19.19 -13.83 -10.44
CA TRP C 27 -17.97 -13.12 -10.83
C TRP C 27 -18.00 -12.89 -12.34
N TYR C 28 -17.38 -11.79 -12.76
CA TYR C 28 -17.18 -11.49 -14.17
C TYR C 28 -15.70 -11.29 -14.41
N THR C 29 -15.10 -12.18 -15.18
CA THR C 29 -13.66 -12.17 -15.41
C THR C 29 -13.38 -11.58 -16.78
N SER C 30 -12.53 -10.55 -16.82
CA SER C 30 -12.10 -9.92 -18.05
C SER C 30 -10.59 -9.93 -18.11
N VAL C 31 -10.04 -10.03 -19.32
CA VAL C 31 -8.60 -10.10 -19.53
C VAL C 31 -8.10 -8.72 -19.92
N ILE C 32 -7.25 -8.14 -19.10
CA ILE C 32 -6.61 -6.86 -19.39
C ILE C 32 -5.20 -7.15 -19.89
N THR C 33 -4.90 -6.71 -21.10
CA THR C 33 -3.63 -7.02 -21.73
C THR C 33 -2.81 -5.77 -21.96
N ILE C 34 -1.50 -5.91 -21.78
CA ILE C 34 -0.53 -4.87 -22.11
C ILE C 34 0.48 -5.49 -23.07
N GLU C 35 0.54 -4.96 -24.28
CA GLU C 35 1.48 -5.47 -25.26
C GLU C 35 2.87 -4.94 -24.97
N LEU C 36 3.83 -5.84 -24.82
CA LEU C 36 5.17 -5.49 -24.38
C LEU C 36 6.14 -5.58 -25.54
N SER C 37 7.11 -4.67 -25.57
CA SER C 37 8.16 -4.72 -26.57
C SER C 37 9.21 -5.74 -26.18
N ASN C 38 9.77 -6.41 -27.19
CA ASN C 38 10.84 -7.37 -26.96
C ASN C 38 12.23 -6.74 -27.10
N ILE C 39 12.34 -5.44 -26.87
CA ILE C 39 13.61 -4.75 -26.98
C ILE C 39 14.54 -5.19 -25.86
N LYS C 40 15.82 -5.39 -26.20
CA LYS C 40 16.84 -5.75 -25.23
C LYS C 40 17.66 -4.56 -24.74
N GLU C 41 17.95 -3.61 -25.63
CA GLU C 41 18.65 -2.39 -25.24
C GLU C 41 18.67 -1.45 -26.44
N ILE C 42 19.10 -0.22 -26.21
CA ILE C 42 19.41 0.68 -27.30
C ILE C 42 20.77 0.30 -27.87
N LYS C 43 20.82 0.11 -29.19
CA LYS C 43 22.03 -0.44 -29.81
C LYS C 43 23.25 0.47 -29.59
N CYS C 44 23.07 1.78 -29.74
CA CYS C 44 24.22 2.68 -29.68
C CYS C 44 24.64 2.93 -28.24
N ASN C 45 25.84 3.48 -28.10
CA ASN C 45 26.35 4.01 -26.84
C ASN C 45 26.88 5.40 -27.08
N GLY C 46 26.70 6.28 -26.08
CA GLY C 46 27.12 7.66 -26.24
C GLY C 46 27.13 8.37 -24.91
N THR C 47 27.53 9.64 -24.97
CA THR C 47 27.67 10.46 -23.78
C THR C 47 26.49 11.40 -23.54
N ASP C 48 25.39 11.23 -24.29
CA ASP C 48 24.23 12.10 -24.11
C ASP C 48 23.56 11.80 -22.77
N ALA C 49 23.26 12.84 -22.01
CA ALA C 49 22.64 12.66 -20.71
C ALA C 49 21.18 12.19 -20.83
N LYS C 50 20.47 12.64 -21.87
CA LYS C 50 19.08 12.26 -22.03
C LYS C 50 18.93 10.80 -22.42
N VAL C 51 19.83 10.30 -23.27
CA VAL C 51 19.76 8.90 -23.68
C VAL C 51 20.06 7.99 -22.49
N LYS C 52 20.97 8.40 -21.61
CA LYS C 52 21.23 7.63 -20.41
C LYS C 52 19.98 7.53 -19.54
N LEU C 53 19.19 8.61 -19.48
CA LEU C 53 17.92 8.55 -18.77
C LEU C 53 16.97 7.56 -19.43
N ILE C 54 16.96 7.51 -20.76
CA ILE C 54 16.12 6.55 -21.47
C ILE C 54 16.60 5.13 -21.20
N LYS C 55 17.92 4.91 -21.22
CA LYS C 55 18.45 3.59 -20.89
C LYS C 55 18.09 3.19 -19.47
N GLN C 56 18.17 4.15 -18.53
CA GLN C 56 17.76 3.86 -17.16
C GLN C 56 16.29 3.50 -17.09
N GLU C 57 15.45 4.17 -17.86
CA GLU C 57 14.03 3.83 -17.89
C GLU C 57 13.78 2.52 -18.61
N LEU C 58 14.56 2.22 -19.65
CA LEU C 58 14.46 0.92 -20.30
C LEU C 58 14.89 -0.20 -19.36
N ASP C 59 15.91 0.03 -18.54
CA ASP C 59 16.29 -0.97 -17.55
C ASP C 59 15.17 -1.21 -16.55
N LYS C 60 14.46 -0.15 -16.16
CA LYS C 60 13.27 -0.34 -15.34
C LYS C 60 12.22 -1.14 -16.08
N TYR C 61 12.05 -0.88 -17.37
CA TYR C 61 11.11 -1.63 -18.19
C TYR C 61 11.49 -3.10 -18.28
N LYS C 62 12.76 -3.38 -18.60
CA LYS C 62 13.21 -4.76 -18.73
C LYS C 62 13.14 -5.51 -17.41
N ASN C 63 13.55 -4.85 -16.32
CA ASN C 63 13.46 -5.50 -15.01
C ASN C 63 12.02 -5.76 -14.62
N ALA C 64 11.11 -4.87 -15.00
CA ALA C 64 9.70 -5.09 -14.73
C ALA C 64 9.18 -6.34 -15.45
N VAL C 65 9.58 -6.51 -16.71
CA VAL C 65 9.22 -7.73 -17.44
C VAL C 65 9.87 -8.94 -16.80
N THR C 66 11.15 -8.83 -16.43
CA THR C 66 11.84 -9.95 -15.79
C THR C 66 11.22 -10.27 -14.44
N GLU C 67 10.80 -9.26 -13.68
CA GLU C 67 10.11 -9.51 -12.41
C GLU C 67 8.81 -10.26 -12.63
N LEU C 68 8.06 -9.89 -13.68
CA LEU C 68 6.79 -10.56 -13.95
C LEU C 68 7.01 -11.99 -14.40
N GLN C 69 8.08 -12.24 -15.16
CA GLN C 69 8.37 -13.60 -15.62
C GLN C 69 8.72 -14.52 -14.47
N LEU C 70 9.14 -13.98 -13.32
CA LEU C 70 9.42 -14.81 -12.16
C LEU C 70 8.17 -15.20 -11.39
N LEU C 71 7.01 -14.66 -11.75
CA LEU C 71 5.77 -14.99 -11.06
C LEU C 71 5.17 -16.29 -11.59
N VAL C 119 -16.49 -22.53 2.86
CA VAL C 119 -15.15 -21.98 2.67
C VAL C 119 -15.08 -21.19 1.37
N GLY C 120 -14.95 -21.89 0.25
CA GLY C 120 -14.90 -21.24 -1.05
C GLY C 120 -13.51 -20.79 -1.44
N SER C 121 -13.39 -20.36 -2.69
CA SER C 121 -12.13 -19.85 -3.23
C SER C 121 -12.45 -18.59 -4.01
N ALA C 122 -11.89 -17.46 -3.55
CA ALA C 122 -12.30 -16.16 -4.08
C ALA C 122 -11.78 -15.90 -5.49
N ILE C 123 -10.72 -16.57 -5.91
CA ILE C 123 -10.13 -16.33 -7.22
C ILE C 123 -10.25 -17.54 -8.14
N ALA C 124 -11.17 -18.47 -7.83
CA ALA C 124 -11.32 -19.66 -8.66
C ALA C 124 -11.76 -19.30 -10.08
N SER C 125 -12.52 -18.22 -10.23
CA SER C 125 -12.96 -17.80 -11.55
C SER C 125 -11.83 -17.17 -12.36
N GLY C 126 -11.01 -16.33 -11.73
CA GLY C 126 -9.90 -15.72 -12.44
C GLY C 126 -8.73 -16.64 -12.64
N VAL C 127 -8.52 -17.58 -11.71
CA VAL C 127 -7.48 -18.59 -11.89
C VAL C 127 -7.83 -19.49 -13.07
N ALA C 128 -9.11 -19.87 -13.20
CA ALA C 128 -9.54 -20.72 -14.30
C ALA C 128 -9.27 -20.06 -15.65
N VAL C 129 -9.57 -18.77 -15.76
CA VAL C 129 -9.29 -18.05 -17.00
C VAL C 129 -7.79 -17.93 -17.22
N SER C 130 -7.03 -17.73 -16.14
CA SER C 130 -5.58 -17.61 -16.26
C SER C 130 -4.96 -18.92 -16.74
N LYS C 131 -5.45 -20.05 -16.24
CA LYS C 131 -4.91 -21.34 -16.64
C LYS C 131 -5.22 -21.66 -18.09
N VAL C 132 -6.34 -21.17 -18.61
CA VAL C 132 -6.66 -21.39 -20.02
C VAL C 132 -5.72 -20.59 -20.91
N LEU C 133 -5.38 -19.36 -20.51
CA LEU C 133 -4.46 -18.55 -21.29
C LEU C 133 -3.07 -19.17 -21.38
N HIS C 134 -2.71 -20.02 -20.42
CA HIS C 134 -1.42 -20.71 -20.47
C HIS C 134 -1.40 -21.85 -21.48
N LEU C 135 -2.55 -22.30 -21.96
CA LEU C 135 -2.60 -23.35 -22.96
C LEU C 135 -1.99 -22.86 -24.27
N GLU C 136 -1.41 -23.80 -25.01
CA GLU C 136 -0.76 -23.46 -26.27
C GLU C 136 -1.77 -22.93 -27.28
N GLY C 137 -1.45 -21.80 -27.90
CA GLY C 137 -2.29 -21.21 -28.91
C GLY C 137 -3.33 -20.24 -28.40
N GLU C 138 -3.59 -20.19 -27.09
CA GLU C 138 -4.58 -19.28 -26.56
C GLU C 138 -4.08 -17.84 -26.52
N VAL C 139 -2.77 -17.65 -26.41
CA VAL C 139 -2.21 -16.30 -26.44
C VAL C 139 -2.36 -15.69 -27.82
N ASN C 140 -2.20 -16.49 -28.87
CA ASN C 140 -2.31 -15.96 -30.23
C ASN C 140 -3.74 -15.59 -30.58
N LYS C 141 -4.73 -16.21 -29.93
CA LYS C 141 -6.11 -15.77 -30.12
C LYS C 141 -6.28 -14.34 -29.65
N ILE C 142 -5.71 -14.00 -28.49
CA ILE C 142 -5.78 -12.64 -27.98
C ILE C 142 -4.96 -11.70 -28.87
N LYS C 143 -3.80 -12.17 -29.33
CA LYS C 143 -2.96 -11.34 -30.19
C LYS C 143 -3.67 -10.97 -31.48
N SER C 144 -4.36 -11.93 -32.10
CA SER C 144 -5.06 -11.66 -33.35
C SER C 144 -6.36 -10.89 -33.13
N ALA C 145 -7.05 -11.14 -32.02
CA ALA C 145 -8.29 -10.44 -31.75
C ALA C 145 -8.06 -8.95 -31.56
N LEU C 146 -7.00 -8.59 -30.83
CA LEU C 146 -6.67 -7.20 -30.56
C LEU C 146 -5.71 -6.62 -31.59
N LEU C 147 -5.66 -7.20 -32.78
CA LEU C 147 -4.73 -6.71 -33.80
C LEU C 147 -5.16 -5.36 -34.35
N SER C 148 -6.47 -5.14 -34.50
CA SER C 148 -6.98 -3.90 -35.07
C SER C 148 -7.88 -3.14 -34.09
N THR C 149 -8.12 -3.66 -32.89
CA THR C 149 -9.01 -3.02 -31.94
C THR C 149 -8.46 -3.23 -30.54
N ASN C 150 -8.85 -2.34 -29.63
CA ASN C 150 -8.40 -2.42 -28.25
C ASN C 150 -9.37 -3.21 -27.36
N LYS C 151 -10.53 -3.60 -27.86
CA LYS C 151 -11.46 -4.44 -27.13
C LYS C 151 -11.96 -5.55 -28.04
N ALA C 152 -12.04 -6.75 -27.51
CA ALA C 152 -12.50 -7.90 -28.27
C ALA C 152 -13.01 -8.97 -27.31
N VAL C 153 -13.88 -9.83 -27.83
CA VAL C 153 -14.35 -11.00 -27.10
C VAL C 153 -13.71 -12.22 -27.75
N VAL C 154 -13.03 -13.02 -26.94
CA VAL C 154 -12.22 -14.13 -27.41
C VAL C 154 -12.82 -15.42 -26.86
N SER C 155 -13.05 -16.39 -27.73
CA SER C 155 -13.57 -17.69 -27.33
C SER C 155 -12.39 -18.62 -27.06
N LEU C 156 -12.25 -19.05 -25.82
CA LEU C 156 -11.10 -19.84 -25.40
C LEU C 156 -11.34 -21.33 -25.65
N SER C 157 -10.38 -22.14 -25.17
CA SER C 157 -10.46 -23.59 -25.39
C SER C 157 -11.66 -24.20 -24.68
N ASN C 158 -11.98 -23.73 -23.47
CA ASN C 158 -13.11 -24.25 -22.73
C ASN C 158 -14.46 -23.85 -23.33
N GLY C 159 -14.46 -22.94 -24.31
CA GLY C 159 -15.69 -22.44 -24.89
C GLY C 159 -16.19 -21.16 -24.26
N VAL C 160 -15.65 -20.76 -23.12
CA VAL C 160 -16.06 -19.50 -22.50
C VAL C 160 -15.54 -18.33 -23.32
N SER C 161 -16.37 -17.31 -23.44
CA SER C 161 -16.02 -16.09 -24.16
C SER C 161 -15.75 -14.99 -23.14
N VAL C 162 -14.55 -14.43 -23.18
CA VAL C 162 -14.13 -13.40 -22.23
C VAL C 162 -13.85 -12.11 -22.99
N LEU C 163 -14.31 -11.00 -22.43
CA LEU C 163 -14.03 -9.69 -23.00
C LEU C 163 -12.58 -9.33 -22.73
N THR C 164 -11.80 -9.14 -23.79
CA THR C 164 -10.38 -8.79 -23.69
C THR C 164 -10.20 -7.34 -24.10
N SER C 165 -9.47 -6.59 -23.29
CA SER C 165 -9.22 -5.18 -23.56
C SER C 165 -7.74 -4.88 -23.40
N LYS C 166 -7.19 -4.15 -24.37
CA LYS C 166 -5.78 -3.75 -24.34
C LYS C 166 -5.71 -2.31 -23.85
N VAL C 167 -5.30 -2.13 -22.59
CA VAL C 167 -5.28 -0.80 -21.98
C VAL C 167 -3.99 -0.03 -22.25
N LEU C 168 -2.92 -0.72 -22.58
CA LEU C 168 -1.64 -0.07 -22.87
C LEU C 168 -0.89 -0.91 -23.88
N ASP C 169 -0.21 -0.24 -24.80
CA ASP C 169 0.55 -0.89 -25.86
C ASP C 169 1.97 -0.34 -25.81
N LEU C 170 2.81 -0.95 -24.97
CA LEU C 170 4.20 -0.54 -24.88
C LEU C 170 5.01 -1.03 -26.07
N LYS C 171 4.56 -2.09 -26.74
CA LYS C 171 5.23 -2.55 -27.95
C LYS C 171 5.16 -1.48 -29.04
N ASN C 172 4.00 -0.85 -29.19
CA ASN C 172 3.85 0.21 -30.18
C ASN C 172 4.68 1.43 -29.80
N TYR C 173 4.62 1.83 -28.53
CA TYR C 173 5.29 3.05 -28.11
C TYR C 173 6.80 2.93 -28.21
N ILE C 174 7.35 1.84 -27.67
CA ILE C 174 8.80 1.67 -27.65
C ILE C 174 9.34 1.46 -29.05
N ASP C 175 8.70 0.56 -29.81
CA ASP C 175 9.24 0.20 -31.12
C ASP C 175 9.01 1.28 -32.16
N LYS C 176 7.85 1.95 -32.12
CA LYS C 176 7.46 2.88 -33.16
C LYS C 176 7.59 4.34 -32.78
N GLN C 177 7.41 4.68 -31.51
CA GLN C 177 7.43 6.08 -31.08
C GLN C 177 8.62 6.46 -30.22
N LEU C 178 9.38 5.50 -29.71
CA LEU C 178 10.55 5.78 -28.87
C LEU C 178 11.86 5.51 -29.60
N LEU C 179 12.04 4.29 -30.10
CA LEU C 179 13.29 3.93 -30.77
C LEU C 179 13.58 4.77 -32.01
N PRO C 180 12.62 5.06 -32.90
CA PRO C 180 12.92 5.95 -34.03
C PRO C 180 13.37 7.34 -33.62
N ILE C 181 13.00 7.80 -32.42
CA ILE C 181 13.46 9.10 -31.95
C ILE C 181 14.96 9.07 -31.69
N VAL C 182 15.48 7.96 -31.17
CA VAL C 182 16.89 7.87 -30.83
C VAL C 182 17.73 7.91 -32.09
N ASN C 183 18.56 8.94 -32.23
CA ASN C 183 19.48 9.04 -33.35
C ASN C 183 20.66 8.12 -33.10
N LYS C 184 20.64 6.93 -33.73
CA LYS C 184 21.63 5.90 -33.42
C LYS C 184 23.05 6.35 -33.75
N GLN C 185 23.22 7.19 -34.77
CA GLN C 185 24.56 7.63 -35.15
C GLN C 185 25.19 8.51 -34.09
N SER C 186 24.46 9.51 -33.60
CA SER C 186 24.95 10.37 -32.53
C SER C 186 24.59 9.85 -31.15
N CYS C 187 23.71 8.87 -31.06
CA CYS C 187 23.20 8.33 -29.80
C CYS C 187 22.69 9.46 -28.90
N SER C 188 21.85 10.31 -29.51
CA SER C 188 21.33 11.48 -28.83
C SER C 188 19.83 11.59 -29.08
N ILE C 189 19.15 12.25 -28.17
CA ILE C 189 17.72 12.52 -28.28
C ILE C 189 17.54 14.04 -28.32
N PRO C 190 16.73 14.57 -29.25
CA PRO C 190 16.66 16.03 -29.38
C PRO C 190 16.03 16.72 -28.18
N ASN C 191 14.92 16.20 -27.65
CA ASN C 191 14.13 16.91 -26.67
C ASN C 191 13.95 16.07 -25.40
N ILE C 192 14.00 16.74 -24.25
CA ILE C 192 13.86 16.07 -22.96
C ILE C 192 12.45 15.55 -22.74
N GLU C 193 11.45 16.13 -23.42
CA GLU C 193 10.07 15.71 -23.19
C GLU C 193 9.87 14.24 -23.56
N THR C 194 10.70 13.71 -24.45
CA THR C 194 10.65 12.29 -24.76
C THR C 194 10.95 11.44 -23.53
N VAL C 195 11.93 11.87 -22.73
CA VAL C 195 12.26 11.15 -21.51
C VAL C 195 11.09 11.20 -20.53
N ILE C 196 10.47 12.37 -20.40
CA ILE C 196 9.39 12.54 -19.42
C ILE C 196 8.17 11.71 -19.80
N GLU C 197 7.80 11.72 -21.08
CA GLU C 197 6.63 10.97 -21.50
C GLU C 197 6.88 9.47 -21.50
N PHE C 198 8.14 9.05 -21.72
CA PHE C 198 8.48 7.64 -21.57
C PHE C 198 8.30 7.19 -20.12
N GLN C 199 8.68 8.04 -19.17
CA GLN C 199 8.48 7.70 -17.76
C GLN C 199 7.00 7.56 -17.44
N GLN C 200 6.16 8.41 -18.05
CA GLN C 200 4.73 8.34 -17.79
C GLN C 200 4.13 7.06 -18.37
N LYS C 201 4.47 6.72 -19.60
CA LYS C 201 3.95 5.49 -20.20
C LYS C 201 4.42 4.26 -19.44
N ASN C 202 5.69 4.23 -19.06
CA ASN C 202 6.25 3.07 -18.38
C ASN C 202 5.80 3.01 -16.93
N ASN C 203 5.30 4.13 -16.38
CA ASN C 203 4.96 4.17 -14.96
C ASN C 203 3.88 3.17 -14.60
N ARG C 204 2.87 3.01 -15.46
CA ARG C 204 1.80 2.07 -15.14
C ARG C 204 2.31 0.64 -15.09
N LEU C 205 3.21 0.28 -16.00
CA LEU C 205 3.79 -1.06 -15.98
C LEU C 205 4.57 -1.31 -14.70
N LEU C 206 5.37 -0.32 -14.28
CA LEU C 206 6.18 -0.47 -13.08
C LEU C 206 5.31 -0.66 -11.85
N GLU C 207 4.21 0.09 -11.76
CA GLU C 207 3.34 -0.03 -10.60
C GLU C 207 2.54 -1.33 -10.63
N ILE C 208 2.15 -1.79 -11.82
CA ILE C 208 1.49 -3.10 -11.93
C ILE C 208 2.44 -4.20 -11.52
N THR C 209 3.70 -4.13 -11.97
CA THR C 209 4.71 -5.09 -11.55
C THR C 209 4.95 -5.00 -10.05
N ARG C 210 4.94 -3.78 -9.51
CA ARG C 210 5.19 -3.56 -8.09
C ARG C 210 4.11 -4.22 -7.24
N GLU C 211 2.85 -4.11 -7.67
CA GLU C 211 1.75 -4.67 -6.88
C GLU C 211 1.73 -6.20 -6.96
N PHE C 212 2.02 -6.75 -8.14
CA PHE C 212 2.04 -8.21 -8.28
C PHE C 212 3.22 -8.83 -7.55
N SER C 213 4.34 -8.11 -7.46
CA SER C 213 5.52 -8.66 -6.80
C SER C 213 5.27 -8.87 -5.31
N VAL C 214 4.61 -7.92 -4.65
CA VAL C 214 4.40 -8.03 -3.22
C VAL C 214 3.14 -8.80 -2.88
N ASN C 215 2.21 -8.97 -3.83
CA ASN C 215 0.98 -9.72 -3.59
C ASN C 215 1.04 -11.13 -4.15
N ALA C 216 2.18 -11.56 -4.68
CA ALA C 216 2.35 -12.88 -5.28
C ALA C 216 1.36 -13.13 -6.42
N GLY C 217 1.13 -12.08 -7.22
CA GLY C 217 0.36 -12.20 -8.43
C GLY C 217 -1.14 -12.10 -8.27
N VAL C 218 -1.67 -11.89 -7.07
CA VAL C 218 -3.10 -11.74 -6.83
C VAL C 218 -3.30 -10.55 -5.91
N THR C 219 -3.84 -9.45 -6.45
CA THR C 219 -4.01 -8.22 -5.69
C THR C 219 -5.50 -7.93 -5.50
N THR C 220 -5.85 -7.56 -4.27
CA THR C 220 -7.18 -7.07 -3.93
C THR C 220 -7.04 -6.05 -2.82
N PRO C 221 -7.70 -4.88 -2.94
CA PRO C 221 -8.56 -4.42 -4.03
C PRO C 221 -7.81 -4.12 -5.31
N VAL C 222 -8.54 -4.06 -6.43
CA VAL C 222 -7.96 -3.73 -7.72
C VAL C 222 -7.66 -2.23 -7.73
N SER C 223 -6.37 -1.89 -7.75
CA SER C 223 -5.97 -0.49 -7.68
C SER C 223 -6.31 0.23 -8.98
N THR C 224 -6.00 1.52 -9.01
CA THR C 224 -6.23 2.33 -10.20
C THR C 224 -5.16 2.10 -11.26
N TYR C 225 -4.03 1.50 -10.90
CA TYR C 225 -3.05 1.11 -11.91
C TYR C 225 -3.49 -0.11 -12.68
N MET C 226 -4.06 -1.10 -11.99
CA MET C 226 -4.58 -2.28 -12.68
C MET C 226 -5.73 -1.91 -13.60
N LEU C 227 -6.64 -1.06 -13.12
CA LEU C 227 -7.86 -0.73 -13.86
C LEU C 227 -8.26 0.68 -13.44
N THR C 228 -8.04 1.65 -14.32
CA THR C 228 -8.37 3.03 -13.99
C THR C 228 -9.89 3.19 -13.90
N ASN C 229 -10.31 4.34 -13.35
CA ASN C 229 -11.73 4.57 -13.13
C ASN C 229 -12.50 4.63 -14.45
N SER C 230 -11.94 5.27 -15.46
CA SER C 230 -12.58 5.28 -16.77
C SER C 230 -12.66 3.87 -17.35
N GLU C 231 -11.59 3.08 -17.21
CA GLU C 231 -11.61 1.71 -17.71
C GLU C 231 -12.59 0.85 -16.92
N LEU C 232 -12.65 1.04 -15.60
CA LEU C 232 -13.60 0.28 -14.80
C LEU C 232 -15.03 0.68 -15.12
N LEU C 233 -15.29 1.98 -15.33
CA LEU C 233 -16.63 2.42 -15.69
C LEU C 233 -17.04 1.88 -17.05
N SER C 234 -16.13 1.93 -18.03
CA SER C 234 -16.44 1.38 -19.35
C SER C 234 -16.58 -0.13 -19.31
N LEU C 235 -15.77 -0.80 -18.48
CA LEU C 235 -15.88 -2.25 -18.37
C LEU C 235 -17.24 -2.67 -17.82
N ILE C 236 -17.75 -1.93 -16.83
CA ILE C 236 -19.07 -2.23 -16.28
C ILE C 236 -20.14 -2.05 -17.35
N ASN C 237 -20.02 -0.99 -18.16
CA ASN C 237 -20.98 -0.77 -19.23
C ASN C 237 -20.93 -1.88 -20.27
N ASP C 238 -19.76 -2.46 -20.48
CA ASP C 238 -19.56 -3.51 -21.47
C ASP C 238 -19.93 -4.90 -20.96
N MET C 239 -20.30 -5.03 -19.70
CA MET C 239 -20.69 -6.33 -19.20
C MET C 239 -22.09 -6.69 -19.69
N PRO C 240 -22.34 -7.97 -20.00
CA PRO C 240 -23.68 -8.39 -20.44
C PRO C 240 -24.64 -8.58 -19.27
N ILE C 241 -24.96 -7.48 -18.61
CA ILE C 241 -25.83 -7.48 -17.43
C ILE C 241 -26.91 -6.43 -17.61
N THR C 242 -27.94 -6.53 -16.77
CA THR C 242 -29.07 -5.63 -16.86
C THR C 242 -28.67 -4.22 -16.42
N ASN C 243 -29.50 -3.24 -16.80
CA ASN C 243 -29.16 -1.85 -16.53
C ASN C 243 -29.24 -1.52 -15.05
N ASP C 244 -30.04 -2.25 -14.28
CA ASP C 244 -30.10 -2.01 -12.84
C ASP C 244 -28.77 -2.34 -12.18
N GLN C 245 -28.12 -3.42 -12.62
CA GLN C 245 -26.80 -3.76 -12.10
C GLN C 245 -25.75 -2.76 -12.55
N LYS C 246 -25.84 -2.30 -13.80
CA LYS C 246 -24.88 -1.32 -14.29
C LYS C 246 -24.98 0.00 -13.54
N LYS C 247 -26.20 0.44 -13.24
CA LYS C 247 -26.38 1.67 -12.46
C LYS C 247 -25.84 1.48 -11.05
N LEU C 248 -26.08 0.32 -10.46
CA LEU C 248 -25.60 0.05 -9.10
C LEU C 248 -24.08 0.05 -9.05
N MET C 249 -23.43 -0.62 -10.00
CA MET C 249 -21.98 -0.72 -9.99
C MET C 249 -21.32 0.61 -10.34
N SER C 250 -21.92 1.37 -11.26
CA SER C 250 -21.33 2.64 -11.67
C SER C 250 -21.39 3.68 -10.56
N ASN C 251 -22.46 3.66 -9.75
CA ASN C 251 -22.57 4.61 -8.65
C ASN C 251 -21.67 4.26 -7.49
N ASN C 252 -21.23 3.02 -7.38
CA ASN C 252 -20.44 2.54 -6.26
C ASN C 252 -19.16 1.86 -6.73
N VAL C 253 -18.42 2.52 -7.63
CA VAL C 253 -17.20 1.93 -8.16
C VAL C 253 -16.16 1.71 -7.08
N GLN C 254 -16.21 2.51 -6.00
CA GLN C 254 -15.26 2.31 -4.91
C GLN C 254 -15.51 0.99 -4.19
N ILE C 255 -16.77 0.57 -4.08
CA ILE C 255 -17.07 -0.73 -3.50
C ILE C 255 -16.70 -1.86 -4.47
N VAL C 256 -16.83 -1.61 -5.77
CA VAL C 256 -16.52 -2.63 -6.77
C VAL C 256 -15.04 -2.99 -6.72
N ARG C 257 -14.18 -1.98 -6.55
CA ARG C 257 -12.75 -2.25 -6.44
C ARG C 257 -12.44 -3.09 -5.22
N GLN C 258 -13.07 -2.79 -4.08
CA GLN C 258 -12.77 -3.51 -2.85
C GLN C 258 -13.19 -4.96 -2.93
N GLN C 259 -14.18 -5.28 -3.75
CA GLN C 259 -14.64 -6.66 -3.92
C GLN C 259 -14.07 -7.34 -5.15
N SER C 260 -13.19 -6.68 -5.89
CA SER C 260 -12.61 -7.25 -7.09
C SER C 260 -11.24 -7.86 -6.80
N TYR C 261 -10.76 -8.64 -7.76
CA TYR C 261 -9.44 -9.25 -7.71
C TYR C 261 -8.75 -9.06 -9.05
N SER C 262 -7.41 -9.00 -9.01
CA SER C 262 -6.57 -8.96 -10.19
C SER C 262 -5.60 -10.13 -10.12
N ILE C 263 -5.60 -10.97 -11.15
CA ILE C 263 -4.78 -12.18 -11.18
C ILE C 263 -3.80 -12.07 -12.33
N MET C 264 -2.51 -12.11 -12.02
CA MET C 264 -1.48 -12.13 -13.05
C MET C 264 -1.52 -13.46 -13.79
N SER C 265 -1.63 -13.40 -15.12
CA SER C 265 -1.92 -14.62 -15.87
C SER C 265 -0.76 -15.02 -16.78
N ILE C 266 -0.36 -14.17 -17.74
CA ILE C 266 0.67 -14.56 -18.69
C ILE C 266 1.61 -13.40 -18.95
N ILE C 267 2.85 -13.74 -19.28
CA ILE C 267 3.87 -12.77 -19.63
C ILE C 267 4.57 -13.23 -20.91
N LYS C 268 3.90 -14.11 -21.66
CA LYS C 268 4.54 -14.80 -22.78
C LYS C 268 4.12 -14.16 -24.10
N GLU C 269 5.04 -14.23 -25.07
CA GLU C 269 4.82 -13.78 -26.44
C GLU C 269 4.44 -12.29 -26.49
N GLU C 270 5.26 -11.46 -25.85
CA GLU C 270 5.13 -10.01 -25.87
C GLU C 270 3.78 -9.53 -25.36
N VAL C 271 3.13 -10.29 -24.48
CA VAL C 271 1.81 -9.93 -23.97
C VAL C 271 1.83 -10.07 -22.45
N LEU C 272 1.52 -8.98 -21.76
CA LEU C 272 1.25 -9.02 -20.33
C LEU C 272 -0.26 -8.96 -20.13
N ALA C 273 -0.84 -10.07 -19.70
CA ALA C 273 -2.27 -10.16 -19.51
C ALA C 273 -2.58 -10.61 -18.09
N TYR C 274 -3.48 -9.88 -17.44
CA TYR C 274 -3.95 -10.23 -16.11
C TYR C 274 -5.46 -10.20 -16.08
N VAL C 275 -6.04 -11.16 -15.36
CA VAL C 275 -7.49 -11.33 -15.32
C VAL C 275 -8.03 -10.49 -14.17
N VAL C 276 -8.91 -9.55 -14.49
CA VAL C 276 -9.62 -8.78 -13.48
C VAL C 276 -10.95 -9.45 -13.21
N GLN C 277 -11.21 -9.75 -11.94
CA GLN C 277 -12.36 -10.57 -11.52
C GLN C 277 -13.38 -9.65 -10.84
N LEU C 278 -14.25 -9.03 -11.64
CA LEU C 278 -15.23 -8.10 -11.12
C LEU C 278 -16.39 -8.83 -10.46
N PRO C 279 -17.04 -8.20 -9.47
CA PRO C 279 -18.18 -8.83 -8.81
C PRO C 279 -19.46 -8.67 -9.62
N LEU C 280 -20.34 -9.66 -9.51
CA LEU C 280 -21.67 -9.63 -10.12
C LEU C 280 -22.71 -9.55 -9.02
N TYR C 281 -23.58 -8.54 -9.08
CA TYR C 281 -24.60 -8.33 -8.06
C TYR C 281 -25.94 -8.78 -8.62
N GLY C 282 -26.23 -10.08 -8.47
CA GLY C 282 -27.48 -10.62 -8.96
C GLY C 282 -28.68 -10.27 -8.12
N VAL C 283 -28.47 -9.93 -6.85
CA VAL C 283 -29.54 -9.58 -5.93
C VAL C 283 -29.38 -8.11 -5.57
N ILE C 284 -30.39 -7.31 -5.91
CA ILE C 284 -30.35 -5.86 -5.73
C ILE C 284 -31.67 -5.40 -5.13
N ASP C 285 -31.58 -4.38 -4.27
CA ASP C 285 -32.73 -3.64 -3.76
C ASP C 285 -33.63 -4.47 -2.84
N THR C 286 -33.18 -5.66 -2.46
CA THR C 286 -33.94 -6.42 -1.48
C THR C 286 -33.68 -5.86 -0.08
N PRO C 287 -34.66 -5.96 0.82
CA PRO C 287 -34.48 -5.41 2.18
C PRO C 287 -33.34 -6.07 2.93
N CYS C 288 -32.60 -5.26 3.68
CA CYS C 288 -31.57 -5.71 4.59
C CYS C 288 -31.82 -5.13 5.98
N TRP C 289 -31.41 -5.87 6.99
CA TRP C 289 -31.47 -5.38 8.36
C TRP C 289 -30.30 -5.92 9.16
N LYS C 290 -29.63 -5.05 9.89
CA LYS C 290 -28.49 -5.42 10.72
C LYS C 290 -28.95 -5.61 12.15
N LEU C 291 -28.56 -6.73 12.75
CA LEU C 291 -28.92 -7.05 14.12
C LEU C 291 -27.74 -6.73 15.04
N HIS C 292 -27.89 -5.71 15.87
CA HIS C 292 -26.91 -5.37 16.88
C HIS C 292 -27.34 -5.99 18.21
N THR C 293 -26.40 -6.64 18.89
CA THR C 293 -26.70 -7.31 20.14
C THR C 293 -25.71 -6.88 21.21
N SER C 294 -26.18 -6.81 22.44
CA SER C 294 -25.39 -6.46 23.60
C SER C 294 -25.74 -7.41 24.74
N PRO C 295 -24.80 -7.65 25.66
CA PRO C 295 -25.10 -8.57 26.76
C PRO C 295 -26.29 -8.11 27.59
N LEU C 296 -27.12 -9.07 27.99
CA LEU C 296 -28.26 -8.84 28.84
C LEU C 296 -28.07 -9.64 30.13
N CYS C 297 -27.90 -8.94 31.25
CA CYS C 297 -27.56 -9.57 32.52
C CYS C 297 -28.56 -9.16 33.58
N THR C 298 -28.73 -10.02 34.57
CA THR C 298 -29.55 -9.68 35.73
C THR C 298 -28.81 -8.71 36.64
N THR C 299 -29.58 -7.90 37.35
CA THR C 299 -29.02 -6.91 38.26
C THR C 299 -29.54 -7.10 39.68
N ASN C 306 -24.80 -13.02 39.13
CA ASN C 306 -25.73 -12.70 38.05
C ASN C 306 -25.48 -13.61 36.85
N ILE C 307 -26.48 -13.68 35.96
CA ILE C 307 -26.40 -14.50 34.75
C ILE C 307 -26.65 -13.62 33.54
N CYS C 308 -25.82 -13.76 32.52
CA CYS C 308 -25.88 -12.93 31.33
C CYS C 308 -26.38 -13.74 30.14
N LEU C 309 -27.02 -13.04 29.22
CA LEU C 309 -27.53 -13.63 27.99
C LEU C 309 -27.27 -12.68 26.84
N THR C 310 -26.82 -13.21 25.71
CA THR C 310 -26.51 -12.42 24.54
C THR C 310 -26.92 -13.18 23.29
N ARG C 311 -27.64 -12.51 22.40
CA ARG C 311 -27.96 -13.10 21.11
C ARG C 311 -26.73 -13.09 20.22
N THR C 312 -26.27 -14.27 19.82
CA THR C 312 -25.03 -14.40 19.08
C THR C 312 -25.20 -14.16 17.58
N ASP C 313 -26.43 -14.17 17.08
CA ASP C 313 -26.67 -14.06 15.65
C ASP C 313 -26.63 -12.62 15.15
N ARG C 314 -25.59 -11.87 15.51
CA ARG C 314 -25.49 -10.48 15.07
C ARG C 314 -24.85 -10.44 13.69
N GLY C 315 -25.11 -9.35 12.97
CA GLY C 315 -24.61 -9.16 11.63
C GLY C 315 -25.71 -8.76 10.68
N TRP C 316 -25.38 -8.77 9.40
CA TRP C 316 -26.31 -8.36 8.36
C TRP C 316 -27.19 -9.52 7.90
N TYR C 317 -28.48 -9.23 7.72
CA TYR C 317 -29.42 -10.14 7.10
C TYR C 317 -30.04 -9.44 5.89
N CYS C 318 -30.22 -10.18 4.81
CA CYS C 318 -30.81 -9.63 3.60
C CYS C 318 -31.69 -10.68 2.94
N ASP C 319 -32.83 -10.23 2.40
CA ASP C 319 -33.71 -11.13 1.69
C ASP C 319 -33.08 -11.56 0.36
N ASN C 320 -33.22 -12.84 0.04
CA ASN C 320 -32.60 -13.39 -1.17
C ASN C 320 -33.40 -14.60 -1.62
N ALA C 321 -34.15 -14.44 -2.71
CA ALA C 321 -34.87 -15.55 -3.34
C ALA C 321 -35.79 -16.27 -2.36
N GLY C 322 -36.51 -15.50 -1.57
CA GLY C 322 -37.44 -16.09 -0.62
C GLY C 322 -36.79 -16.61 0.65
N SER C 323 -35.49 -16.43 0.80
CA SER C 323 -34.78 -16.84 2.01
C SER C 323 -33.90 -15.70 2.46
N VAL C 324 -33.42 -15.79 3.70
CA VAL C 324 -32.64 -14.73 4.33
C VAL C 324 -31.17 -15.13 4.27
N SER C 325 -30.35 -14.26 3.68
CA SER C 325 -28.91 -14.47 3.69
C SER C 325 -28.29 -13.77 4.90
N PHE C 326 -27.66 -14.55 5.77
CA PHE C 326 -27.07 -14.05 6.99
C PHE C 326 -25.55 -13.96 6.82
N PHE C 327 -24.98 -12.81 7.13
CA PHE C 327 -23.55 -12.55 6.96
C PHE C 327 -22.94 -12.28 8.33
N PRO C 328 -22.33 -13.27 8.98
CA PRO C 328 -21.83 -13.05 10.34
C PRO C 328 -20.61 -12.15 10.42
N GLN C 329 -19.66 -12.32 9.50
CA GLN C 329 -18.42 -11.54 9.56
C GLN C 329 -18.69 -10.08 9.24
N ALA C 330 -18.02 -9.19 9.98
CA ALA C 330 -18.19 -7.76 9.77
C ALA C 330 -17.50 -7.27 8.50
N GLU C 331 -16.38 -7.89 8.13
CA GLU C 331 -15.66 -7.47 6.94
C GLU C 331 -16.38 -7.85 5.66
N THR C 332 -17.34 -8.78 5.73
CA THR C 332 -18.02 -9.24 4.53
C THR C 332 -18.81 -8.13 3.85
N CYS C 333 -19.52 -7.31 4.64
CA CYS C 333 -20.48 -6.36 4.12
C CYS C 333 -19.91 -4.95 4.17
N LYS C 334 -19.83 -4.31 3.01
CA LYS C 334 -19.59 -2.88 2.93
C LYS C 334 -20.92 -2.13 2.87
N VAL C 335 -20.98 -1.01 3.57
CA VAL C 335 -22.22 -0.26 3.73
C VAL C 335 -22.04 1.13 3.14
N GLN C 336 -23.00 1.54 2.30
CA GLN C 336 -23.05 2.88 1.74
C GLN C 336 -24.23 3.61 2.36
N SER C 337 -24.59 4.76 1.79
CA SER C 337 -25.67 5.62 2.27
C SER C 337 -26.83 4.77 2.77
N ASN C 338 -27.41 3.90 1.94
CA ASN C 338 -28.40 2.93 2.39
C ASN C 338 -28.24 1.58 1.71
N ARG C 339 -27.17 1.39 0.95
CA ARG C 339 -26.93 0.14 0.23
C ARG C 339 -25.89 -0.68 0.96
N VAL C 340 -26.17 -1.97 1.14
CA VAL C 340 -25.26 -2.89 1.82
C VAL C 340 -24.70 -3.86 0.79
N PHE C 341 -23.38 -3.84 0.63
CA PHE C 341 -22.70 -4.72 -0.33
C PHE C 341 -22.12 -5.90 0.42
N CYS C 342 -22.88 -6.99 0.45
CA CYS C 342 -22.47 -8.20 1.15
C CYS C 342 -22.06 -9.26 0.13
N ASP C 343 -20.91 -9.89 0.38
CA ASP C 343 -20.43 -10.98 -0.46
C ASP C 343 -21.10 -12.28 -0.02
N THR C 344 -21.77 -12.97 -0.95
CA THR C 344 -22.53 -14.15 -0.60
C THR C 344 -21.66 -15.37 -0.30
N MET C 345 -20.36 -15.31 -0.60
CA MET C 345 -19.48 -16.42 -0.27
C MET C 345 -19.39 -16.63 1.24
N ASN C 346 -19.48 -15.54 2.01
CA ASN C 346 -19.45 -15.59 3.46
C ASN C 346 -20.85 -15.53 4.06
N SER C 347 -21.83 -16.13 3.41
CA SER C 347 -23.22 -16.00 3.80
C SER C 347 -23.79 -17.34 4.26
N LEU C 348 -24.74 -17.27 5.17
CA LEU C 348 -25.56 -18.42 5.54
C LEU C 348 -27.00 -18.21 5.07
N THR C 349 -27.55 -19.25 4.46
CA THR C 349 -28.91 -19.21 3.93
C THR C 349 -29.86 -19.69 5.02
N LEU C 350 -30.81 -18.85 5.39
CA LEU C 350 -31.72 -19.14 6.47
C LEU C 350 -33.16 -18.97 6.02
N PRO C 351 -34.10 -19.67 6.64
CA PRO C 351 -35.52 -19.46 6.30
C PRO C 351 -35.97 -18.07 6.70
N SER C 352 -37.04 -17.62 6.04
CA SER C 352 -37.55 -16.27 6.28
C SER C 352 -38.05 -16.08 7.71
N GLU C 353 -38.26 -17.17 8.45
CA GLU C 353 -38.73 -17.08 9.83
C GLU C 353 -37.67 -16.54 10.78
N VAL C 354 -36.43 -16.37 10.32
CA VAL C 354 -35.37 -15.88 11.20
C VAL C 354 -35.68 -14.48 11.69
N ASN C 355 -36.46 -13.71 10.92
CA ASN C 355 -36.82 -12.36 11.33
C ASN C 355 -37.73 -12.36 12.55
N LEU C 356 -38.41 -13.47 12.83
CA LEU C 356 -39.33 -13.52 13.95
C LEU C 356 -38.62 -13.47 15.30
N CYS C 357 -37.31 -13.73 15.34
CA CYS C 357 -36.57 -13.66 16.59
C CYS C 357 -36.53 -12.24 17.13
N ASN C 358 -36.60 -11.23 16.26
CA ASN C 358 -36.59 -9.85 16.71
C ASN C 358 -37.87 -9.49 17.46
N VAL C 359 -39.02 -9.94 16.95
CA VAL C 359 -40.29 -9.57 17.56
C VAL C 359 -40.66 -10.54 18.69
N ASP C 360 -40.24 -11.79 18.61
CA ASP C 360 -40.58 -12.79 19.62
C ASP C 360 -39.41 -13.77 19.72
N ILE C 361 -38.67 -13.69 20.83
CA ILE C 361 -37.51 -14.55 21.00
C ILE C 361 -37.91 -16.00 21.28
N PHE C 362 -39.15 -16.23 21.72
CA PHE C 362 -39.64 -17.57 21.99
C PHE C 362 -40.53 -18.11 20.87
N ASN C 363 -40.35 -17.62 19.65
CA ASN C 363 -41.16 -18.08 18.54
C ASN C 363 -40.87 -19.56 18.26
N PRO C 364 -41.90 -20.35 17.95
CA PRO C 364 -41.66 -21.75 17.60
C PRO C 364 -41.17 -21.95 16.17
N LYS C 365 -41.31 -20.94 15.31
CA LYS C 365 -40.89 -21.06 13.92
C LYS C 365 -39.38 -21.04 13.73
N TYR C 366 -38.63 -20.62 14.75
CA TYR C 366 -37.18 -20.53 14.63
C TYR C 366 -36.56 -20.73 16.01
N ASP C 367 -35.29 -21.11 16.02
CA ASP C 367 -34.53 -21.34 17.24
C ASP C 367 -33.41 -20.30 17.29
N CYS C 368 -33.68 -19.18 17.97
CA CYS C 368 -32.76 -18.07 18.00
C CYS C 368 -31.49 -18.42 18.76
N LYS C 369 -30.35 -17.99 18.25
CA LYS C 369 -29.06 -18.34 18.85
C LYS C 369 -28.67 -17.36 19.93
N ILE C 370 -28.33 -17.87 21.11
CA ILE C 370 -27.90 -17.07 22.23
C ILE C 370 -26.68 -17.73 22.88
N MET C 371 -25.94 -16.94 23.66
CA MET C 371 -24.86 -17.45 24.49
C MET C 371 -25.14 -17.09 25.95
N THR C 372 -24.64 -17.94 26.85
CA THR C 372 -24.87 -17.77 28.28
C THR C 372 -23.53 -17.74 28.99
N SER C 373 -23.40 -16.83 29.95
CA SER C 373 -22.15 -16.66 30.69
C SER C 373 -22.44 -15.91 31.98
N LYS C 374 -21.44 -15.90 32.87
CA LYS C 374 -21.48 -15.11 34.09
C LYS C 374 -20.66 -13.83 33.98
N THR C 375 -20.16 -13.51 32.80
CA THR C 375 -19.27 -12.37 32.62
C THR C 375 -20.06 -11.07 32.64
N ASP C 376 -20.35 -10.57 33.85
CA ASP C 376 -21.13 -9.35 34.01
C ASP C 376 -20.25 -8.11 33.83
N VAL C 377 -19.87 -7.84 32.59
CA VAL C 377 -18.97 -6.73 32.26
C VAL C 377 -19.75 -5.70 31.47
N SER C 378 -19.66 -4.44 31.89
CA SER C 378 -20.34 -3.35 31.21
C SER C 378 -19.67 -3.04 29.89
N SER C 379 -20.48 -2.83 28.85
CA SER C 379 -19.98 -2.51 27.52
C SER C 379 -21.11 -1.84 26.74
N SER C 380 -20.75 -1.21 25.64
CA SER C 380 -21.70 -0.53 24.78
C SER C 380 -21.48 -0.92 23.33
N VAL C 381 -22.58 -1.07 22.61
CA VAL C 381 -22.55 -1.37 21.18
C VAL C 381 -23.02 -0.13 20.44
N ILE C 382 -22.13 0.46 19.64
CA ILE C 382 -22.45 1.67 18.89
C ILE C 382 -23.16 1.22 17.61
N THR C 383 -24.49 1.18 17.66
CA THR C 383 -25.28 0.82 16.49
C THR C 383 -25.45 2.03 15.59
N SER C 384 -26.11 1.83 14.45
CA SER C 384 -26.54 2.96 13.65
C SER C 384 -27.77 3.59 14.29
N LEU C 385 -27.91 4.91 14.14
CA LEU C 385 -29.01 5.68 14.72
C LEU C 385 -29.10 5.57 16.23
N GLY C 386 -28.02 5.26 16.92
CA GLY C 386 -28.07 5.16 18.35
C GLY C 386 -26.90 4.42 18.97
N ALA C 387 -27.12 3.85 20.15
CA ALA C 387 -26.09 3.09 20.85
C ALA C 387 -26.74 2.31 21.97
N ILE C 388 -26.46 1.01 22.03
CA ILE C 388 -26.90 0.16 23.13
C ILE C 388 -25.86 0.24 24.23
N VAL C 389 -26.29 0.50 25.45
CA VAL C 389 -25.40 0.62 26.60
C VAL C 389 -25.82 -0.41 27.64
N SER C 390 -24.92 -1.33 27.97
CA SER C 390 -25.13 -2.29 29.04
C SER C 390 -24.26 -1.86 30.22
N CYS C 391 -24.91 -1.43 31.30
CA CYS C 391 -24.21 -0.94 32.48
C CYS C 391 -24.45 -1.92 33.62
N TYR C 392 -23.36 -2.44 34.20
CA TYR C 392 -23.45 -3.39 35.29
C TYR C 392 -22.32 -3.15 36.26
N GLY C 393 -22.51 -3.62 37.49
CA GLY C 393 -21.50 -3.43 38.52
C GLY C 393 -21.44 -1.98 38.97
N LYS C 394 -20.25 -1.58 39.43
CA LYS C 394 -20.05 -0.21 39.91
C LYS C 394 -19.63 0.74 38.79
N THR C 395 -19.44 0.23 37.58
CA THR C 395 -19.04 1.08 36.47
C THR C 395 -20.11 2.11 36.14
N LYS C 396 -19.70 3.36 35.97
CA LYS C 396 -20.64 4.42 35.65
C LYS C 396 -20.72 4.62 34.14
N CYS C 397 -21.94 4.64 33.61
CA CYS C 397 -22.18 4.83 32.19
C CYS C 397 -23.02 6.08 31.99
N THR C 398 -22.57 6.96 31.09
CA THR C 398 -23.27 8.20 30.83
C THR C 398 -23.31 8.44 29.32
N ALA C 399 -24.35 9.17 28.90
CA ALA C 399 -24.47 9.66 27.55
C ALA C 399 -24.33 11.17 27.56
N SER C 400 -23.53 11.70 26.63
CA SER C 400 -23.15 13.10 26.68
C SER C 400 -23.46 13.77 25.36
N ASN C 401 -23.69 15.08 25.44
CA ASN C 401 -23.88 15.95 24.29
C ASN C 401 -22.72 16.92 24.22
N LYS C 402 -22.42 17.39 23.01
CA LYS C 402 -21.27 18.28 22.83
C LYS C 402 -21.44 19.57 23.62
N ASN C 403 -22.63 20.15 23.62
CA ASN C 403 -22.85 21.41 24.31
C ASN C 403 -23.37 21.21 25.73
N ARG C 404 -24.46 20.46 25.89
CA ARG C 404 -25.10 20.30 27.19
C ARG C 404 -24.32 19.39 28.13
N GLY C 405 -23.29 18.70 27.64
CA GLY C 405 -22.54 17.80 28.50
C GLY C 405 -23.30 16.51 28.77
N ILE C 406 -23.09 15.95 29.95
CA ILE C 406 -23.75 14.70 30.32
C ILE C 406 -25.24 14.92 30.40
N ILE C 407 -25.99 14.29 29.50
CA ILE C 407 -27.44 14.45 29.46
C ILE C 407 -28.17 13.24 30.03
N LYS C 408 -27.50 12.12 30.25
CA LYS C 408 -28.14 10.93 30.79
C LYS C 408 -27.10 10.09 31.51
N THR C 409 -27.51 9.50 32.63
CA THR C 409 -26.70 8.54 33.36
C THR C 409 -27.41 7.20 33.35
N PHE C 410 -26.77 6.19 32.77
CA PHE C 410 -27.39 4.89 32.62
C PHE C 410 -27.40 4.13 33.93
N SER C 411 -28.55 3.58 34.28
CA SER C 411 -28.67 2.74 35.45
C SER C 411 -28.22 1.31 35.10
N ASN C 412 -28.29 0.43 36.11
CA ASN C 412 -27.95 -0.97 35.87
C ASN C 412 -28.97 -1.60 34.93
N GLY C 413 -28.46 -2.33 33.93
CA GLY C 413 -29.26 -2.96 32.91
C GLY C 413 -28.81 -2.54 31.54
N CYS C 414 -29.59 -2.94 30.54
CA CYS C 414 -29.31 -2.63 29.14
C CYS C 414 -30.28 -1.55 28.67
N ASP C 415 -29.72 -0.48 28.09
CA ASP C 415 -30.52 0.67 27.68
C ASP C 415 -30.00 1.18 26.36
N TYR C 416 -30.83 1.99 25.69
CA TYR C 416 -30.55 2.48 24.35
C TYR C 416 -30.80 3.98 24.30
N VAL C 417 -29.90 4.71 23.63
CA VAL C 417 -30.04 6.14 23.42
C VAL C 417 -29.90 6.43 21.94
N SER C 418 -30.81 7.23 21.40
CA SER C 418 -30.76 7.59 19.99
C SER C 418 -29.62 8.57 19.74
N ASN C 419 -29.28 8.73 18.46
CA ASN C 419 -28.24 9.69 18.08
C ASN C 419 -28.74 11.13 18.12
N LYS C 420 -30.04 11.35 18.33
CA LYS C 420 -30.56 12.69 18.49
C LYS C 420 -30.18 13.24 19.87
N GLY C 421 -29.43 14.33 19.89
CA GLY C 421 -28.96 14.88 21.14
C GLY C 421 -27.66 14.27 21.61
N VAL C 422 -27.63 12.94 21.71
CA VAL C 422 -26.42 12.25 22.16
C VAL C 422 -25.34 12.35 21.09
N ASP C 423 -24.14 12.73 21.51
CA ASP C 423 -22.98 12.76 20.62
C ASP C 423 -21.89 11.79 21.03
N THR C 424 -21.73 11.52 22.33
CA THR C 424 -20.77 10.54 22.81
C THR C 424 -21.42 9.70 23.90
N VAL C 425 -20.89 8.50 24.11
CA VAL C 425 -21.32 7.62 25.18
C VAL C 425 -20.08 7.18 25.95
N SER C 426 -20.13 7.29 27.28
CA SER C 426 -19.04 6.88 28.14
C SER C 426 -19.50 5.67 28.95
N VAL C 427 -18.77 4.57 28.83
CA VAL C 427 -19.03 3.36 29.61
C VAL C 427 -17.71 2.96 30.26
N GLY C 428 -17.67 3.01 31.60
CA GLY C 428 -16.43 2.75 32.29
C GLY C 428 -15.39 3.80 31.90
N ASN C 429 -14.21 3.31 31.50
CA ASN C 429 -13.13 4.18 31.09
C ASN C 429 -13.09 4.39 29.57
N THR C 430 -14.09 3.91 28.84
CA THR C 430 -14.11 3.99 27.39
C THR C 430 -15.12 5.06 26.95
N LEU C 431 -14.68 5.96 26.08
CA LEU C 431 -15.53 6.97 25.49
C LEU C 431 -15.91 6.54 24.08
N TYR C 432 -17.19 6.32 23.85
CA TYR C 432 -17.71 5.89 22.55
C TYR C 432 -18.42 7.05 21.88
N TYR C 433 -18.08 7.30 20.61
CA TYR C 433 -18.82 8.26 19.81
C TYR C 433 -19.92 7.53 19.04
N VAL C 434 -21.12 8.10 19.04
CA VAL C 434 -22.25 7.48 18.35
C VAL C 434 -22.30 7.96 16.91
N ASN C 435 -22.93 7.14 16.06
CA ASN C 435 -23.08 7.49 14.66
C ASN C 435 -24.17 8.54 14.51
N LYS C 436 -23.88 9.60 13.77
CA LYS C 436 -24.83 10.70 13.57
C LYS C 436 -25.67 10.53 12.31
N GLN C 437 -25.94 9.29 11.92
CA GLN C 437 -26.78 9.03 10.76
C GLN C 437 -28.19 9.55 10.98
N GLU C 438 -28.77 10.14 9.94
CA GLU C 438 -30.14 10.63 10.03
C GLU C 438 -31.12 9.47 9.90
N GLY C 439 -32.05 9.38 10.85
CA GLY C 439 -33.03 8.33 10.84
C GLY C 439 -33.90 8.40 12.07
N LYS C 440 -34.90 7.54 12.10
CA LYS C 440 -35.87 7.49 13.18
C LYS C 440 -35.64 6.24 14.01
N SER C 441 -35.32 6.42 15.29
CA SER C 441 -35.12 5.31 16.21
C SER C 441 -36.38 5.07 17.01
N LEU C 442 -36.67 3.79 17.23
CA LEU C 442 -37.86 3.37 17.97
C LEU C 442 -37.45 2.51 19.15
N TYR C 443 -37.98 2.81 20.32
CA TYR C 443 -37.69 2.07 21.54
C TYR C 443 -38.87 1.15 21.85
N VAL C 444 -38.62 -0.15 21.88
CA VAL C 444 -39.67 -1.14 22.11
C VAL C 444 -39.51 -1.64 23.54
N LYS C 445 -40.26 -1.04 24.46
CA LYS C 445 -40.17 -1.41 25.87
C LYS C 445 -40.71 -2.83 26.09
N GLY C 446 -40.01 -3.59 26.92
CA GLY C 446 -40.44 -4.94 27.23
C GLY C 446 -39.62 -5.51 28.37
N GLU C 447 -40.18 -6.54 28.99
CA GLU C 447 -39.49 -7.18 30.10
C GLU C 447 -38.33 -8.01 29.58
N PRO C 448 -37.11 -7.80 30.08
CA PRO C 448 -35.97 -8.60 29.62
C PRO C 448 -36.19 -10.08 29.88
N ILE C 449 -35.76 -10.92 28.92
CA ILE C 449 -35.97 -12.35 29.01
C ILE C 449 -35.09 -12.98 30.09
N ILE C 450 -33.97 -12.34 30.44
CA ILE C 450 -33.06 -12.90 31.42
C ILE C 450 -33.70 -13.00 32.80
N ASN C 451 -34.78 -12.26 33.03
CA ASN C 451 -35.47 -12.33 34.31
C ASN C 451 -36.37 -13.54 34.44
N PHE C 452 -36.67 -14.22 33.33
CA PHE C 452 -37.52 -15.41 33.37
C PHE C 452 -36.78 -16.63 33.91
N TYR C 453 -35.47 -16.69 33.74
CA TYR C 453 -34.69 -17.82 34.22
C TYR C 453 -34.38 -17.67 35.71
N ASP C 454 -33.67 -18.67 36.25
CA ASP C 454 -33.18 -18.63 37.62
C ASP C 454 -31.72 -19.04 37.61
N PRO C 455 -30.88 -18.41 38.43
CA PRO C 455 -29.45 -18.75 38.41
C PRO C 455 -29.14 -20.17 38.83
N LEU C 456 -30.04 -20.84 39.54
CA LEU C 456 -29.76 -22.19 40.03
C LEU C 456 -29.64 -23.20 38.90
N VAL C 457 -30.43 -23.05 37.84
CA VAL C 457 -30.40 -24.00 36.72
C VAL C 457 -29.99 -23.36 35.41
N PHE C 458 -29.61 -22.09 35.41
CA PHE C 458 -29.20 -21.43 34.18
C PHE C 458 -27.83 -21.95 33.74
N PRO C 459 -27.71 -22.51 32.55
CA PRO C 459 -26.40 -23.01 32.10
C PRO C 459 -25.51 -21.91 31.55
N SER C 460 -24.87 -21.17 32.45
CA SER C 460 -24.07 -20.01 32.05
C SER C 460 -22.67 -20.37 31.57
N ASP C 461 -22.57 -21.27 30.60
CA ASP C 461 -21.26 -21.55 30.00
C ASP C 461 -21.36 -21.79 28.50
N GLU C 462 -22.49 -21.52 27.86
CA GLU C 462 -22.66 -21.82 26.44
C GLU C 462 -21.96 -20.76 25.60
N PHE C 463 -20.90 -21.16 24.90
CA PHE C 463 -20.24 -20.24 23.98
C PHE C 463 -21.15 -19.91 22.80
N ASP C 464 -21.93 -20.87 22.33
CA ASP C 464 -22.92 -20.63 21.28
C ASP C 464 -24.01 -21.68 21.41
N ALA C 465 -25.24 -21.23 21.60
CA ALA C 465 -26.36 -22.15 21.82
C ALA C 465 -27.62 -21.53 21.23
N SER C 466 -28.78 -22.06 21.60
CA SER C 466 -30.04 -21.54 21.10
C SER C 466 -31.06 -21.53 22.23
N ILE C 467 -32.22 -20.92 21.94
CA ILE C 467 -33.27 -20.82 22.94
C ILE C 467 -33.76 -22.21 23.33
N SER C 468 -33.99 -23.08 22.34
CA SER C 468 -34.46 -24.42 22.63
C SER C 468 -33.40 -25.26 23.32
N GLN C 469 -32.14 -25.11 22.91
CA GLN C 469 -31.05 -25.85 23.55
C GLN C 469 -30.93 -25.47 25.03
N VAL C 470 -31.02 -24.17 25.32
CA VAL C 470 -30.96 -23.72 26.71
C VAL C 470 -32.14 -24.26 27.50
N ASN C 471 -33.35 -24.19 26.92
CA ASN C 471 -34.53 -24.68 27.60
C ASN C 471 -34.45 -26.18 27.86
N GLU C 472 -33.97 -26.95 26.88
CA GLU C 472 -33.82 -28.39 27.08
C GLU C 472 -32.78 -28.68 28.15
N LYS C 473 -31.65 -27.98 28.12
CA LYS C 473 -30.63 -28.16 29.15
C LYS C 473 -31.15 -27.75 30.52
N ILE C 474 -31.94 -26.68 30.58
CA ILE C 474 -32.57 -26.30 31.84
C ILE C 474 -33.53 -27.38 32.31
N ASN C 475 -34.33 -27.93 31.39
CA ASN C 475 -35.25 -28.99 31.74
C ASN C 475 -34.51 -30.24 32.21
N GLN C 476 -33.34 -30.52 31.64
CA GLN C 476 -32.51 -31.60 32.13
C GLN C 476 -32.05 -31.34 33.56
N SER C 477 -31.69 -30.09 33.86
CA SER C 477 -31.29 -29.74 35.22
C SER C 477 -32.46 -29.91 36.19
N LEU C 478 -33.66 -29.48 35.78
CA LEU C 478 -34.83 -29.67 36.63
C LEU C 478 -35.18 -31.15 36.77
N ALA C 479 -34.96 -31.93 35.72
CA ALA C 479 -35.25 -33.37 35.80
C ALA C 479 -34.39 -34.05 36.86
N PHE C 480 -33.09 -33.73 36.89
CA PHE C 480 -32.22 -34.25 37.94
C PHE C 480 -32.63 -33.71 39.31
N ILE C 481 -33.00 -32.44 39.37
CA ILE C 481 -33.41 -31.82 40.63
C ILE C 481 -34.90 -32.03 40.86
N VAL D 2 47.18 -8.12 9.43
CA VAL D 2 46.53 -8.59 8.22
C VAL D 2 47.54 -8.85 7.13
N GLN D 3 47.79 -10.13 6.85
CA GLN D 3 48.75 -10.51 5.82
C GLN D 3 48.38 -11.90 5.30
N LEU D 4 48.91 -12.21 4.11
CA LEU D 4 48.72 -13.51 3.47
C LEU D 4 50.09 -14.07 3.10
N VAL D 5 50.32 -15.33 3.47
CA VAL D 5 51.57 -16.03 3.15
C VAL D 5 51.24 -17.24 2.28
N GLN D 6 51.97 -17.39 1.19
CA GLN D 6 51.75 -18.45 0.23
C GLN D 6 52.84 -19.51 0.31
N SER D 7 52.63 -20.59 -0.43
CA SER D 7 53.62 -21.67 -0.47
C SER D 7 54.86 -21.21 -1.23
N GLY D 8 55.91 -22.02 -1.14
CA GLY D 8 57.13 -21.72 -1.85
C GLY D 8 57.03 -22.01 -3.34
N SER D 9 58.12 -21.70 -4.04
CA SER D 9 58.17 -21.91 -5.48
C SER D 9 58.04 -23.38 -5.81
N GLU D 10 57.36 -23.67 -6.92
CA GLU D 10 57.12 -25.03 -7.36
C GLU D 10 57.69 -25.24 -8.76
N VAL D 11 58.35 -26.37 -8.95
CA VAL D 11 58.84 -26.78 -10.26
C VAL D 11 58.14 -28.07 -10.64
N LYS D 12 57.49 -28.06 -11.81
CA LYS D 12 56.66 -29.18 -12.23
C LYS D 12 56.97 -29.49 -13.69
N LYS D 13 56.64 -30.72 -14.08
CA LYS D 13 56.72 -31.15 -15.46
C LYS D 13 55.33 -31.07 -16.11
N PRO D 14 55.27 -30.84 -17.42
CA PRO D 14 53.97 -30.66 -18.08
C PRO D 14 53.07 -31.87 -17.89
N GLY D 15 51.79 -31.59 -17.67
CA GLY D 15 50.81 -32.62 -17.41
C GLY D 15 50.57 -32.91 -15.94
N ALA D 16 51.40 -32.38 -15.04
CA ALA D 16 51.22 -32.60 -13.62
C ALA D 16 50.20 -31.63 -13.05
N SER D 17 50.01 -31.70 -11.73
CA SER D 17 49.11 -30.80 -11.03
C SER D 17 49.82 -30.20 -9.82
N VAL D 18 49.59 -28.91 -9.59
CA VAL D 18 50.19 -28.18 -8.48
C VAL D 18 49.07 -27.48 -7.72
N LYS D 19 49.14 -27.54 -6.39
CA LYS D 19 48.17 -26.89 -5.52
C LYS D 19 48.89 -25.81 -4.71
N VAL D 20 48.61 -24.55 -5.04
CA VAL D 20 49.14 -23.44 -4.26
C VAL D 20 48.30 -23.25 -3.01
N SER D 21 48.93 -22.81 -1.93
CA SER D 21 48.24 -22.56 -0.67
C SER D 21 48.42 -21.12 -0.27
N CYS D 22 47.57 -20.66 0.64
CA CYS D 22 47.56 -19.27 1.07
C CYS D 22 47.06 -19.22 2.50
N LYS D 23 47.98 -19.04 3.45
CA LYS D 23 47.64 -19.00 4.86
C LYS D 23 47.34 -17.57 5.27
N ALA D 24 46.19 -17.34 5.89
CA ALA D 24 45.75 -16.02 6.28
C ALA D 24 45.94 -15.79 7.78
N SER D 25 46.25 -14.55 8.13
CA SER D 25 46.42 -14.19 9.53
C SER D 25 46.14 -12.69 9.68
N GLY D 26 45.78 -12.30 10.90
CA GLY D 26 45.52 -10.91 11.21
C GLY D 26 44.09 -10.47 11.04
N TYR D 27 43.21 -11.34 10.55
CA TYR D 27 41.81 -10.98 10.34
C TYR D 27 40.97 -12.24 10.37
N ARG D 28 39.65 -12.05 10.40
CA ARG D 28 38.72 -13.17 10.36
C ARG D 28 38.63 -13.69 8.94
N PHE D 29 39.05 -14.94 8.74
CA PHE D 29 39.08 -15.52 7.40
C PHE D 29 37.67 -15.66 6.82
N SER D 30 36.71 -16.04 7.66
CA SER D 30 35.36 -16.33 7.18
C SER D 30 34.59 -15.09 6.76
N ASN D 31 35.12 -13.90 7.02
CA ASN D 31 34.44 -12.66 6.65
C ASN D 31 34.81 -12.17 5.26
N TYR D 32 35.65 -12.90 4.52
CA TYR D 32 36.15 -12.43 3.24
C TYR D 32 36.17 -13.59 2.26
N GLY D 33 36.64 -13.29 1.04
CA GLY D 33 36.93 -14.30 0.05
C GLY D 33 38.36 -14.12 -0.47
N ILE D 34 38.79 -15.08 -1.27
CA ILE D 34 40.15 -15.08 -1.81
C ILE D 34 40.07 -15.05 -3.32
N SER D 35 40.71 -14.05 -3.93
CA SER D 35 40.83 -13.98 -5.37
C SER D 35 42.24 -14.36 -5.78
N TRP D 36 42.35 -15.21 -6.79
CA TRP D 36 43.63 -15.69 -7.28
C TRP D 36 43.98 -14.98 -8.58
N VAL D 37 45.20 -14.46 -8.65
CA VAL D 37 45.66 -13.67 -9.79
C VAL D 37 46.94 -14.29 -10.33
N ARG D 38 46.98 -14.49 -11.64
CA ARG D 38 48.14 -15.04 -12.31
C ARG D 38 48.94 -13.91 -12.99
N GLN D 39 50.26 -13.97 -12.82
CA GLN D 39 51.15 -13.00 -13.47
C GLN D 39 52.24 -13.77 -14.23
N ALA D 40 52.03 -13.93 -15.53
CA ALA D 40 53.06 -14.54 -16.35
C ALA D 40 54.26 -13.61 -16.50
N PRO D 41 55.46 -14.14 -16.63
CA PRO D 41 56.65 -13.27 -16.77
C PRO D 41 56.55 -12.40 -18.01
N GLY D 42 56.82 -11.10 -17.83
CA GLY D 42 56.67 -10.16 -18.91
C GLY D 42 55.24 -9.91 -19.34
N GLN D 43 54.27 -10.23 -18.48
CA GLN D 43 52.86 -10.09 -18.80
C GLN D 43 52.14 -9.52 -17.58
N GLY D 44 50.99 -8.89 -17.84
CA GLY D 44 50.23 -8.26 -16.79
C GLY D 44 49.48 -9.25 -15.92
N LEU D 45 48.80 -8.71 -14.91
CA LEU D 45 48.02 -9.51 -13.99
C LEU D 45 46.76 -10.03 -14.67
N GLU D 46 46.36 -11.24 -14.27
CA GLU D 46 45.20 -11.91 -14.85
C GLU D 46 44.41 -12.55 -13.72
N TRP D 47 43.14 -12.17 -13.58
CA TRP D 47 42.30 -12.74 -12.54
C TRP D 47 41.88 -14.15 -12.94
N MET D 48 42.11 -15.11 -12.04
CA MET D 48 41.80 -16.51 -12.31
C MET D 48 40.47 -16.95 -11.71
N GLY D 49 40.32 -16.83 -10.39
CA GLY D 49 39.11 -17.29 -9.75
C GLY D 49 38.98 -16.69 -8.37
N TRP D 50 37.76 -16.76 -7.85
CA TRP D 50 37.42 -16.21 -6.55
C TRP D 50 36.61 -17.24 -5.77
N ILE D 51 36.96 -17.43 -4.51
CA ILE D 51 36.24 -18.34 -3.63
C ILE D 51 35.93 -17.61 -2.33
N SER D 52 34.68 -17.74 -1.88
CA SER D 52 34.24 -17.07 -0.67
C SER D 52 34.39 -18.01 0.52
N ALA D 53 34.96 -17.49 1.61
CA ALA D 53 35.01 -18.23 2.85
C ALA D 53 33.72 -18.14 3.64
N TYR D 54 32.77 -17.31 3.19
CA TYR D 54 31.49 -17.18 3.86
C TYR D 54 30.42 -18.05 3.22
N ASN D 55 30.33 -18.02 1.90
CA ASN D 55 29.36 -18.85 1.17
C ASN D 55 29.95 -20.15 0.67
N GLY D 56 31.21 -20.15 0.27
CA GLY D 56 31.75 -21.20 -0.55
C GLY D 56 31.53 -20.99 -2.03
N ASN D 57 30.93 -19.86 -2.42
CA ASN D 57 30.70 -19.58 -3.84
C ASN D 57 32.02 -19.46 -4.58
N ILE D 58 32.01 -19.85 -5.85
CA ILE D 58 33.21 -19.90 -6.67
C ILE D 58 32.93 -19.23 -8.00
N LYS D 59 33.90 -18.44 -8.47
CA LYS D 59 33.82 -17.80 -9.77
C LYS D 59 35.14 -18.03 -10.50
N TYR D 60 35.08 -17.98 -11.83
CA TYR D 60 36.29 -18.13 -12.64
C TYR D 60 36.32 -17.10 -13.76
N VAL D 68 41.35 -25.68 -13.21
CA VAL D 68 41.49 -24.83 -12.04
C VAL D 68 40.37 -25.09 -11.05
N THR D 69 40.73 -25.29 -9.78
CA THR D 69 39.76 -25.55 -8.73
C THR D 69 40.24 -24.88 -7.45
N VAL D 70 39.54 -23.83 -7.03
CA VAL D 70 39.90 -23.09 -5.83
C VAL D 70 39.07 -23.60 -4.67
N THR D 71 39.73 -23.79 -3.53
CA THR D 71 39.06 -24.25 -2.31
C THR D 71 39.62 -23.46 -1.13
N THR D 72 38.82 -23.38 -0.07
CA THR D 72 39.24 -22.72 1.16
C THR D 72 39.07 -23.68 2.33
N ASP D 73 40.03 -23.64 3.25
CA ASP D 73 39.97 -24.38 4.50
C ASP D 73 39.75 -23.38 5.63
N THR D 74 38.52 -23.33 6.13
CA THR D 74 38.18 -22.34 7.16
C THR D 74 38.89 -22.63 8.48
N SER D 75 39.06 -23.91 8.81
CA SER D 75 39.66 -24.27 10.10
C SER D 75 41.09 -23.75 10.20
N THR D 76 41.88 -23.92 9.15
CA THR D 76 43.26 -23.45 9.13
C THR D 76 43.42 -22.07 8.51
N ALA D 77 42.32 -21.44 8.11
CA ALA D 77 42.35 -20.12 7.46
C ALA D 77 43.26 -20.14 6.24
N THR D 78 43.13 -21.18 5.43
CA THR D 78 43.99 -21.40 4.27
C THR D 78 43.13 -21.54 3.02
N ALA D 79 43.61 -20.96 1.93
CA ALA D 79 42.97 -21.11 0.62
C ALA D 79 43.91 -21.87 -0.31
N TYR D 80 43.32 -22.70 -1.16
CA TYR D 80 44.07 -23.52 -2.09
C TYR D 80 43.59 -23.30 -3.51
N MET D 81 44.53 -23.33 -4.45
CA MET D 81 44.22 -23.28 -5.88
C MET D 81 45.01 -24.37 -6.58
N GLU D 82 44.29 -25.28 -7.23
CA GLU D 82 44.92 -26.40 -7.93
C GLU D 82 44.74 -26.22 -9.43
N VAL D 83 45.85 -26.22 -10.16
CA VAL D 83 45.85 -26.14 -11.61
C VAL D 83 46.25 -27.49 -12.18
N ARG D 84 45.37 -28.09 -12.97
CA ARG D 84 45.59 -29.41 -13.54
C ARG D 84 45.99 -29.29 -15.00
N SER D 85 46.66 -30.34 -15.50
CA SER D 85 47.18 -30.36 -16.87
C SER D 85 48.10 -29.16 -17.10
N LEU D 86 49.13 -29.06 -16.28
CA LEU D 86 50.08 -27.96 -16.37
C LEU D 86 50.77 -27.94 -17.73
N THR D 87 50.92 -26.76 -18.29
CA THR D 87 51.62 -26.56 -19.55
C THR D 87 52.73 -25.54 -19.36
N SER D 88 53.57 -25.41 -20.38
CA SER D 88 54.65 -24.42 -20.32
C SER D 88 54.10 -23.00 -20.25
N ASP D 89 52.86 -22.80 -20.72
CA ASP D 89 52.25 -21.48 -20.65
C ASP D 89 51.76 -21.15 -19.25
N ASP D 90 51.71 -22.14 -18.36
CA ASP D 90 51.25 -21.91 -16.99
C ASP D 90 52.36 -21.50 -16.04
N THR D 91 53.59 -21.32 -16.53
CA THR D 91 54.66 -20.79 -15.70
C THR D 91 54.36 -19.34 -15.36
N ALA D 92 54.03 -19.06 -14.11
CA ALA D 92 53.64 -17.72 -13.70
C ALA D 92 53.65 -17.64 -12.18
N VAL D 93 53.58 -16.41 -11.67
CA VAL D 93 53.43 -16.18 -10.25
C VAL D 93 51.94 -16.07 -9.92
N TYR D 94 51.51 -16.83 -8.92
CA TYR D 94 50.11 -16.87 -8.53
C TYR D 94 49.94 -16.21 -7.18
N TYR D 95 49.06 -15.21 -7.12
CA TYR D 95 48.82 -14.42 -5.92
C TYR D 95 47.45 -14.73 -5.35
N CYS D 96 47.36 -14.70 -4.03
CA CYS D 96 46.08 -14.73 -3.34
C CYS D 96 45.81 -13.38 -2.72
N ALA D 97 44.62 -12.84 -2.96
CA ALA D 97 44.23 -11.52 -2.47
C ALA D 97 42.93 -11.65 -1.69
N ARG D 98 42.92 -11.05 -0.50
CA ARG D 98 41.70 -10.99 0.28
C ARG D 98 40.65 -10.16 -0.45
N ASP D 99 39.44 -10.69 -0.58
CA ASP D 99 38.46 -10.09 -1.46
C ASP D 99 37.10 -10.08 -0.79
N VAL D 100 36.08 -9.69 -1.56
CA VAL D 100 34.72 -9.53 -1.06
C VAL D 100 34.16 -10.90 -0.70
N PRO D 101 33.43 -11.04 0.42
CA PRO D 101 32.89 -12.35 0.80
C PRO D 101 31.67 -12.76 -0.02
N ALA D 102 31.10 -11.87 -0.81
CA ALA D 102 29.86 -12.17 -1.53
C ALA D 102 29.97 -11.59 -2.93
N ASP D 103 28.84 -11.61 -3.65
CA ASP D 103 28.81 -11.13 -5.03
C ASP D 103 28.69 -9.60 -5.05
N GLY D 104 29.70 -8.95 -4.49
CA GLY D 104 29.84 -7.52 -4.55
C GLY D 104 30.93 -7.10 -5.50
N VAL D 105 31.54 -5.96 -5.19
CA VAL D 105 32.69 -5.50 -5.97
C VAL D 105 33.97 -6.04 -5.34
N HIS D 106 34.93 -6.40 -6.18
CA HIS D 106 36.19 -6.93 -5.69
C HIS D 106 37.17 -5.79 -5.44
N PHE D 107 37.93 -5.90 -4.36
CA PHE D 107 38.88 -4.85 -4.02
C PHE D 107 40.32 -5.34 -3.92
N MET D 108 40.58 -6.53 -3.38
CA MET D 108 41.91 -7.12 -3.32
C MET D 108 42.88 -6.19 -2.58
N ASP D 109 42.57 -5.94 -1.30
CA ASP D 109 43.37 -5.00 -0.53
C ASP D 109 44.71 -5.59 -0.11
N VAL D 110 44.74 -6.86 0.27
CA VAL D 110 45.94 -7.50 0.80
C VAL D 110 46.29 -8.69 -0.08
N TRP D 111 47.56 -8.78 -0.50
CA TRP D 111 48.04 -9.81 -1.39
C TRP D 111 49.12 -10.66 -0.72
N GLY D 112 49.16 -11.95 -1.06
CA GLY D 112 50.26 -12.78 -0.64
C GLY D 112 51.51 -12.50 -1.44
N GLN D 113 52.64 -13.01 -0.93
CA GLN D 113 53.93 -12.67 -1.53
C GLN D 113 54.13 -13.25 -2.92
N GLY D 114 53.35 -14.25 -3.30
CA GLY D 114 53.45 -14.81 -4.64
C GLY D 114 54.15 -16.14 -4.71
N THR D 115 53.52 -17.11 -5.36
CA THR D 115 54.09 -18.44 -5.56
C THR D 115 54.48 -18.60 -7.02
N LEU D 116 55.77 -18.77 -7.28
CA LEU D 116 56.27 -18.95 -8.64
C LEU D 116 56.21 -20.43 -9.01
N VAL D 117 55.34 -20.77 -9.95
CA VAL D 117 55.19 -22.14 -10.43
C VAL D 117 55.88 -22.25 -11.78
N THR D 118 56.84 -23.16 -11.89
CA THR D 118 57.62 -23.33 -13.11
C THR D 118 57.29 -24.68 -13.74
N VAL D 119 56.93 -24.66 -15.01
CA VAL D 119 56.60 -25.88 -15.72
C VAL D 119 57.46 -26.02 -16.97
N VAL E 2 -17.48 43.14 14.58
CA VAL E 2 -16.11 42.71 14.84
C VAL E 2 -15.22 43.91 15.11
N GLN E 3 -14.83 44.08 16.38
CA GLN E 3 -13.97 45.19 16.77
C GLN E 3 -13.23 44.82 18.03
N LEU E 4 -12.14 45.55 18.28
CA LEU E 4 -11.31 45.38 19.47
C LEU E 4 -11.16 46.72 20.16
N VAL E 5 -11.40 46.75 21.47
CA VAL E 5 -11.25 47.97 22.28
C VAL E 5 -10.20 47.71 23.34
N GLN E 6 -9.26 48.64 23.46
CA GLN E 6 -8.14 48.52 24.39
C GLN E 6 -8.32 49.46 25.57
N SER E 7 -7.43 49.31 26.55
CA SER E 7 -7.44 50.18 27.72
C SER E 7 -7.00 51.59 27.35
N GLY E 8 -7.19 52.51 28.28
CA GLY E 8 -6.79 53.89 28.06
C GLY E 8 -5.29 54.07 28.17
N SER E 9 -4.86 55.31 27.93
CA SER E 9 -3.44 55.64 28.00
C SER E 9 -2.91 55.43 29.40
N GLU E 10 -1.66 54.99 29.50
CA GLU E 10 -1.01 54.70 30.77
C GLU E 10 0.25 55.53 30.89
N VAL E 11 0.45 56.11 32.07
CA VAL E 11 1.68 56.83 32.41
C VAL E 11 2.35 56.10 33.55
N LYS E 12 3.61 55.71 33.34
CA LYS E 12 4.32 54.90 34.30
C LYS E 12 5.72 55.46 34.51
N LYS E 13 6.32 55.11 35.65
CA LYS E 13 7.71 55.44 35.93
C LYS E 13 8.60 54.23 35.62
N PRO E 14 9.86 54.48 35.25
CA PRO E 14 10.73 53.37 34.85
C PRO E 14 10.87 52.33 35.95
N GLY E 15 10.88 51.06 35.55
CA GLY E 15 10.94 49.95 36.48
C GLY E 15 9.60 49.39 36.88
N ALA E 16 8.50 50.06 36.55
CA ALA E 16 7.18 49.56 36.90
C ALA E 16 6.70 48.54 35.87
N SER E 17 5.47 48.08 36.04
CA SER E 17 4.85 47.13 35.13
C SER E 17 3.46 47.63 34.74
N VAL E 18 3.12 47.48 33.47
CA VAL E 18 1.83 47.89 32.93
C VAL E 18 1.22 46.72 32.18
N LYS E 19 -0.08 46.50 32.38
CA LYS E 19 -0.81 45.44 31.72
C LYS E 19 -1.87 46.07 30.82
N VAL E 20 -1.66 45.99 29.51
CA VAL E 20 -2.65 46.45 28.55
C VAL E 20 -3.72 45.38 28.38
N SER E 21 -4.96 45.82 28.14
CA SER E 21 -6.07 44.91 27.95
C SER E 21 -6.67 45.14 26.57
N CYS E 22 -7.45 44.16 26.12
CA CYS E 22 -8.04 44.21 24.78
C CYS E 22 -9.34 43.42 24.81
N LYS E 23 -10.46 44.12 24.85
CA LYS E 23 -11.78 43.50 24.91
C LYS E 23 -12.30 43.27 23.49
N ALA E 24 -12.70 42.03 23.22
CA ALA E 24 -13.14 41.65 21.88
C ALA E 24 -14.67 41.53 21.84
N SER E 25 -15.23 41.89 20.69
CA SER E 25 -16.67 41.80 20.48
C SER E 25 -16.95 41.63 18.99
N GLY E 26 -18.11 41.06 18.69
CA GLY E 26 -18.53 40.88 17.32
C GLY E 26 -18.14 39.56 16.69
N TYR E 27 -17.38 38.72 17.39
CA TYR E 27 -16.94 37.45 16.85
C TYR E 27 -16.65 36.50 18.00
N ARG E 28 -16.43 35.23 17.65
CA ARG E 28 -16.08 34.22 18.65
C ARG E 28 -14.61 34.39 19.01
N PHE E 29 -14.35 34.72 20.28
CA PHE E 29 -12.98 34.97 20.71
C PHE E 29 -12.12 33.72 20.62
N SER E 30 -12.69 32.56 20.98
CA SER E 30 -11.93 31.33 21.05
C SER E 30 -11.52 30.78 19.69
N ASN E 31 -12.02 31.35 18.59
CA ASN E 31 -11.68 30.89 17.26
C ASN E 31 -10.46 31.59 16.67
N TYR E 32 -9.83 32.49 17.42
CA TYR E 32 -8.74 33.29 16.89
C TYR E 32 -7.63 33.41 17.93
N GLY E 33 -6.59 34.15 17.57
CA GLY E 33 -5.56 34.56 18.49
C GLY E 33 -5.36 36.06 18.44
N ILE E 34 -4.55 36.56 19.36
CA ILE E 34 -4.30 38.00 19.48
C ILE E 34 -2.81 38.24 19.27
N SER E 35 -2.47 39.08 18.30
CA SER E 35 -1.10 39.51 18.10
C SER E 35 -0.93 40.93 18.61
N TRP E 36 0.14 41.16 19.35
CA TRP E 36 0.41 42.48 19.93
C TRP E 36 1.52 43.15 19.15
N VAL E 37 1.29 44.40 18.76
CA VAL E 37 2.20 45.16 17.93
C VAL E 37 2.55 46.46 18.64
N ARG E 38 3.84 46.76 18.70
CA ARG E 38 4.34 47.99 19.31
C ARG E 38 4.69 49.01 18.24
N GLN E 39 4.28 50.25 18.46
CA GLN E 39 4.62 51.34 17.54
C GLN E 39 5.22 52.49 18.35
N ALA E 40 6.55 52.55 18.37
CA ALA E 40 7.24 53.66 19.00
C ALA E 40 7.01 54.95 18.20
N PRO E 41 6.98 56.10 18.87
CA PRO E 41 6.76 57.36 18.13
C PRO E 41 7.88 57.61 17.14
N GLY E 42 7.49 57.96 15.91
CA GLY E 42 8.46 58.14 14.84
C GLY E 42 9.12 56.85 14.40
N GLN E 43 8.52 55.71 14.68
CA GLN E 43 9.09 54.42 14.33
C GLN E 43 7.98 53.51 13.80
N GLY E 44 8.38 52.51 13.02
CA GLY E 44 7.43 51.61 12.42
C GLY E 44 6.86 50.60 13.39
N LEU E 45 5.95 49.78 12.88
CA LEU E 45 5.31 48.75 13.67
C LEU E 45 6.27 47.62 13.97
N GLU E 46 6.12 47.03 15.15
CA GLU E 46 7.00 45.94 15.61
C GLU E 46 6.13 44.88 16.27
N TRP E 47 6.19 43.66 15.75
CA TRP E 47 5.42 42.57 16.33
C TRP E 47 6.07 42.10 17.62
N MET E 48 5.28 42.04 18.69
CA MET E 48 5.78 41.66 20.01
C MET E 48 5.50 40.20 20.35
N GLY E 49 4.25 39.80 20.34
CA GLY E 49 3.91 38.44 20.72
C GLY E 49 2.52 38.08 20.26
N TRP E 50 2.26 36.78 20.24
CA TRP E 50 1.00 36.22 19.78
C TRP E 50 0.53 35.17 20.78
N ILE E 51 -0.75 35.24 21.13
CA ILE E 51 -1.35 34.26 22.04
C ILE E 51 -2.63 33.75 21.41
N SER E 52 -2.81 32.44 21.43
CA SER E 52 -3.98 31.81 20.84
C SER E 52 -5.06 31.62 21.91
N ALA E 53 -6.28 32.00 21.57
CA ALA E 53 -7.42 31.71 22.44
C ALA E 53 -7.94 30.29 22.27
N TYR E 54 -7.41 29.54 21.30
CA TYR E 54 -7.83 28.17 21.08
C TYR E 54 -6.89 27.18 21.76
N ASN E 55 -5.58 27.37 21.58
CA ASN E 55 -4.59 26.50 22.19
C ASN E 55 -4.05 27.06 23.50
N GLY E 56 -3.91 28.37 23.61
CA GLY E 56 -3.08 28.97 24.64
C GLY E 56 -1.62 29.08 24.25
N ASN E 57 -1.27 28.70 23.03
CA ASN E 57 0.10 28.80 22.58
C ASN E 57 0.55 30.25 22.53
N ILE E 58 1.84 30.46 22.80
CA ILE E 58 2.41 31.80 22.90
C ILE E 58 3.68 31.87 22.07
N LYS E 59 3.84 32.98 21.36
CA LYS E 59 5.04 33.25 20.58
C LYS E 59 5.52 34.66 20.90
N TYR E 60 6.81 34.89 20.70
CA TYR E 60 7.39 36.22 20.92
C TYR E 60 8.34 36.58 19.79
N VAL E 68 7.88 40.53 28.92
CA VAL E 68 6.60 40.51 28.22
C VAL E 68 5.89 39.18 28.45
N THR E 69 4.62 39.25 28.81
CA THR E 69 3.82 38.06 29.05
C THR E 69 2.39 38.33 28.58
N VAL E 70 1.99 37.66 27.51
CA VAL E 70 0.66 37.82 26.93
C VAL E 70 -0.24 36.73 27.45
N THR E 71 -1.46 37.10 27.84
CA THR E 71 -2.45 36.16 28.34
C THR E 71 -3.80 36.52 27.76
N THR E 72 -4.70 35.54 27.69
CA THR E 72 -6.05 35.74 27.21
C THR E 72 -7.04 35.24 28.26
N ASP E 73 -8.13 35.99 28.42
CA ASP E 73 -9.24 35.59 29.28
C ASP E 73 -10.41 35.24 28.37
N THR E 74 -10.68 33.95 28.23
CA THR E 74 -11.72 33.50 27.31
C THR E 74 -13.11 33.88 27.82
N SER E 75 -13.30 33.85 29.14
CA SER E 75 -14.62 34.13 29.70
C SER E 75 -15.08 35.54 29.38
N THR E 76 -14.19 36.53 29.51
CA THR E 76 -14.51 37.91 29.22
C THR E 76 -14.10 38.33 27.82
N ALA E 77 -13.57 37.41 27.02
CA ALA E 77 -13.12 37.69 25.66
C ALA E 77 -12.11 38.84 25.65
N THR E 78 -11.16 38.78 26.59
CA THR E 78 -10.18 39.84 26.78
C THR E 78 -8.78 39.26 26.69
N ALA E 79 -7.88 40.00 26.07
CA ALA E 79 -6.47 39.65 26.01
C ALA E 79 -5.65 40.67 26.78
N TYR E 80 -4.60 40.20 27.44
CA TYR E 80 -3.75 41.06 28.25
C TYR E 80 -2.30 40.91 27.83
N MET E 81 -1.56 42.02 27.88
CA MET E 81 -0.13 42.02 27.63
C MET E 81 0.54 42.83 28.74
N GLU E 82 1.43 42.18 29.49
CA GLU E 82 2.12 42.83 30.60
C GLU E 82 3.60 42.99 30.25
N VAL E 83 4.09 44.22 30.31
CA VAL E 83 5.49 44.53 30.08
C VAL E 83 6.13 44.91 31.40
N ARG E 84 7.14 44.17 31.81
CA ARG E 84 7.81 44.37 33.09
C ARG E 84 9.14 45.08 32.86
N SER E 85 9.62 45.73 33.91
CA SER E 85 10.85 46.53 33.86
C SER E 85 10.75 47.59 32.77
N LEU E 86 9.73 48.43 32.88
CA LEU E 86 9.50 49.47 31.89
C LEU E 86 10.67 50.44 31.82
N THR E 87 11.04 50.81 30.61
CA THR E 87 12.11 51.77 30.37
C THR E 87 11.58 52.92 29.52
N SER E 88 12.40 53.97 29.39
CA SER E 88 12.01 55.10 28.54
C SER E 88 11.86 54.68 27.09
N ASP E 89 12.54 53.60 26.69
CA ASP E 89 12.44 53.11 25.32
C ASP E 89 11.12 52.37 25.07
N ASP E 90 10.38 52.05 26.14
CA ASP E 90 9.12 51.32 26.01
C ASP E 90 7.93 52.25 25.83
N THR E 91 8.14 53.56 25.75
CA THR E 91 7.05 54.48 25.43
C THR E 91 6.60 54.27 23.99
N ALA E 92 5.42 53.70 23.82
CA ALA E 92 4.93 53.36 22.49
C ALA E 92 3.44 53.05 22.56
N VAL E 93 2.81 53.01 21.39
CA VAL E 93 1.42 52.58 21.29
C VAL E 93 1.39 51.08 21.04
N TYR E 94 0.59 50.36 21.83
CA TYR E 94 0.51 48.92 21.75
C TYR E 94 -0.86 48.54 21.20
N TYR E 95 -0.87 47.76 20.12
CA TYR E 95 -2.09 47.36 19.44
C TYR E 95 -2.34 45.88 19.64
N CYS E 96 -3.61 45.51 19.73
CA CYS E 96 -4.02 44.11 19.68
C CYS E 96 -4.74 43.85 18.37
N ALA E 97 -4.33 42.80 17.68
CA ALA E 97 -4.90 42.44 16.38
C ALA E 97 -5.39 41.01 16.42
N ARG E 98 -6.62 40.79 15.96
CA ARG E 98 -7.14 39.44 15.83
C ARG E 98 -6.32 38.67 14.81
N ASP E 99 -5.90 37.47 15.18
CA ASP E 99 -4.91 36.75 14.38
C ASP E 99 -5.30 35.29 14.27
N VAL E 100 -4.40 34.51 13.68
CA VAL E 100 -4.63 33.08 13.42
C VAL E 100 -4.71 32.34 14.74
N PRO E 101 -5.63 31.37 14.90
CA PRO E 101 -5.72 30.64 16.17
C PRO E 101 -4.65 29.58 16.35
N ALA E 102 -3.87 29.28 15.31
CA ALA E 102 -2.89 28.20 15.40
C ALA E 102 -1.62 28.66 14.68
N ASP E 103 -0.69 27.71 14.51
CA ASP E 103 0.59 28.01 13.88
C ASP E 103 0.45 28.05 12.36
N GLY E 104 -0.38 28.98 11.88
CA GLY E 104 -0.53 29.26 10.49
C GLY E 104 0.13 30.57 10.10
N VAL E 105 -0.43 31.21 9.09
CA VAL E 105 0.04 32.53 8.69
C VAL E 105 -0.75 33.59 9.44
N HIS E 106 -0.08 34.66 9.83
CA HIS E 106 -0.75 35.74 10.55
C HIS E 106 -1.32 36.75 9.57
N PHE E 107 -2.51 37.26 9.87
CA PHE E 107 -3.16 38.22 8.99
C PHE E 107 -3.49 39.55 9.66
N MET E 108 -3.90 39.56 10.92
CA MET E 108 -4.17 40.79 11.66
C MET E 108 -5.19 41.66 10.94
N ASP E 109 -6.40 41.13 10.79
CA ASP E 109 -7.43 41.82 10.04
C ASP E 109 -8.02 42.99 10.82
N VAL E 110 -8.25 42.82 12.12
CA VAL E 110 -8.92 43.81 12.95
C VAL E 110 -7.97 44.22 14.07
N TRP E 111 -7.82 45.54 14.27
CA TRP E 111 -6.91 46.09 15.26
C TRP E 111 -7.68 46.90 16.29
N GLY E 112 -7.19 46.90 17.52
CA GLY E 112 -7.72 47.80 18.53
C GLY E 112 -7.22 49.22 18.32
N GLN E 113 -7.87 50.16 19.00
CA GLN E 113 -7.59 51.58 18.77
C GLN E 113 -6.21 52.00 19.22
N GLY E 114 -5.55 51.23 20.08
CA GLY E 114 -4.20 51.56 20.49
C GLY E 114 -4.11 52.13 21.90
N THR E 115 -3.23 51.55 22.71
CA THR E 115 -2.99 52.02 24.08
C THR E 115 -1.62 52.69 24.13
N LEU E 116 -1.61 53.99 24.43
CA LEU E 116 -0.36 54.74 24.52
C LEU E 116 0.19 54.62 25.94
N VAL E 117 1.32 53.94 26.07
CA VAL E 117 1.99 53.76 27.37
C VAL E 117 3.18 54.70 27.41
N THR E 118 3.21 55.58 28.41
CA THR E 118 4.26 56.58 28.56
C THR E 118 5.10 56.26 29.79
N VAL E 119 6.41 56.17 29.59
CA VAL E 119 7.32 55.88 30.68
C VAL E 119 8.39 56.97 30.80
N VAL F 2 -16.07 -15.95 -43.24
CA VAL F 2 -16.54 -14.71 -42.62
C VAL F 2 -17.13 -13.79 -43.68
N GLN F 3 -18.46 -13.67 -43.67
CA GLN F 3 -19.14 -12.80 -44.62
C GLN F 3 -20.48 -12.37 -44.04
N LEU F 4 -21.02 -11.29 -44.60
CA LEU F 4 -22.32 -10.75 -44.22
C LEU F 4 -23.18 -10.62 -45.45
N VAL F 5 -24.41 -11.12 -45.38
CA VAL F 5 -25.38 -11.04 -46.47
C VAL F 5 -26.59 -10.26 -45.99
N GLN F 6 -27.01 -9.28 -46.79
CA GLN F 6 -28.12 -8.39 -46.44
C GLN F 6 -29.35 -8.72 -47.27
N SER F 7 -30.45 -8.07 -46.92
CA SER F 7 -31.70 -8.25 -47.65
C SER F 7 -31.61 -7.61 -49.03
N GLY F 8 -32.57 -7.90 -49.88
CA GLY F 8 -32.61 -7.32 -51.20
C GLY F 8 -33.05 -5.87 -51.19
N SER F 9 -33.05 -5.28 -52.39
CA SER F 9 -33.42 -3.88 -52.53
C SER F 9 -34.87 -3.68 -52.13
N GLU F 10 -35.15 -2.53 -51.52
CA GLU F 10 -36.49 -2.20 -51.04
C GLU F 10 -36.96 -0.90 -51.70
N VAL F 11 -38.21 -0.90 -52.13
CA VAL F 11 -38.87 0.30 -52.66
C VAL F 11 -40.03 0.64 -51.74
N LYS F 12 -40.03 1.87 -51.22
CA LYS F 12 -41.00 2.29 -50.23
C LYS F 12 -41.54 3.66 -50.59
N LYS F 13 -42.72 3.96 -50.07
CA LYS F 13 -43.31 5.28 -50.19
C LYS F 13 -43.04 6.10 -48.93
N PRO F 14 -42.96 7.43 -49.05
CA PRO F 14 -42.60 8.25 -47.90
C PRO F 14 -43.58 8.06 -46.74
N GLY F 15 -43.02 8.03 -45.53
CA GLY F 15 -43.80 7.79 -44.33
C GLY F 15 -43.87 6.34 -43.89
N ALA F 16 -43.41 5.40 -44.72
CA ALA F 16 -43.42 4.00 -44.36
C ALA F 16 -42.21 3.65 -43.51
N SER F 17 -42.07 2.37 -43.18
CA SER F 17 -40.94 1.87 -42.42
C SER F 17 -40.35 0.65 -43.11
N VAL F 18 -39.03 0.58 -43.14
CA VAL F 18 -38.31 -0.53 -43.75
C VAL F 18 -37.31 -1.09 -42.75
N LYS F 19 -37.23 -2.41 -42.66
CA LYS F 19 -36.31 -3.09 -41.77
C LYS F 19 -35.30 -3.88 -42.61
N VAL F 20 -34.06 -3.40 -42.64
CA VAL F 20 -32.99 -4.12 -43.32
C VAL F 20 -32.48 -5.24 -42.40
N SER F 21 -32.06 -6.33 -43.01
CA SER F 21 -31.54 -7.47 -42.25
C SER F 21 -30.11 -7.75 -42.70
N CYS F 22 -29.40 -8.51 -41.87
CA CYS F 22 -27.99 -8.80 -42.12
C CYS F 22 -27.66 -10.14 -41.49
N LYS F 23 -27.57 -11.18 -42.33
CA LYS F 23 -27.29 -12.53 -41.86
C LYS F 23 -25.79 -12.75 -41.84
N ALA F 24 -25.27 -13.21 -40.69
CA ALA F 24 -23.84 -13.41 -40.51
C ALA F 24 -23.49 -14.88 -40.58
N SER F 25 -22.30 -15.17 -41.12
CA SER F 25 -21.81 -16.52 -41.22
C SER F 25 -20.28 -16.51 -41.24
N GLY F 26 -19.68 -17.63 -40.86
CA GLY F 26 -18.26 -17.77 -40.86
C GLY F 26 -17.56 -17.38 -39.57
N TYR F 27 -18.29 -16.87 -38.58
CA TYR F 27 -17.68 -16.46 -37.33
C TYR F 27 -18.74 -16.51 -36.23
N ARG F 28 -18.29 -16.34 -34.99
CA ARG F 28 -19.20 -16.30 -33.86
C ARG F 28 -19.86 -14.93 -33.80
N PHE F 29 -21.19 -14.91 -33.97
CA PHE F 29 -21.91 -13.65 -34.02
C PHE F 29 -21.84 -12.92 -32.67
N SER F 30 -21.93 -13.66 -31.57
CA SER F 30 -21.99 -13.06 -30.25
C SER F 30 -20.68 -12.42 -29.80
N ASN F 31 -19.59 -12.64 -30.54
CA ASN F 31 -18.30 -12.06 -30.17
C ASN F 31 -18.06 -10.69 -30.78
N TYR F 32 -19.02 -10.13 -31.52
CA TYR F 32 -18.82 -8.88 -32.23
C TYR F 32 -20.06 -8.02 -32.10
N GLY F 33 -20.01 -6.85 -32.76
CA GLY F 33 -21.16 -6.00 -32.93
C GLY F 33 -21.33 -5.66 -34.40
N ILE F 34 -22.45 -5.01 -34.71
CA ILE F 34 -22.79 -4.64 -36.08
C ILE F 34 -22.91 -3.13 -36.16
N SER F 35 -22.14 -2.52 -37.05
CA SER F 35 -22.27 -1.10 -37.32
C SER F 35 -22.98 -0.91 -38.66
N TRP F 36 -23.94 0.00 -38.69
CA TRP F 36 -24.72 0.27 -39.89
C TRP F 36 -24.26 1.59 -40.50
N VAL F 37 -23.99 1.56 -41.80
CA VAL F 37 -23.45 2.70 -42.53
C VAL F 37 -24.37 3.01 -43.69
N ARG F 38 -24.73 4.28 -43.84
CA ARG F 38 -25.57 4.75 -44.92
C ARG F 38 -24.72 5.43 -45.99
N GLN F 39 -25.00 5.11 -47.25
CA GLN F 39 -24.32 5.73 -48.39
C GLN F 39 -25.37 6.26 -49.35
N ALA F 40 -25.65 7.56 -49.27
CA ALA F 40 -26.54 8.19 -50.21
C ALA F 40 -25.88 8.28 -51.59
N PRO F 41 -26.65 8.21 -52.66
CA PRO F 41 -26.06 8.28 -54.01
C PRO F 41 -25.34 9.60 -54.22
N GLY F 42 -24.11 9.51 -54.74
CA GLY F 42 -23.28 10.69 -54.91
C GLY F 42 -22.82 11.31 -53.61
N GLN F 43 -22.84 10.56 -52.52
CA GLN F 43 -22.45 11.05 -51.21
C GLN F 43 -21.61 10.00 -50.49
N GLY F 44 -20.81 10.45 -49.54
CA GLY F 44 -19.91 9.56 -48.83
C GLY F 44 -20.63 8.71 -47.79
N LEU F 45 -19.84 7.85 -47.16
CA LEU F 45 -20.36 6.95 -46.14
C LEU F 45 -20.71 7.73 -44.86
N GLU F 46 -21.75 7.27 -44.18
CA GLU F 46 -22.24 7.92 -42.96
C GLU F 46 -22.58 6.85 -41.95
N TRP F 47 -21.94 6.89 -40.79
CA TRP F 47 -22.20 5.92 -39.74
C TRP F 47 -23.54 6.22 -39.07
N MET F 48 -24.41 5.23 -39.01
CA MET F 48 -25.74 5.40 -38.44
C MET F 48 -25.85 4.92 -37.00
N GLY F 49 -25.53 3.65 -36.74
CA GLY F 49 -25.67 3.13 -35.40
C GLY F 49 -24.90 1.83 -35.26
N TRP F 50 -24.67 1.47 -34.01
CA TRP F 50 -23.90 0.27 -33.66
C TRP F 50 -24.66 -0.49 -32.59
N ILE F 51 -24.76 -1.81 -32.75
CA ILE F 51 -25.40 -2.67 -31.78
C ILE F 51 -24.47 -3.85 -31.49
N SER F 52 -24.30 -4.15 -30.21
CA SER F 52 -23.42 -5.23 -29.79
C SER F 52 -24.22 -6.51 -29.62
N ALA F 53 -23.70 -7.60 -30.18
CA ALA F 53 -24.28 -8.92 -29.95
C ALA F 53 -23.84 -9.52 -28.62
N TYR F 54 -22.91 -8.88 -27.93
CA TYR F 54 -22.44 -9.38 -26.64
C TYR F 54 -23.16 -8.69 -25.48
N ASN F 55 -23.27 -7.37 -25.53
CA ASN F 55 -23.96 -6.61 -24.49
C ASN F 55 -25.41 -6.31 -24.84
N GLY F 56 -25.70 -6.07 -26.11
CA GLY F 56 -26.93 -5.42 -26.49
C GLY F 56 -26.86 -3.91 -26.47
N ASN F 57 -25.70 -3.35 -26.17
CA ASN F 57 -25.53 -1.90 -26.15
C ASN F 57 -25.76 -1.32 -27.53
N ILE F 58 -26.29 -0.10 -27.56
CA ILE F 58 -26.68 0.56 -28.80
C ILE F 58 -26.12 1.97 -28.80
N LYS F 59 -25.61 2.39 -29.96
CA LYS F 59 -25.12 3.74 -30.16
C LYS F 59 -25.69 4.28 -31.46
N TYR F 60 -25.79 5.60 -31.55
CA TYR F 60 -26.27 6.25 -32.77
C TYR F 60 -25.41 7.45 -33.13
N VAL F 68 -34.69 5.47 -36.17
CA VAL F 68 -33.75 4.38 -36.36
C VAL F 68 -33.67 3.51 -35.11
N THR F 69 -33.79 2.19 -35.30
CA THR F 69 -33.71 1.25 -34.20
C THR F 69 -33.01 0.00 -34.68
N VAL F 70 -31.80 -0.24 -34.18
CA VAL F 70 -31.00 -1.39 -34.56
C VAL F 70 -31.20 -2.49 -33.53
N THR F 71 -31.39 -3.72 -34.01
CA THR F 71 -31.55 -4.89 -33.15
C THR F 71 -30.75 -6.04 -33.73
N THR F 72 -30.40 -6.99 -32.86
CA THR F 72 -29.69 -8.19 -33.28
C THR F 72 -30.45 -9.41 -32.80
N ASP F 73 -30.49 -10.44 -33.65
CA ASP F 73 -31.06 -11.73 -33.31
C ASP F 73 -29.90 -12.72 -33.19
N THR F 74 -29.54 -13.07 -31.96
CA THR F 74 -28.39 -13.94 -31.74
C THR F 74 -28.67 -15.36 -32.22
N SER F 75 -29.91 -15.83 -32.09
CA SER F 75 -30.22 -17.21 -32.46
C SER F 75 -29.99 -17.45 -33.96
N THR F 76 -30.43 -16.52 -34.80
CA THR F 76 -30.26 -16.63 -36.24
C THR F 76 -29.02 -15.89 -36.74
N ALA F 77 -28.23 -15.31 -35.85
CA ALA F 77 -27.04 -14.54 -36.22
C ALA F 77 -27.36 -13.45 -37.22
N THR F 78 -28.45 -12.74 -36.96
CA THR F 78 -28.97 -11.72 -37.86
C THR F 78 -29.08 -10.39 -37.13
N ALA F 79 -28.75 -9.31 -37.82
CA ALA F 79 -28.92 -7.96 -37.31
C ALA F 79 -29.96 -7.23 -38.16
N TYR F 80 -30.75 -6.39 -37.49
CA TYR F 80 -31.81 -5.65 -38.15
C TYR F 80 -31.67 -4.17 -37.87
N MET F 81 -32.00 -3.36 -38.86
CA MET F 81 -32.04 -1.90 -38.73
C MET F 81 -33.35 -1.41 -39.32
N GLU F 82 -34.17 -0.76 -38.51
CA GLU F 82 -35.47 -0.26 -38.95
C GLU F 82 -35.44 1.26 -38.97
N VAL F 83 -35.75 1.85 -40.12
CA VAL F 83 -35.83 3.30 -40.28
C VAL F 83 -37.30 3.67 -40.45
N ARG F 84 -37.80 4.51 -39.54
CA ARG F 84 -39.20 4.91 -39.54
C ARG F 84 -39.33 6.32 -40.11
N SER F 85 -40.53 6.63 -40.59
CA SER F 85 -40.82 7.91 -41.23
C SER F 85 -39.87 8.15 -42.39
N LEU F 86 -39.88 7.22 -43.34
CA LEU F 86 -38.99 7.30 -44.50
C LEU F 86 -39.28 8.55 -45.31
N THR F 87 -38.22 9.20 -45.77
CA THR F 87 -38.32 10.38 -46.61
C THR F 87 -37.52 10.15 -47.88
N SER F 88 -37.69 11.07 -48.84
CA SER F 88 -36.93 10.97 -50.09
C SER F 88 -35.44 11.11 -49.84
N ASP F 89 -35.04 11.75 -48.73
CA ASP F 89 -33.63 11.88 -48.40
C ASP F 89 -33.05 10.58 -47.86
N ASP F 90 -33.89 9.61 -47.52
CA ASP F 90 -33.43 8.34 -46.97
C ASP F 90 -33.13 7.31 -48.04
N THR F 91 -33.25 7.65 -49.31
CA THR F 91 -32.86 6.75 -50.39
C THR F 91 -31.34 6.60 -50.38
N ALA F 92 -30.86 5.42 -49.98
CA ALA F 92 -29.43 5.20 -49.84
C ALA F 92 -29.17 3.71 -49.71
N VAL F 93 -27.91 3.33 -49.86
CA VAL F 93 -27.48 1.96 -49.61
C VAL F 93 -27.04 1.82 -48.16
N TYR F 94 -27.58 0.82 -47.47
CA TYR F 94 -27.30 0.61 -46.06
C TYR F 94 -26.45 -0.64 -45.90
N TYR F 95 -25.31 -0.50 -45.25
CA TYR F 95 -24.35 -1.58 -45.07
C TYR F 95 -24.31 -2.01 -43.61
N CYS F 96 -24.10 -3.30 -43.39
CA CYS F 96 -23.80 -3.82 -42.07
C CYS F 96 -22.35 -4.28 -42.03
N ALA F 97 -21.63 -3.84 -41.01
CA ALA F 97 -20.21 -4.15 -40.85
C ALA F 97 -19.99 -4.78 -39.49
N ARG F 98 -19.26 -5.89 -39.48
CA ARG F 98 -18.87 -6.51 -38.22
C ARG F 98 -17.94 -5.57 -37.46
N ASP F 99 -18.23 -5.35 -36.18
CA ASP F 99 -17.56 -4.30 -35.44
C ASP F 99 -17.19 -4.79 -34.05
N VAL F 100 -16.70 -3.86 -33.23
CA VAL F 100 -16.23 -4.18 -31.88
C VAL F 100 -17.41 -4.61 -31.02
N PRO F 101 -17.25 -5.63 -30.17
CA PRO F 101 -18.38 -6.05 -29.32
C PRO F 101 -18.64 -5.15 -28.13
N ALA F 102 -17.75 -4.21 -27.84
CA ALA F 102 -17.88 -3.37 -26.65
C ALA F 102 -17.50 -1.95 -27.01
N ASP F 103 -17.39 -1.10 -25.99
CA ASP F 103 -17.07 0.32 -26.20
C ASP F 103 -15.57 0.49 -26.41
N GLY F 104 -15.07 -0.12 -27.47
CA GLY F 104 -13.71 0.05 -27.91
C GLY F 104 -13.63 0.90 -29.16
N VAL F 105 -12.61 0.63 -29.96
CA VAL F 105 -12.48 1.30 -31.25
C VAL F 105 -13.18 0.46 -32.32
N HIS F 106 -13.84 1.15 -33.25
CA HIS F 106 -14.53 0.46 -34.32
C HIS F 106 -13.58 0.20 -35.50
N PHE F 107 -13.72 -0.97 -36.10
CA PHE F 107 -12.85 -1.32 -37.22
C PHE F 107 -13.60 -1.65 -38.50
N MET F 108 -14.74 -2.33 -38.44
CA MET F 108 -15.57 -2.61 -39.61
C MET F 108 -14.77 -3.37 -40.67
N ASP F 109 -14.32 -4.57 -40.29
CA ASP F 109 -13.47 -5.35 -41.19
C ASP F 109 -14.26 -5.97 -42.33
N VAL F 110 -15.45 -6.48 -42.07
CA VAL F 110 -16.26 -7.21 -43.05
C VAL F 110 -17.59 -6.48 -43.22
N TRP F 111 -17.96 -6.25 -44.47
CA TRP F 111 -19.18 -5.52 -44.82
C TRP F 111 -20.12 -6.41 -45.61
N GLY F 112 -21.42 -6.18 -45.42
CA GLY F 112 -22.41 -6.82 -46.27
C GLY F 112 -22.48 -6.16 -47.63
N GLN F 113 -23.13 -6.85 -48.57
CA GLN F 113 -23.13 -6.39 -49.96
C GLN F 113 -23.90 -5.08 -50.16
N GLY F 114 -24.77 -4.70 -49.23
CA GLY F 114 -25.49 -3.45 -49.35
C GLY F 114 -26.94 -3.59 -49.76
N THR F 115 -27.83 -2.97 -49.01
CA THR F 115 -29.26 -2.98 -49.31
C THR F 115 -29.66 -1.59 -49.80
N LEU F 116 -30.12 -1.52 -51.05
CA LEU F 116 -30.54 -0.25 -51.63
C LEU F 116 -32.02 -0.01 -51.31
N VAL F 117 -32.29 0.99 -50.47
CA VAL F 117 -33.65 1.36 -50.09
C VAL F 117 -34.04 2.60 -50.88
N THR F 118 -35.13 2.50 -51.63
CA THR F 118 -35.60 3.58 -52.47
C THR F 118 -36.92 4.12 -51.94
N VAL F 119 -36.98 5.42 -51.71
CA VAL F 119 -38.20 6.05 -51.21
C VAL F 119 -38.64 7.17 -52.15
N VAL G 2 34.96 -6.17 -19.35
CA VAL G 2 35.38 -4.78 -19.31
C VAL G 2 36.88 -4.67 -19.53
N VAL G 3 37.27 -4.17 -20.70
CA VAL G 3 38.69 -3.99 -21.02
C VAL G 3 39.17 -2.68 -20.42
N MET G 4 40.17 -2.76 -19.55
CA MET G 4 40.74 -1.59 -18.89
C MET G 4 42.01 -1.21 -19.63
N THR G 5 41.88 -0.34 -20.63
CA THR G 5 43.05 0.15 -21.35
C THR G 5 43.81 1.14 -20.47
N GLN G 6 45.13 0.95 -20.39
CA GLN G 6 45.97 1.78 -19.55
C GLN G 6 47.09 2.37 -20.40
N SER G 7 47.39 3.64 -20.16
CA SER G 7 48.39 4.35 -20.95
C SER G 7 49.11 5.36 -20.08
N PRO G 8 50.44 5.53 -20.24
CA PRO G 8 51.29 4.76 -21.15
C PRO G 8 51.76 3.45 -20.54
N LEU G 9 52.40 2.60 -21.34
CA LEU G 9 52.93 1.34 -20.82
C LEU G 9 54.31 1.53 -20.18
N SER G 10 55.06 2.55 -20.59
CA SER G 10 56.35 2.85 -20.00
C SER G 10 56.40 4.34 -19.68
N LEU G 11 56.76 4.66 -18.44
CA LEU G 11 56.74 6.04 -17.95
C LEU G 11 58.05 6.37 -17.27
N PRO G 12 59.10 6.65 -18.05
CA PRO G 12 60.36 7.10 -17.45
C PRO G 12 60.24 8.53 -16.95
N VAL G 13 60.46 8.70 -15.64
CA VAL G 13 60.23 9.99 -14.98
C VAL G 13 61.51 10.41 -14.26
N THR G 14 61.87 11.69 -14.42
CA THR G 14 62.98 12.27 -13.68
C THR G 14 62.56 12.46 -12.23
N LEU G 15 63.51 12.24 -11.31
CA LEU G 15 63.22 12.36 -9.89
C LEU G 15 62.75 13.77 -9.55
N GLY G 16 61.65 13.84 -8.79
CA GLY G 16 61.08 15.09 -8.37
C GLY G 16 60.02 15.66 -9.29
N GLN G 17 60.01 15.27 -10.57
CA GLN G 17 59.01 15.76 -11.50
C GLN G 17 57.74 14.93 -11.39
N PRO G 18 56.59 15.52 -11.70
CA PRO G 18 55.32 14.78 -11.60
C PRO G 18 55.20 13.73 -12.70
N ALA G 19 54.33 12.75 -12.43
CA ALA G 19 54.04 11.69 -13.38
C ALA G 19 52.55 11.41 -13.38
N SER G 20 52.00 11.15 -14.57
CA SER G 20 50.57 10.92 -14.74
C SER G 20 50.35 9.62 -15.48
N ILE G 21 49.48 8.77 -14.93
CA ILE G 21 49.10 7.51 -15.55
C ILE G 21 47.60 7.52 -15.78
N SER G 22 47.18 7.28 -17.01
CA SER G 22 45.77 7.27 -17.37
C SER G 22 45.30 5.85 -17.66
N CYS G 23 44.04 5.59 -17.34
CA CYS G 23 43.44 4.29 -17.54
C CYS G 23 41.98 4.46 -17.93
N ARG G 24 41.65 4.07 -19.16
CA ARG G 24 40.33 4.29 -19.72
C ARG G 24 39.60 2.97 -19.84
N SER G 25 38.37 2.93 -19.35
CA SER G 25 37.56 1.72 -19.37
C SER G 25 36.72 1.66 -20.65
N SER G 26 36.35 0.43 -21.03
CA SER G 26 35.47 0.25 -22.17
C SER G 26 34.02 0.56 -21.85
N GLN G 27 33.64 0.55 -20.57
CA GLN G 27 32.29 0.85 -20.15
C GLN G 27 32.35 1.84 -18.99
N SER G 28 31.20 2.44 -18.70
CA SER G 28 31.11 3.28 -17.51
C SER G 28 31.21 2.43 -16.26
N LEU G 29 32.08 2.83 -15.34
CA LEU G 29 32.32 2.05 -14.13
C LEU G 29 31.43 2.47 -12.97
N VAL G 30 30.47 3.35 -13.20
CA VAL G 30 29.53 3.76 -12.15
C VAL G 30 28.62 2.58 -11.82
N HIS G 31 28.59 2.20 -10.55
CA HIS G 31 27.82 1.04 -10.11
C HIS G 31 26.36 1.45 -9.89
N SER G 32 25.55 0.46 -9.49
CA SER G 32 24.15 0.75 -9.17
C SER G 32 24.05 1.82 -8.09
N ASP G 33 24.75 1.63 -6.97
CA ASP G 33 25.05 2.76 -6.10
C ASP G 33 26.08 3.66 -6.77
N THR G 34 25.91 4.96 -6.64
CA THR G 34 26.60 5.99 -7.42
C THR G 34 28.12 5.88 -7.37
N ASN G 35 28.71 5.01 -6.56
CA ASN G 35 30.15 4.91 -6.47
C ASN G 35 30.76 4.36 -7.76
N THR G 36 32.00 4.77 -8.03
CA THR G 36 32.80 4.26 -9.14
C THR G 36 33.98 3.52 -8.55
N TYR G 37 33.92 2.19 -8.56
CA TYR G 37 34.93 1.35 -7.92
C TYR G 37 36.08 1.08 -8.90
N LEU G 38 37.01 2.02 -8.93
CA LEU G 38 38.26 1.85 -9.68
C LEU G 38 39.42 1.90 -8.70
N ASN G 39 40.28 0.88 -8.78
CA ASN G 39 41.43 0.76 -7.88
C ASN G 39 42.73 0.97 -8.64
N TRP G 40 43.74 1.41 -7.90
CA TRP G 40 45.09 1.56 -8.43
C TRP G 40 46.06 0.77 -7.54
N PHE G 41 46.84 -0.10 -8.15
CA PHE G 41 47.80 -0.95 -7.45
C PHE G 41 49.21 -0.58 -7.85
N GLN G 42 50.15 -0.87 -6.97
CA GLN G 42 51.57 -0.68 -7.23
C GLN G 42 52.32 -1.97 -6.96
N GLN G 43 53.15 -2.37 -7.91
CA GLN G 43 53.95 -3.59 -7.77
C GLN G 43 55.41 -3.16 -7.69
N ARG G 44 55.89 -2.94 -6.47
CA ARG G 44 57.30 -2.65 -6.26
C ARG G 44 58.13 -3.85 -6.73
N PRO G 45 59.29 -3.61 -7.34
CA PRO G 45 60.10 -4.72 -7.85
C PRO G 45 60.41 -5.74 -6.77
N GLY G 46 60.12 -7.01 -7.06
CA GLY G 46 60.34 -8.08 -6.12
C GLY G 46 59.27 -8.24 -5.06
N GLN G 47 58.16 -7.51 -5.17
CA GLN G 47 57.10 -7.55 -4.18
C GLN G 47 55.76 -7.79 -4.85
N SER G 48 54.77 -8.14 -4.04
CA SER G 48 53.40 -8.29 -4.52
C SER G 48 52.77 -6.92 -4.72
N PRO G 49 51.78 -6.83 -5.61
CA PRO G 49 51.08 -5.55 -5.80
C PRO G 49 50.38 -5.11 -4.51
N ARG G 50 50.44 -3.81 -4.25
CA ARG G 50 49.79 -3.20 -3.10
C ARG G 50 48.83 -2.12 -3.58
N ARG G 51 47.68 -2.02 -2.91
CA ARG G 51 46.66 -1.07 -3.32
C ARG G 51 47.03 0.34 -2.86
N LEU G 52 47.00 1.29 -3.78
CA LEU G 52 47.24 2.70 -3.46
C LEU G 52 45.93 3.47 -3.34
N ILE G 53 45.12 3.46 -4.40
CA ILE G 53 43.84 4.16 -4.44
C ILE G 53 42.76 3.09 -4.59
N TYR G 54 41.74 3.14 -3.72
CA TYR G 54 40.70 2.12 -3.75
C TYR G 54 39.38 2.58 -4.34
N LYS G 55 39.11 3.88 -4.34
CA LYS G 55 38.07 4.46 -5.17
C LYS G 55 38.70 5.66 -5.86
N VAL G 56 38.05 6.19 -6.88
CA VAL G 56 38.70 6.96 -7.93
C VAL G 56 39.73 7.95 -7.37
N SER G 57 39.53 8.42 -6.15
CA SER G 57 40.44 9.39 -5.56
C SER G 57 40.86 9.07 -4.13
N ASN G 58 40.34 8.01 -3.53
CA ASN G 58 40.57 7.75 -2.11
C ASN G 58 41.89 7.01 -1.91
N ARG G 59 42.86 7.67 -1.29
CA ARG G 59 44.13 7.03 -0.97
C ARG G 59 43.93 5.95 0.09
N ASP G 60 44.71 4.89 0.00
CA ASP G 60 44.67 3.85 1.01
C ASP G 60 45.52 4.25 2.21
N SER G 61 45.27 3.59 3.34
CA SER G 61 46.00 3.89 4.57
C SER G 61 47.48 3.55 4.39
N GLY G 62 48.34 4.48 4.81
CA GLY G 62 49.77 4.32 4.65
C GLY G 62 50.33 4.78 3.33
N VAL G 63 49.47 5.19 2.40
CA VAL G 63 49.94 5.69 1.10
C VAL G 63 50.30 7.17 1.25
N PRO G 64 51.49 7.57 0.80
CA PRO G 64 51.85 8.99 0.89
C PRO G 64 50.94 9.86 0.04
N ASP G 65 50.86 11.14 0.42
CA ASP G 65 49.94 12.07 -0.23
C ASP G 65 50.35 12.41 -1.65
N ARG G 66 51.54 12.00 -2.10
CA ARG G 66 51.97 12.33 -3.44
C ARG G 66 51.13 11.62 -4.50
N PHE G 67 50.46 10.53 -4.13
CA PHE G 67 49.63 9.76 -5.07
C PHE G 67 48.22 10.33 -5.07
N SER G 68 47.78 10.81 -6.22
CA SER G 68 46.45 11.41 -6.38
C SER G 68 45.71 10.68 -7.48
N GLY G 69 44.46 10.32 -7.23
CA GLY G 69 43.62 9.70 -8.23
C GLY G 69 42.53 10.66 -8.71
N SER G 70 42.23 10.57 -10.00
CA SER G 70 41.23 11.45 -10.60
C SER G 70 40.58 10.74 -11.78
N GLY G 71 39.43 11.24 -12.18
CA GLY G 71 38.69 10.72 -13.31
C GLY G 71 37.24 10.43 -12.96
N SER G 72 36.48 10.16 -14.01
CA SER G 72 35.06 9.83 -13.84
C SER G 72 34.58 9.08 -15.08
N GLY G 73 33.49 8.34 -14.92
CA GLY G 73 32.88 7.63 -16.02
C GLY G 73 33.74 6.50 -16.57
N THR G 74 34.31 6.71 -17.75
CA THR G 74 35.13 5.69 -18.40
C THR G 74 36.61 6.03 -18.41
N THR G 75 36.98 7.27 -18.08
CA THR G 75 38.38 7.69 -18.13
C THR G 75 38.83 8.09 -16.73
N PHE G 76 40.05 7.65 -16.37
CA PHE G 76 40.59 7.88 -15.04
C PHE G 76 42.06 8.23 -15.16
N THR G 77 42.61 8.82 -14.08
CA THR G 77 43.99 9.27 -14.09
C THR G 77 44.61 9.01 -12.73
N LEU G 78 45.85 8.55 -12.73
CA LEU G 78 46.67 8.44 -11.54
C LEU G 78 47.84 9.39 -11.68
N LYS G 79 48.05 10.25 -10.68
CA LYS G 79 49.10 11.25 -10.72
C LYS G 79 49.99 11.14 -9.49
N ILE G 80 51.29 11.36 -9.70
CA ILE G 80 52.27 11.44 -8.63
C ILE G 80 52.83 12.85 -8.65
N SER G 81 52.73 13.55 -7.50
CA SER G 81 53.20 14.92 -7.44
C SER G 81 54.71 15.00 -7.60
N ARG G 82 55.45 14.14 -6.91
CA ARG G 82 56.91 14.09 -7.03
C ARG G 82 57.32 12.63 -7.05
N VAL G 83 58.01 12.22 -8.11
CA VAL G 83 58.45 10.83 -8.22
C VAL G 83 59.74 10.66 -7.45
N GLU G 84 59.72 9.75 -6.48
CA GLU G 84 60.89 9.44 -5.67
C GLU G 84 61.46 8.08 -6.06
N ALA G 85 62.52 7.68 -5.34
CA ALA G 85 63.15 6.39 -5.61
C ALA G 85 62.24 5.22 -5.28
N GLU G 86 61.31 5.40 -4.33
CA GLU G 86 60.40 4.35 -3.93
C GLU G 86 59.15 4.28 -4.80
N ASP G 87 59.02 5.15 -5.80
CA ASP G 87 57.88 5.13 -6.71
C ASP G 87 58.13 4.29 -7.95
N VAL G 88 59.30 3.68 -8.08
CA VAL G 88 59.57 2.82 -9.23
C VAL G 88 58.79 1.52 -9.06
N GLY G 89 58.08 1.13 -10.10
CA GLY G 89 57.29 -0.09 -10.04
C GLY G 89 56.37 -0.19 -11.23
N ILE G 90 55.39 -1.08 -11.09
CA ILE G 90 54.38 -1.31 -12.12
C ILE G 90 53.02 -1.00 -11.51
N TYR G 91 52.25 -0.14 -12.17
CA TYR G 91 50.97 0.32 -11.66
C TYR G 91 49.84 -0.28 -12.49
N TYR G 92 48.87 -0.89 -11.81
CA TYR G 92 47.74 -1.55 -12.46
C TYR G 92 46.45 -0.89 -12.00
N CYS G 93 45.62 -0.49 -12.97
CA CYS G 93 44.27 -0.08 -12.65
C CYS G 93 43.35 -1.30 -12.66
N MET G 94 42.41 -1.32 -11.72
CA MET G 94 41.52 -2.47 -11.59
C MET G 94 40.10 -1.97 -11.37
N GLN G 95 39.15 -2.65 -11.99
CA GLN G 95 37.74 -2.43 -11.72
C GLN G 95 37.17 -3.70 -11.10
N GLY G 96 36.40 -3.54 -10.03
CA GLY G 96 35.75 -4.68 -9.40
C GLY G 96 34.25 -4.63 -9.53
N SER G 97 33.76 -3.56 -10.17
CA SER G 97 32.33 -3.32 -10.24
C SER G 97 31.60 -4.45 -10.97
N HIS G 98 32.14 -4.89 -12.09
CA HIS G 98 31.47 -5.87 -12.93
C HIS G 98 31.74 -7.30 -12.44
N TRP G 99 31.22 -8.28 -13.19
CA TRP G 99 31.27 -9.66 -12.75
C TRP G 99 32.71 -10.15 -12.59
N ALA G 100 33.56 -9.86 -13.57
CA ALA G 100 34.94 -10.32 -13.54
C ALA G 100 35.88 -9.14 -13.36
N PRO G 101 36.64 -9.09 -12.28
CA PRO G 101 37.66 -8.03 -12.15
C PRO G 101 38.66 -8.08 -13.29
N THR G 102 39.05 -6.91 -13.78
CA THR G 102 40.03 -6.82 -14.86
C THR G 102 41.07 -5.78 -14.49
N PHE G 103 42.32 -6.07 -14.86
CA PHE G 103 43.43 -5.18 -14.61
C PHE G 103 43.90 -4.55 -15.91
N GLY G 104 44.61 -3.44 -15.79
CA GLY G 104 45.24 -2.82 -16.94
C GLY G 104 46.50 -3.56 -17.35
N GLN G 105 47.05 -3.15 -18.49
CA GLN G 105 48.30 -3.73 -18.97
C GLN G 105 49.47 -3.44 -18.06
N GLY G 106 49.36 -2.42 -17.20
CA GLY G 106 50.44 -2.06 -16.31
C GLY G 106 51.35 -0.99 -16.89
N THR G 107 51.81 -0.07 -16.04
CA THR G 107 52.71 1.00 -16.45
C THR G 107 54.04 0.82 -15.76
N LYS G 108 55.11 0.72 -16.53
CA LYS G 108 56.45 0.52 -15.99
C LYS G 108 57.10 1.88 -15.78
N VAL G 109 57.12 2.33 -14.53
CA VAL G 109 57.72 3.62 -14.19
C VAL G 109 59.22 3.44 -13.97
N GLU G 110 60.01 4.30 -14.59
CA GLU G 110 61.46 4.25 -14.48
C GLU G 110 61.96 5.62 -14.06
N ILE G 111 63.29 5.74 -13.95
CA ILE G 111 63.97 6.98 -13.61
C ILE G 111 64.94 7.31 -14.72
N LYS G 112 64.91 8.56 -15.19
CA LYS G 112 65.86 9.01 -16.20
C LYS G 112 67.13 9.56 -15.55
N VAL H 2 12.71 37.51 8.30
CA VAL H 2 12.42 38.04 6.98
C VAL H 2 12.32 39.56 7.02
N VAL H 3 13.30 40.23 6.45
CA VAL H 3 13.32 41.69 6.41
C VAL H 3 12.47 42.16 5.24
N MET H 4 11.43 42.94 5.52
CA MET H 4 10.53 43.46 4.50
C MET H 4 10.95 44.89 4.19
N THR H 5 11.84 45.06 3.22
CA THR H 5 12.24 46.40 2.80
C THR H 5 11.12 47.05 2.00
N GLN H 6 10.80 48.28 2.36
CA GLN H 6 9.71 49.01 1.72
C GLN H 6 10.24 50.33 1.19
N SER H 7 9.79 50.69 -0.02
CA SER H 7 10.27 51.90 -0.68
C SER H 7 9.15 52.51 -1.51
N PRO H 8 9.03 53.84 -1.53
CA PRO H 8 9.83 54.80 -0.77
C PRO H 8 9.30 55.00 0.64
N LEU H 9 10.07 55.72 1.48
CA LEU H 9 9.62 56.02 2.83
C LEU H 9 8.69 57.22 2.88
N SER H 10 8.82 58.14 1.93
CA SER H 10 7.94 59.30 1.83
C SER H 10 7.43 59.41 0.39
N LEU H 11 6.12 59.53 0.24
CA LEU H 11 5.48 59.54 -1.08
C LEU H 11 4.51 60.71 -1.18
N PRO H 12 5.03 61.92 -1.41
CA PRO H 12 4.13 63.06 -1.64
C PRO H 12 3.49 62.97 -3.02
N VAL H 13 2.16 62.92 -3.03
CA VAL H 13 1.40 62.68 -4.26
C VAL H 13 0.39 63.80 -4.46
N THR H 14 0.33 64.31 -5.69
CA THR H 14 -0.69 65.28 -6.06
C THR H 14 -2.05 64.59 -6.16
N LEU H 15 -3.10 65.30 -5.73
CA LEU H 15 -4.44 64.73 -5.73
C LEU H 15 -4.85 64.33 -7.15
N GLY H 16 -5.38 63.11 -7.27
CA GLY H 16 -5.82 62.57 -8.54
C GLY H 16 -4.78 61.79 -9.30
N GLN H 17 -3.50 62.02 -9.05
CA GLN H 17 -2.46 61.29 -9.75
C GLN H 17 -2.21 59.94 -9.06
N PRO H 18 -1.74 58.95 -9.82
CA PRO H 18 -1.49 57.63 -9.22
C PRO H 18 -0.27 57.64 -8.31
N ALA H 19 -0.24 56.65 -7.41
CA ALA H 19 0.87 56.47 -6.49
C ALA H 19 1.20 55.00 -6.40
N SER H 20 2.50 54.69 -6.33
CA SER H 20 2.98 53.32 -6.29
C SER H 20 3.91 53.13 -5.10
N ILE H 21 3.66 52.09 -4.31
CA ILE H 21 4.49 51.74 -3.17
C ILE H 21 5.01 50.33 -3.39
N SER H 22 6.32 50.16 -3.31
CA SER H 22 6.96 48.86 -3.51
C SER H 22 7.50 48.33 -2.19
N CYS H 23 7.47 47.02 -2.05
CA CYS H 23 7.96 46.35 -0.84
C CYS H 23 8.61 45.03 -1.23
N ARG H 24 9.92 44.94 -1.02
CA ARG H 24 10.70 43.78 -1.44
C ARG H 24 11.13 42.99 -0.23
N SER H 25 10.90 41.68 -0.29
CA SER H 25 11.22 40.77 0.81
C SER H 25 12.64 40.23 0.64
N SER H 26 13.24 39.84 1.77
CA SER H 26 14.55 39.22 1.73
C SER H 26 14.49 37.75 1.29
N GLN H 27 13.33 37.12 1.38
CA GLN H 27 13.15 35.74 0.97
C GLN H 27 11.88 35.64 0.13
N SER H 28 11.75 34.52 -0.58
CA SER H 28 10.52 34.25 -1.30
C SER H 28 9.38 34.01 -0.31
N LEU H 29 8.26 34.69 -0.52
CA LEU H 29 7.14 34.60 0.40
C LEU H 29 6.14 33.53 0.00
N VAL H 30 6.44 32.73 -1.00
CA VAL H 30 5.56 31.64 -1.40
C VAL H 30 5.56 30.57 -0.31
N HIS H 31 4.39 30.23 0.18
CA HIS H 31 4.25 29.28 1.28
C HIS H 31 4.28 27.85 0.75
N SER H 32 4.18 26.89 1.65
CA SER H 32 4.12 25.48 1.24
C SER H 32 2.95 25.25 0.28
N ASP H 33 1.75 25.68 0.67
CA ASP H 33 0.70 25.89 -0.32
C ASP H 33 1.05 27.11 -1.16
N THR H 34 0.78 27.05 -2.46
CA THR H 34 1.27 27.97 -3.47
C THR H 34 0.94 29.45 -3.18
N ASN H 35 0.14 29.76 -2.16
CA ASN H 35 -0.23 31.14 -1.89
C ASN H 35 0.98 31.95 -1.41
N THR H 36 0.94 33.25 -1.69
CA THR H 36 1.92 34.22 -1.21
C THR H 36 1.20 35.18 -0.29
N TYR H 37 1.39 34.99 1.03
CA TYR H 37 0.67 35.76 2.04
C TYR H 37 1.43 37.06 2.34
N LEU H 38 1.16 38.06 1.52
CA LEU H 38 1.65 39.42 1.75
C LEU H 38 0.46 40.35 1.94
N ASN H 39 0.49 41.11 3.04
CA ASN H 39 -0.60 42.01 3.39
C ASN H 39 -0.15 43.45 3.25
N TRP H 40 -1.11 44.34 3.00
CA TRP H 40 -0.90 45.78 2.97
C TRP H 40 -1.85 46.45 3.95
N PHE H 41 -1.30 47.27 4.83
CA PHE H 41 -2.08 47.95 5.85
C PHE H 41 -2.01 49.46 5.63
N GLN H 42 -3.02 50.16 6.11
CA GLN H 42 -3.08 51.61 6.05
C GLN H 42 -3.33 52.16 7.44
N GLN H 43 -2.51 53.13 7.85
CA GLN H 43 -2.66 53.78 9.15
C GLN H 43 -3.08 55.23 8.91
N ARG H 44 -4.39 55.45 8.88
CA ARG H 44 -4.92 56.79 8.78
C ARG H 44 -4.48 57.59 10.01
N PRO H 45 -4.15 58.87 9.84
CA PRO H 45 -3.67 59.66 10.98
C PRO H 45 -4.67 59.65 12.14
N GLY H 46 -4.16 59.31 13.33
CA GLY H 46 -4.99 59.22 14.50
C GLY H 46 -5.79 57.94 14.64
N GLN H 47 -5.55 56.95 13.77
CA GLN H 47 -6.30 55.71 13.80
C GLN H 47 -5.34 54.52 13.82
N SER H 48 -5.89 53.36 14.12
CA SER H 48 -5.13 52.12 14.06
C SER H 48 -4.98 51.66 12.62
N PRO H 49 -3.93 50.90 12.32
CA PRO H 49 -3.77 50.38 10.95
C PRO H 49 -4.92 49.47 10.57
N ARG H 50 -5.36 49.59 9.32
CA ARG H 50 -6.42 48.77 8.76
C ARG H 50 -5.89 48.04 7.54
N ARG H 51 -6.33 46.79 7.36
CA ARG H 51 -5.84 45.98 6.27
C ARG H 51 -6.55 46.36 4.97
N LEU H 52 -5.75 46.62 3.92
CA LEU H 52 -6.28 46.90 2.60
C LEU H 52 -6.24 45.68 1.70
N ILE H 53 -5.05 45.12 1.49
CA ILE H 53 -4.85 43.95 0.66
C ILE H 53 -4.34 42.83 1.57
N TYR H 54 -4.98 41.66 1.50
CA TYR H 54 -4.62 40.57 2.38
C TYR H 54 -3.85 39.44 1.70
N LYS H 55 -3.96 39.31 0.39
CA LYS H 55 -3.02 38.52 -0.39
C LYS H 55 -2.63 39.40 -1.57
N VAL H 56 -1.57 39.02 -2.27
CA VAL H 56 -0.77 39.96 -3.06
C VAL H 56 -1.63 40.93 -3.87
N SER H 57 -2.85 40.51 -4.22
CA SER H 57 -3.72 41.37 -5.02
C SER H 57 -5.16 41.44 -4.51
N ASN H 58 -5.50 40.71 -3.46
CA ASN H 58 -6.89 40.61 -3.03
C ASN H 58 -7.26 41.78 -2.13
N ARG H 59 -8.14 42.66 -2.61
CA ARG H 59 -8.62 43.76 -1.80
C ARG H 59 -9.49 43.24 -0.65
N ASP H 60 -9.42 43.93 0.49
CA ASP H 60 -10.27 43.58 1.61
C ASP H 60 -11.66 44.19 1.44
N SER H 61 -12.62 43.64 2.18
CA SER H 61 -13.99 44.12 2.09
C SER H 61 -14.08 45.56 2.58
N GLY H 62 -14.77 46.40 1.81
CA GLY H 62 -14.89 47.81 2.13
C GLY H 62 -13.76 48.68 1.59
N VAL H 63 -12.75 48.08 1.00
CA VAL H 63 -11.63 48.85 0.42
C VAL H 63 -12.03 49.32 -0.97
N PRO H 64 -11.89 50.60 -1.29
CA PRO H 64 -12.22 51.07 -2.64
C PRO H 64 -11.32 50.45 -3.69
N ASP H 65 -11.83 50.41 -4.92
CA ASP H 65 -11.14 49.73 -6.01
C ASP H 65 -9.87 50.46 -6.44
N ARG H 66 -9.64 51.67 -5.95
CA ARG H 66 -8.45 52.41 -6.36
C ARG H 66 -7.17 51.75 -5.86
N PHE H 67 -7.25 50.91 -4.82
CA PHE H 67 -6.09 50.24 -4.26
C PHE H 67 -5.88 48.92 -4.99
N SER H 68 -4.73 48.78 -5.64
CA SER H 68 -4.38 47.58 -6.39
C SER H 68 -3.07 47.03 -5.88
N GLY H 69 -3.02 45.72 -5.65
CA GLY H 69 -1.80 45.05 -5.24
C GLY H 69 -1.24 44.19 -6.35
N SER H 70 0.09 44.16 -6.44
CA SER H 70 0.76 43.40 -7.47
C SER H 70 2.13 42.96 -6.97
N GLY H 71 2.68 41.96 -7.64
CA GLY H 71 4.00 41.43 -7.33
C GLY H 71 3.98 39.93 -7.17
N SER H 72 5.18 39.37 -7.10
CA SER H 72 5.36 37.93 -6.92
C SER H 72 6.74 37.66 -6.37
N GLY H 73 6.89 36.49 -5.75
CA GLY H 73 8.18 36.08 -5.23
C GLY H 73 8.67 36.91 -4.08
N THR H 74 9.69 37.74 -4.33
CA THR H 74 10.27 38.58 -3.30
C THR H 74 9.95 40.06 -3.46
N THR H 75 9.41 40.47 -4.60
CA THR H 75 9.12 41.87 -4.87
C THR H 75 7.62 42.05 -5.05
N PHE H 76 7.08 43.11 -4.45
CA PHE H 76 5.65 43.38 -4.48
C PHE H 76 5.42 44.87 -4.66
N THR H 77 4.20 45.22 -5.07
CA THR H 77 3.87 46.61 -5.36
C THR H 77 2.46 46.91 -4.88
N LEU H 78 2.27 48.07 -4.29
CA LEU H 78 0.96 48.62 -3.97
C LEU H 78 0.74 49.87 -4.78
N LYS H 79 -0.37 49.94 -5.50
CA LYS H 79 -0.68 51.06 -6.37
C LYS H 79 -2.03 51.66 -6.03
N ILE H 80 -2.11 52.99 -6.12
CA ILE H 80 -3.36 53.73 -5.97
C ILE H 80 -3.63 54.40 -7.31
N SER H 81 -4.80 54.12 -7.89
CA SER H 81 -5.13 54.70 -9.18
C SER H 81 -5.28 56.21 -9.10
N ARG H 82 -6.00 56.70 -8.09
CA ARG H 82 -6.17 58.14 -7.89
C ARG H 82 -6.06 58.41 -6.40
N VAL H 83 -5.11 59.26 -6.02
CA VAL H 83 -4.91 59.59 -4.61
C VAL H 83 -5.90 60.67 -4.21
N GLU H 84 -6.73 60.36 -3.21
CA GLU H 84 -7.71 61.30 -2.68
C GLU H 84 -7.28 61.81 -1.32
N ALA H 85 -8.13 62.64 -0.72
CA ALA H 85 -7.83 63.19 0.59
C ALA H 85 -7.85 62.12 1.67
N GLU H 86 -8.59 61.04 1.48
CA GLU H 86 -8.67 59.97 2.45
C GLU H 86 -7.56 58.94 2.29
N ASP H 87 -6.68 59.10 1.31
CA ASP H 87 -5.56 58.18 1.11
C ASP H 87 -4.30 58.61 1.84
N VAL H 88 -4.33 59.73 2.56
CA VAL H 88 -3.17 60.15 3.34
C VAL H 88 -3.01 59.23 4.54
N GLY H 89 -1.81 58.73 4.74
CA GLY H 89 -1.56 57.83 5.86
C GLY H 89 -0.21 57.18 5.73
N ILE H 90 -0.03 56.12 6.50
CA ILE H 90 1.19 55.32 6.50
C ILE H 90 0.83 53.90 6.11
N TYR H 91 1.52 53.37 5.10
CA TYR H 91 1.23 52.06 4.54
C TYR H 91 2.33 51.09 4.93
N TYR H 92 1.94 49.95 5.48
CA TYR H 92 2.88 48.92 5.93
C TYR H 92 2.62 47.63 5.17
N CYS H 93 3.67 47.06 4.59
CA CYS H 93 3.58 45.71 4.06
C CYS H 93 3.94 44.70 5.15
N MET H 94 3.20 43.60 5.17
CA MET H 94 3.39 42.59 6.20
C MET H 94 3.39 41.22 5.57
N GLN H 95 4.28 40.36 6.06
CA GLN H 95 4.28 38.95 5.72
C GLN H 95 3.94 38.14 6.96
N GLY H 96 3.04 37.18 6.83
CA GLY H 96 2.69 36.32 7.94
C GLY H 96 3.11 34.88 7.69
N SER H 97 3.71 34.64 6.52
CA SER H 97 4.03 33.28 6.11
C SER H 97 5.02 32.62 7.07
N HIS H 98 6.06 33.36 7.46
CA HIS H 98 7.13 32.79 8.26
C HIS H 98 6.77 32.81 9.75
N TRP H 99 7.73 32.38 10.57
CA TRP H 99 7.47 32.20 11.99
C TRP H 99 7.08 33.52 12.66
N ALA H 100 7.83 34.58 12.38
CA ALA H 100 7.58 35.88 13.00
C ALA H 100 7.07 36.86 11.96
N PRO H 101 5.86 37.38 12.10
CA PRO H 101 5.40 38.44 11.19
C PRO H 101 6.32 39.65 11.25
N THR H 102 6.57 40.25 10.09
CA THR H 102 7.41 41.43 10.00
C THR H 102 6.72 42.47 9.13
N PHE H 103 6.87 43.73 9.52
CA PHE H 103 6.29 44.85 8.80
C PHE H 103 7.38 45.64 8.10
N GLY H 104 6.97 46.41 7.09
CA GLY H 104 7.89 47.32 6.45
C GLY H 104 8.13 48.56 7.29
N GLN H 105 9.08 49.38 6.81
CA GLN H 105 9.37 50.63 7.49
C GLN H 105 8.21 51.61 7.44
N GLY H 106 7.27 51.43 6.50
CA GLY H 106 6.15 52.32 6.37
C GLY H 106 6.40 53.42 5.35
N THR H 107 5.37 53.77 4.59
CA THR H 107 5.45 54.83 3.59
C THR H 107 4.53 55.96 3.99
N LYS H 108 5.08 57.16 4.14
CA LYS H 108 4.30 58.33 4.55
C LYS H 108 3.81 59.05 3.30
N VAL H 109 2.53 58.84 2.98
CA VAL H 109 1.93 59.48 1.81
C VAL H 109 1.43 60.87 2.19
N GLU H 110 1.78 61.86 1.37
CA GLU H 110 1.39 63.23 1.60
C GLU H 110 0.70 63.76 0.35
N ILE H 111 0.32 65.03 0.42
CA ILE H 111 -0.31 65.73 -0.71
C ILE H 111 0.53 66.96 -1.04
N LYS H 112 0.84 67.14 -2.32
CA LYS H 112 1.59 68.32 -2.76
C LYS H 112 0.64 69.47 -3.09
N VAL I 2 -15.21 14.20 -34.69
CA VAL I 2 -13.94 14.24 -35.39
C VAL I 2 -14.15 14.28 -36.89
N VAL I 3 -13.88 15.42 -37.50
CA VAL I 3 -14.03 15.59 -38.94
C VAL I 3 -12.77 15.06 -39.62
N MET I 4 -12.94 14.06 -40.49
CA MET I 4 -11.84 13.45 -41.22
C MET I 4 -11.80 14.06 -42.62
N THR I 5 -11.05 15.14 -42.76
CA THR I 5 -10.88 15.75 -44.07
C THR I 5 -9.97 14.88 -44.94
N GLN I 6 -10.40 14.62 -46.17
CA GLN I 6 -9.66 13.77 -47.08
C GLN I 6 -9.41 14.52 -48.38
N SER I 7 -8.19 14.37 -48.91
CA SER I 7 -7.80 15.09 -50.11
C SER I 7 -6.85 14.22 -50.93
N PRO I 8 -6.96 14.25 -52.26
CA PRO I 8 -7.98 14.96 -53.04
C PRO I 8 -9.29 14.17 -53.16
N LEU I 9 -10.33 14.81 -53.68
CA LEU I 9 -11.60 14.11 -53.89
C LEU I 9 -11.61 13.32 -55.19
N SER I 10 -10.82 13.73 -56.18
CA SER I 10 -10.70 13.01 -57.44
C SER I 10 -9.22 12.83 -57.76
N LEU I 11 -8.83 11.59 -58.05
CA LEU I 11 -7.43 11.24 -58.27
C LEU I 11 -7.28 10.44 -59.55
N PRO I 12 -7.31 11.10 -60.71
CA PRO I 12 -7.05 10.39 -61.96
C PRO I 12 -5.58 10.04 -62.10
N VAL I 13 -5.29 8.75 -62.21
CA VAL I 13 -3.93 8.25 -62.19
C VAL I 13 -3.67 7.40 -63.43
N THR I 14 -2.53 7.64 -64.07
CA THR I 14 -2.09 6.83 -65.19
C THR I 14 -1.65 5.46 -64.68
N LEU I 15 -1.94 4.43 -65.46
CA LEU I 15 -1.60 3.06 -65.06
C LEU I 15 -0.10 2.91 -64.85
N GLY I 16 0.27 2.31 -63.72
CA GLY I 16 1.66 2.08 -63.39
C GLY I 16 2.31 3.18 -62.57
N GLN I 17 1.78 4.40 -62.62
CA GLN I 17 2.34 5.49 -61.84
C GLN I 17 1.79 5.47 -60.41
N PRO I 18 2.56 5.97 -59.45
CA PRO I 18 2.10 5.97 -58.06
C PRO I 18 0.98 6.97 -57.83
N ALA I 19 0.22 6.73 -56.76
CA ALA I 19 -0.87 7.59 -56.35
C ALA I 19 -0.85 7.76 -54.84
N SER I 20 -1.13 8.98 -54.38
CA SER I 20 -1.09 9.29 -52.96
C SER I 20 -2.40 9.93 -52.54
N ILE I 21 -3.00 9.42 -51.46
CA ILE I 21 -4.22 9.96 -50.90
C ILE I 21 -3.94 10.38 -49.46
N SER I 22 -4.25 11.62 -49.13
CA SER I 22 -4.02 12.15 -47.80
C SER I 22 -5.34 12.36 -47.08
N CYS I 23 -5.31 12.18 -45.76
CA CYS I 23 -6.49 12.33 -44.93
C CYS I 23 -6.08 12.92 -43.59
N ARG I 24 -6.53 14.14 -43.32
CA ARG I 24 -6.12 14.88 -42.13
C ARG I 24 -7.30 14.97 -41.16
N SER I 25 -7.03 14.63 -39.90
CA SER I 25 -8.04 14.63 -38.86
C SER I 25 -8.10 15.99 -38.17
N SER I 26 -9.26 16.30 -37.59
CA SER I 26 -9.40 17.52 -36.83
C SER I 26 -8.78 17.42 -35.43
N GLN I 27 -8.57 16.20 -34.94
CA GLN I 27 -7.95 15.98 -33.63
C GLN I 27 -6.87 14.93 -33.78
N SER I 28 -6.02 14.83 -32.76
CA SER I 28 -5.05 13.75 -32.72
C SER I 28 -5.75 12.42 -32.51
N LEU I 29 -5.42 11.44 -33.34
CA LEU I 29 -6.08 10.15 -33.29
C LEU I 29 -5.37 9.15 -32.39
N VAL I 30 -4.34 9.58 -31.66
CA VAL I 30 -3.64 8.69 -30.74
C VAL I 30 -4.57 8.38 -29.58
N HIS I 31 -4.79 7.08 -29.33
CA HIS I 31 -5.71 6.64 -28.29
C HIS I 31 -5.01 6.64 -26.93
N SER I 32 -5.76 6.26 -25.90
CA SER I 32 -5.16 6.14 -24.56
C SER I 32 -3.97 5.20 -24.58
N ASP I 33 -4.17 3.98 -25.09
CA ASP I 33 -3.03 3.19 -25.54
C ASP I 33 -2.44 3.81 -26.79
N THR I 34 -1.11 3.82 -26.89
CA THR I 34 -0.34 4.60 -27.86
C THR I 34 -0.74 4.35 -29.32
N ASN I 35 -1.61 3.40 -29.62
CA ASN I 35 -1.98 3.12 -30.99
C ASN I 35 -2.78 4.27 -31.60
N THR I 36 -2.66 4.42 -32.92
CA THR I 36 -3.44 5.37 -33.70
C THR I 36 -4.33 4.55 -34.64
N TYR I 37 -5.61 4.45 -34.30
CA TYR I 37 -6.55 3.62 -35.05
C TYR I 37 -7.15 4.41 -36.20
N LEU I 38 -6.43 4.43 -37.32
CA LEU I 38 -6.92 4.98 -38.57
C LEU I 38 -7.00 3.88 -39.61
N ASN I 39 -8.16 3.75 -40.25
CA ASN I 39 -8.40 2.71 -41.23
C ASN I 39 -8.53 3.31 -42.62
N TRP I 40 -8.22 2.51 -43.63
CA TRP I 40 -8.40 2.86 -45.03
C TRP I 40 -9.25 1.80 -45.71
N PHE I 41 -10.32 2.22 -46.36
CA PHE I 41 -11.25 1.33 -47.03
C PHE I 41 -11.22 1.58 -48.52
N GLN I 42 -11.58 0.56 -49.29
CA GLN I 42 -11.70 0.67 -50.73
C GLN I 42 -13.07 0.19 -51.17
N GLN I 43 -13.75 0.98 -51.99
CA GLN I 43 -15.06 0.63 -52.51
C GLN I 43 -14.93 0.41 -54.01
N ARG I 44 -14.67 -0.83 -54.39
CA ARG I 44 -14.63 -1.20 -55.80
C ARG I 44 -16.00 -0.94 -56.40
N PRO I 45 -16.07 -0.48 -57.65
CA PRO I 45 -17.38 -0.17 -58.25
C PRO I 45 -18.30 -1.38 -58.23
N GLY I 46 -19.51 -1.16 -57.72
CA GLY I 46 -20.49 -2.22 -57.61
C GLY I 46 -20.32 -3.15 -56.43
N GLN I 47 -19.40 -2.84 -55.52
CA GLN I 47 -19.12 -3.69 -54.37
C GLN I 47 -19.17 -2.87 -53.09
N SER I 48 -19.22 -3.59 -51.97
CA SER I 48 -19.16 -2.95 -50.66
C SER I 48 -17.72 -2.55 -50.34
N PRO I 49 -17.54 -1.53 -49.49
CA PRO I 49 -16.18 -1.15 -49.10
C PRO I 49 -15.46 -2.28 -48.38
N ARG I 50 -14.17 -2.44 -48.68
CA ARG I 50 -13.32 -3.43 -48.05
C ARG I 50 -12.15 -2.73 -47.39
N ARG I 51 -11.74 -3.24 -46.23
CA ARG I 51 -10.66 -2.62 -45.48
C ARG I 51 -9.31 -2.99 -46.08
N LEU I 52 -8.48 -1.98 -46.35
CA LEU I 52 -7.12 -2.19 -46.83
C LEU I 52 -6.10 -2.08 -45.71
N ILE I 53 -6.07 -0.94 -45.04
CA ILE I 53 -5.15 -0.67 -43.93
C ILE I 53 -5.99 -0.48 -42.68
N TYR I 54 -5.65 -1.20 -41.60
CA TYR I 54 -6.44 -1.14 -40.39
C TYR I 54 -5.80 -0.36 -39.26
N LYS I 55 -4.48 -0.20 -39.27
CA LYS I 55 -3.82 0.81 -38.46
C LYS I 55 -2.85 1.52 -39.40
N VAL I 56 -2.32 2.66 -38.97
CA VAL I 56 -1.83 3.69 -39.89
C VAL I 56 -1.00 3.11 -41.03
N SER I 57 -0.36 1.96 -40.81
CA SER I 57 0.48 1.35 -41.84
C SER I 57 0.26 -0.14 -42.03
N ASN I 58 -0.61 -0.76 -41.24
CA ASN I 58 -0.74 -2.22 -41.27
C ASN I 58 -1.70 -2.65 -42.37
N ARG I 59 -1.16 -3.32 -43.39
CA ARG I 59 -2.00 -3.86 -44.45
C ARG I 59 -2.88 -4.99 -43.93
N ASP I 60 -4.08 -5.10 -44.48
CA ASP I 60 -4.97 -6.19 -44.13
C ASP I 60 -4.60 -7.45 -44.91
N SER I 61 -5.07 -8.58 -44.40
CA SER I 61 -4.77 -9.86 -45.05
C SER I 61 -5.41 -9.91 -46.43
N GLY I 62 -4.64 -10.33 -47.43
CA GLY I 62 -5.08 -10.38 -48.80
C GLY I 62 -4.90 -9.09 -49.57
N VAL I 63 -4.44 -8.03 -48.93
CA VAL I 63 -4.20 -6.76 -49.61
C VAL I 63 -2.83 -6.81 -50.26
N PRO I 64 -2.70 -6.48 -51.55
CA PRO I 64 -1.39 -6.48 -52.19
C PRO I 64 -0.46 -5.45 -51.58
N ASP I 65 0.84 -5.69 -51.71
CA ASP I 65 1.85 -4.85 -51.08
C ASP I 65 1.93 -3.45 -51.70
N ARG I 66 1.25 -3.21 -52.82
CA ARG I 66 1.33 -1.90 -53.44
C ARG I 66 0.67 -0.82 -52.58
N PHE I 67 -0.21 -1.21 -51.66
CA PHE I 67 -0.90 -0.26 -50.80
C PHE I 67 -0.07 -0.02 -49.54
N SER I 68 0.35 1.22 -49.34
CA SER I 68 1.16 1.59 -48.19
C SER I 68 0.48 2.72 -47.43
N GLY I 69 0.40 2.59 -46.11
CA GLY I 69 -0.16 3.62 -45.26
C GLY I 69 0.92 4.32 -44.46
N SER I 70 0.76 5.63 -44.28
CA SER I 70 1.74 6.43 -43.56
C SER I 70 1.03 7.61 -42.90
N GLY I 71 1.70 8.19 -41.92
CA GLY I 71 1.20 9.35 -41.22
C GLY I 71 1.25 9.16 -39.71
N SER I 72 1.01 10.26 -39.01
CA SER I 72 0.98 10.26 -37.55
C SER I 72 0.19 11.46 -37.06
N GLY I 73 -0.28 11.36 -35.82
CA GLY I 73 -0.98 12.47 -35.20
C GLY I 73 -2.31 12.79 -35.85
N THR I 74 -2.37 13.91 -36.57
CA THR I 74 -3.60 14.35 -37.22
C THR I 74 -3.56 14.21 -38.74
N THR I 75 -2.39 13.96 -39.33
CA THR I 75 -2.26 13.87 -40.77
C THR I 75 -1.79 12.46 -41.16
N PHE I 76 -2.41 11.92 -42.20
CA PHE I 76 -2.13 10.55 -42.64
C PHE I 76 -2.10 10.52 -44.16
N THR I 77 -1.51 9.45 -44.70
CA THR I 77 -1.33 9.32 -46.14
C THR I 77 -1.55 7.88 -46.55
N LEU I 78 -2.25 7.68 -47.66
CA LEU I 78 -2.37 6.38 -48.31
C LEU I 78 -1.69 6.47 -49.67
N LYS I 79 -0.78 5.54 -49.93
CA LYS I 79 -0.01 5.54 -51.18
C LYS I 79 -0.15 4.20 -51.89
N ILE I 80 -0.22 4.28 -53.22
CA ILE I 80 -0.21 3.10 -54.09
C ILE I 80 1.07 3.18 -54.92
N SER I 81 1.89 2.13 -54.84
CA SER I 81 3.14 2.14 -55.59
C SER I 81 2.90 2.11 -57.09
N ARG I 82 2.00 1.26 -57.56
CA ARG I 82 1.66 1.18 -58.98
C ARG I 82 0.15 1.01 -59.09
N VAL I 83 -0.51 1.94 -59.77
CA VAL I 83 -1.96 1.86 -59.92
C VAL I 83 -2.29 0.92 -61.06
N GLU I 84 -3.06 -0.12 -60.76
CA GLU I 84 -3.50 -1.09 -61.76
C GLU I 84 -4.98 -0.91 -62.06
N ALA I 85 -5.49 -1.78 -62.93
CA ALA I 85 -6.90 -1.71 -63.31
C ALA I 85 -7.81 -2.04 -62.14
N GLU I 86 -7.34 -2.85 -61.18
CA GLU I 86 -8.14 -3.22 -60.02
C GLU I 86 -8.07 -2.22 -58.89
N ASP I 87 -7.32 -1.13 -59.05
CA ASP I 87 -7.23 -0.09 -58.03
C ASP I 87 -8.23 1.02 -58.22
N VAL I 88 -9.07 0.95 -59.26
CA VAL I 88 -10.10 1.97 -59.46
C VAL I 88 -11.18 1.78 -58.41
N GLY I 89 -11.56 2.86 -57.74
CA GLY I 89 -12.58 2.79 -56.72
C GLY I 89 -12.64 4.06 -55.92
N ILE I 90 -13.29 3.97 -54.77
CA ILE I 90 -13.44 5.08 -53.85
C ILE I 90 -12.79 4.67 -52.52
N TYR I 91 -11.89 5.50 -52.03
CA TYR I 91 -11.13 5.21 -50.81
C TYR I 91 -11.59 6.11 -49.68
N TYR I 92 -11.92 5.51 -48.54
CA TYR I 92 -12.41 6.23 -47.38
C TYR I 92 -11.47 6.00 -46.21
N CYS I 93 -11.03 7.10 -45.58
CA CYS I 93 -10.33 6.99 -44.31
C CYS I 93 -11.33 7.01 -43.17
N MET I 94 -11.07 6.19 -42.16
CA MET I 94 -11.99 6.05 -41.04
C MET I 94 -11.20 6.06 -39.74
N GLN I 95 -11.74 6.74 -38.74
CA GLN I 95 -11.23 6.67 -37.38
C GLN I 95 -12.28 6.00 -36.50
N GLY I 96 -11.85 5.06 -35.67
CA GLY I 96 -12.76 4.41 -34.75
C GLY I 96 -12.42 4.73 -33.31
N SER I 97 -11.37 5.53 -33.11
CA SER I 97 -10.86 5.80 -31.78
C SER I 97 -11.90 6.50 -30.92
N HIS I 98 -12.57 7.50 -31.47
CA HIS I 98 -13.50 8.32 -30.69
C HIS I 98 -14.87 7.67 -30.61
N TRP I 99 -15.81 8.38 -29.99
CA TRP I 99 -17.12 7.81 -29.70
C TRP I 99 -17.86 7.43 -30.98
N ALA I 100 -17.86 8.32 -31.96
CA ALA I 100 -18.57 8.07 -33.21
C ALA I 100 -17.59 7.89 -34.34
N PRO I 101 -17.55 6.73 -35.00
CA PRO I 101 -16.71 6.58 -36.19
C PRO I 101 -17.10 7.57 -37.26
N THR I 102 -16.10 8.11 -37.94
CA THR I 102 -16.32 9.06 -39.02
C THR I 102 -15.47 8.68 -40.22
N PHE I 103 -16.04 8.86 -41.40
CA PHE I 103 -15.37 8.56 -42.65
C PHE I 103 -14.99 9.84 -43.38
N GLY I 104 -14.03 9.73 -44.28
CA GLY I 104 -13.69 10.84 -45.14
C GLY I 104 -14.71 11.02 -46.25
N GLN I 105 -14.54 12.12 -46.99
CA GLN I 105 -15.41 12.38 -48.13
C GLN I 105 -15.25 11.36 -49.24
N GLY I 106 -14.14 10.63 -49.27
CA GLY I 106 -13.90 9.64 -50.30
C GLY I 106 -13.10 10.20 -51.45
N THR I 107 -12.20 9.40 -52.01
CA THR I 107 -11.37 9.79 -53.14
C THR I 107 -11.73 8.91 -54.33
N LYS I 108 -12.13 9.54 -55.44
CA LYS I 108 -12.52 8.82 -56.63
C LYS I 108 -11.30 8.65 -57.54
N VAL I 109 -10.71 7.46 -57.52
CA VAL I 109 -9.53 7.18 -58.34
C VAL I 109 -9.97 6.75 -59.73
N GLU I 110 -9.36 7.35 -60.74
CA GLU I 110 -9.69 7.06 -62.13
C GLU I 110 -8.40 6.71 -62.87
N ILE I 111 -8.54 6.44 -64.17
CA ILE I 111 -7.43 6.13 -65.04
C ILE I 111 -7.42 7.14 -66.18
N LYS I 112 -6.26 7.73 -66.46
CA LYS I 112 -6.12 8.65 -67.58
C LYS I 112 -5.76 7.91 -68.86
#